data_2M2E
#
_entry.id   2M2E
#
_entity_poly.entity_id   1
_entity_poly.type   'polypeptide(L)'
_entity_poly.pdbx_seq_one_letter_code
;QGFTPWTTEEQKLLEQALKTYPVNTPERWKKIAEAVPGRTKKDCMKRYKELVEMVKAKKAAQEQVLNASRAKK
;
_entity_poly.pdbx_strand_id   A
#
# COMPACT_ATOMS: atom_id res chain seq x y z
N PHE A 3 5.99 18.07 12.12
CA PHE A 3 5.56 16.89 11.33
C PHE A 3 6.77 16.31 10.57
N THR A 4 6.90 14.98 10.62
CA THR A 4 7.97 14.23 9.93
C THR A 4 7.39 13.57 8.64
N PRO A 5 8.25 13.01 7.72
CA PRO A 5 7.75 12.17 6.57
C PRO A 5 7.21 10.82 7.07
N TRP A 6 6.86 9.90 6.14
CA TRP A 6 6.42 8.53 6.50
C TRP A 6 7.57 7.78 7.19
N THR A 7 7.59 7.89 8.53
CA THR A 7 8.62 7.30 9.38
C THR A 7 8.38 5.80 9.57
N THR A 8 9.42 5.07 10.01
CA THR A 8 9.43 3.59 10.03
C THR A 8 8.26 3.01 10.88
N GLU A 9 7.99 3.63 12.04
CA GLU A 9 6.90 3.20 12.94
C GLU A 9 5.52 3.54 12.35
N GLU A 10 5.25 4.83 12.02
CA GLU A 10 3.92 5.25 11.50
C GLU A 10 3.54 4.53 10.20
N GLN A 11 4.57 4.22 9.38
CA GLN A 11 4.40 3.54 8.10
C GLN A 11 4.08 2.05 8.31
N LYS A 12 4.79 1.39 9.28
CA LYS A 12 4.59 -0.06 9.55
C LYS A 12 3.22 -0.30 10.20
N LEU A 13 2.74 0.68 10.99
CA LEU A 13 1.41 0.65 11.62
C LEU A 13 0.33 0.67 10.54
N LEU A 14 0.61 1.42 9.45
CA LEU A 14 -0.24 1.46 8.27
C LEU A 14 -0.19 0.10 7.53
N GLU A 15 1.05 -0.39 7.25
CA GLU A 15 1.32 -1.66 6.52
C GLU A 15 0.51 -2.85 7.08
N GLN A 16 0.54 -2.99 8.42
CA GLN A 16 -0.18 -4.07 9.11
C GLN A 16 -1.69 -3.80 9.12
N ALA A 17 -2.10 -2.53 9.34
CA ALA A 17 -3.52 -2.13 9.45
C ALA A 17 -4.27 -2.28 8.12
N LEU A 18 -3.53 -2.17 7.00
CA LEU A 18 -4.06 -2.38 5.64
C LEU A 18 -4.46 -3.85 5.42
N LYS A 19 -3.74 -4.77 6.09
CA LYS A 19 -3.97 -6.22 5.98
C LYS A 19 -4.81 -6.75 7.16
N THR A 20 -4.87 -5.98 8.27
CA THR A 20 -5.71 -6.31 9.44
C THR A 20 -7.17 -5.91 9.13
N TYR A 21 -7.31 -4.76 8.46
CA TYR A 21 -8.60 -4.21 8.02
C TYR A 21 -8.54 -4.05 6.49
N PRO A 22 -9.25 -4.90 5.69
CA PRO A 22 -9.26 -4.79 4.22
C PRO A 22 -10.14 -3.61 3.72
N VAL A 23 -10.02 -3.31 2.41
CA VAL A 23 -10.86 -2.30 1.72
C VAL A 23 -12.36 -2.67 1.82
N ASN A 24 -12.62 -3.99 1.92
CA ASN A 24 -13.97 -4.57 2.05
C ASN A 24 -14.68 -4.09 3.34
N THR A 25 -13.87 -3.62 4.32
CA THR A 25 -14.38 -3.03 5.56
C THR A 25 -14.68 -1.52 5.33
N PRO A 26 -15.98 -1.07 5.45
CA PRO A 26 -16.35 0.38 5.34
C PRO A 26 -15.76 1.23 6.51
N GLU A 27 -15.42 0.55 7.62
CA GLU A 27 -14.84 1.20 8.82
C GLU A 27 -13.31 1.03 8.86
N ARG A 28 -12.70 0.73 7.69
CA ARG A 28 -11.25 0.41 7.56
C ARG A 28 -10.37 1.51 8.17
N TRP A 29 -10.50 2.72 7.62
CA TRP A 29 -9.60 3.87 7.92
C TRP A 29 -9.88 4.47 9.30
N LYS A 30 -11.08 4.19 9.86
CA LYS A 30 -11.43 4.58 11.25
C LYS A 30 -10.60 3.74 12.25
N LYS A 31 -10.44 2.47 11.92
CA LYS A 31 -9.63 1.52 12.70
C LYS A 31 -8.12 1.79 12.48
N ILE A 32 -7.78 2.22 11.25
CA ILE A 32 -6.42 2.64 10.88
C ILE A 32 -6.05 3.98 11.57
N ALA A 33 -7.06 4.81 11.89
CA ALA A 33 -6.87 6.03 12.72
C ALA A 33 -6.37 5.69 14.14
N GLU A 34 -6.86 4.57 14.67
CA GLU A 34 -6.48 4.06 15.99
C GLU A 34 -5.12 3.34 15.92
N ALA A 35 -4.81 2.77 14.74
CA ALA A 35 -3.55 2.05 14.48
C ALA A 35 -2.41 3.03 14.20
N VAL A 36 -2.72 4.12 13.47
CA VAL A 36 -1.74 5.11 12.97
C VAL A 36 -2.14 6.52 13.47
N PRO A 37 -1.58 6.98 14.62
CA PRO A 37 -1.80 8.35 15.13
C PRO A 37 -0.79 9.35 14.51
N GLY A 38 -1.19 10.63 14.45
CA GLY A 38 -0.35 11.71 13.92
C GLY A 38 -0.34 11.82 12.40
N ARG A 39 -0.93 10.82 11.73
CA ARG A 39 -1.10 10.79 10.26
C ARG A 39 -2.59 10.75 9.94
N THR A 40 -3.04 11.61 9.02
CA THR A 40 -4.45 11.68 8.64
C THR A 40 -4.79 10.58 7.64
N LYS A 41 -6.09 10.25 7.57
CA LYS A 41 -6.60 9.13 6.77
C LYS A 41 -6.44 9.41 5.28
N LYS A 42 -6.50 10.70 4.89
CA LYS A 42 -6.23 11.12 3.50
C LYS A 42 -4.77 10.77 3.09
N ASP A 43 -3.81 10.95 4.02
CA ASP A 43 -2.39 10.57 3.80
C ASP A 43 -2.27 9.05 3.68
N CYS A 44 -2.99 8.34 4.57
CA CYS A 44 -3.00 6.87 4.62
C CYS A 44 -3.60 6.26 3.32
N MET A 45 -4.63 6.91 2.76
CA MET A 45 -5.31 6.48 1.51
C MET A 45 -4.40 6.70 0.30
N LYS A 46 -3.83 7.93 0.23
CA LYS A 46 -2.97 8.37 -0.88
C LYS A 46 -1.70 7.49 -0.95
N ARG A 47 -1.06 7.31 0.22
CA ARG A 47 0.13 6.42 0.41
C ARG A 47 -0.18 5.00 -0.08
N TYR A 48 -1.27 4.40 0.45
CA TYR A 48 -1.72 3.03 0.10
C TYR A 48 -1.96 2.89 -1.41
N LYS A 49 -2.54 3.95 -1.99
CA LYS A 49 -2.89 3.99 -3.41
C LYS A 49 -1.59 4.02 -4.27
N GLU A 50 -0.57 4.77 -3.78
CA GLU A 50 0.77 4.83 -4.42
C GLU A 50 1.42 3.43 -4.41
N LEU A 51 1.30 2.73 -3.25
CA LEU A 51 1.89 1.40 -3.03
C LEU A 51 1.41 0.39 -4.07
N VAL A 52 0.07 0.37 -4.29
CA VAL A 52 -0.57 -0.54 -5.26
C VAL A 52 -0.10 -0.21 -6.70
N GLU A 53 -0.11 1.08 -7.08
CA GLU A 53 0.29 1.51 -8.45
C GLU A 53 1.76 1.13 -8.76
N MET A 54 2.65 1.30 -7.76
CA MET A 54 4.08 1.01 -7.90
C MET A 54 4.32 -0.50 -8.08
N VAL A 55 3.71 -1.34 -7.22
CA VAL A 55 3.92 -2.80 -7.26
C VAL A 55 3.32 -3.42 -8.55
N LYS A 56 2.24 -2.78 -9.07
CA LYS A 56 1.61 -3.17 -10.36
C LYS A 56 2.60 -2.92 -11.52
N ALA A 57 3.20 -1.71 -11.52
CA ALA A 57 4.13 -1.25 -12.56
C ALA A 57 5.40 -2.12 -12.60
N LYS A 58 5.89 -2.49 -11.39
CA LYS A 58 7.08 -3.36 -11.24
C LYS A 58 6.80 -4.75 -11.83
N LYS A 59 5.73 -5.40 -11.35
CA LYS A 59 5.38 -6.79 -11.73
C LYS A 59 5.08 -6.91 -13.23
N ALA A 60 4.41 -5.88 -13.78
CA ALA A 60 4.08 -5.80 -15.22
C ALA A 60 5.37 -5.74 -16.06
N ALA A 61 6.31 -4.88 -15.62
CA ALA A 61 7.62 -4.68 -16.30
C ALA A 61 8.49 -5.95 -16.24
N GLN A 62 8.49 -6.60 -15.05
CA GLN A 62 9.21 -7.88 -14.82
C GLN A 62 8.64 -8.99 -15.71
N GLU A 63 7.31 -8.92 -15.97
CA GLU A 63 6.59 -9.87 -16.82
C GLU A 63 6.90 -9.62 -18.31
N GLN A 64 7.21 -8.36 -18.69
CA GLN A 64 7.61 -8.01 -20.07
C GLN A 64 9.04 -8.51 -20.35
N VAL A 65 9.91 -8.38 -19.33
CA VAL A 65 11.28 -8.93 -19.34
C VAL A 65 11.22 -10.46 -19.46
N LEU A 66 10.23 -11.07 -18.75
CA LEU A 66 9.94 -12.51 -18.79
C LEU A 66 9.53 -12.92 -20.21
N ASN A 67 8.63 -12.13 -20.81
CA ASN A 67 8.08 -12.37 -22.18
C ASN A 67 9.21 -12.35 -23.22
N ALA A 68 10.12 -11.38 -23.05
CA ALA A 68 11.28 -11.18 -23.95
C ALA A 68 12.26 -12.36 -23.87
N SER A 69 12.52 -12.84 -22.64
CA SER A 69 13.45 -13.95 -22.37
C SER A 69 12.80 -15.32 -22.61
N ARG A 70 11.45 -15.36 -22.64
CA ARG A 70 10.68 -16.61 -22.85
C ARG A 70 10.60 -16.93 -24.35
N ALA A 71 10.28 -15.92 -25.16
CA ALA A 71 10.15 -16.05 -26.62
C ALA A 71 10.87 -14.86 -27.30
N LYS A 72 11.58 -15.15 -28.40
CA LYS A 72 12.29 -14.13 -29.18
C LYS A 72 11.35 -13.48 -30.20
N LYS A 73 11.64 -12.21 -30.53
CA LYS A 73 10.82 -11.39 -31.42
C LYS A 73 11.34 -11.51 -32.87
N PHE A 3 3.09 18.09 5.30
CA PHE A 3 3.38 17.05 6.31
C PHE A 3 4.83 16.56 6.19
N THR A 4 5.36 16.04 7.30
CA THR A 4 6.64 15.32 7.32
C THR A 4 6.43 13.90 6.75
N PRO A 5 7.35 13.39 5.86
CA PRO A 5 7.21 12.08 5.18
C PRO A 5 7.06 10.88 6.17
N TRP A 6 6.35 9.84 5.71
CA TRP A 6 6.13 8.60 6.47
C TRP A 6 7.44 7.83 6.66
N THR A 7 7.90 7.71 7.91
CA THR A 7 9.08 6.90 8.27
C THR A 7 8.71 5.41 8.30
N THR A 8 9.73 4.54 8.39
CA THR A 8 9.56 3.07 8.22
C THR A 8 8.71 2.44 9.37
N GLU A 9 8.75 3.07 10.56
CA GLU A 9 7.91 2.67 11.71
C GLU A 9 6.45 3.10 11.48
N GLU A 10 6.25 4.33 10.96
CA GLU A 10 4.90 4.87 10.61
C GLU A 10 4.29 4.09 9.42
N GLN A 11 5.19 3.53 8.58
CA GLN A 11 4.85 2.69 7.43
C GLN A 11 4.24 1.38 7.91
N LYS A 12 4.95 0.66 8.81
CA LYS A 12 4.48 -0.65 9.30
C LYS A 12 3.21 -0.52 10.16
N LEU A 13 2.99 0.67 10.78
CA LEU A 13 1.72 0.99 11.49
C LEU A 13 0.56 1.01 10.49
N LEU A 14 0.78 1.69 9.35
CA LEU A 14 -0.21 1.77 8.26
C LEU A 14 -0.45 0.37 7.67
N GLU A 15 0.66 -0.34 7.40
CA GLU A 15 0.67 -1.67 6.76
C GLU A 15 -0.15 -2.69 7.56
N GLN A 16 0.17 -2.86 8.87
CA GLN A 16 -0.51 -3.86 9.73
C GLN A 16 -2.01 -3.56 9.83
N ALA A 17 -2.37 -2.27 9.74
CA ALA A 17 -3.77 -1.82 9.74
C ALA A 17 -4.47 -2.16 8.40
N LEU A 18 -3.70 -2.09 7.31
CA LEU A 18 -4.18 -2.45 5.94
C LEU A 18 -4.28 -3.99 5.79
N LYS A 19 -3.46 -4.72 6.58
CA LYS A 19 -3.36 -6.20 6.54
C LYS A 19 -4.41 -6.82 7.48
N THR A 20 -4.81 -6.06 8.52
CA THR A 20 -5.90 -6.46 9.43
C THR A 20 -7.27 -6.11 8.81
N TYR A 21 -7.41 -4.85 8.35
CA TYR A 21 -8.64 -4.34 7.75
C TYR A 21 -8.45 -4.29 6.22
N PRO A 22 -9.11 -5.19 5.42
CA PRO A 22 -9.14 -5.06 3.94
C PRO A 22 -10.09 -3.93 3.50
N VAL A 23 -10.18 -3.72 2.18
CA VAL A 23 -11.11 -2.75 1.57
C VAL A 23 -12.59 -3.10 1.89
N ASN A 24 -12.84 -4.41 2.14
CA ASN A 24 -14.17 -4.95 2.46
C ASN A 24 -14.68 -4.44 3.83
N THR A 25 -13.76 -3.93 4.66
CA THR A 25 -14.11 -3.26 5.94
C THR A 25 -14.68 -1.85 5.65
N PRO A 26 -16.00 -1.58 5.92
CA PRO A 26 -16.62 -0.25 5.66
C PRO A 26 -16.01 0.89 6.51
N GLU A 27 -15.48 0.52 7.69
CA GLU A 27 -14.87 1.45 8.66
C GLU A 27 -13.34 1.36 8.62
N ARG A 28 -12.78 0.91 7.46
CA ARG A 28 -11.32 0.59 7.32
C ARG A 28 -10.43 1.72 7.86
N TRP A 29 -10.55 2.91 7.25
CA TRP A 29 -9.66 4.07 7.53
C TRP A 29 -9.91 4.69 8.91
N LYS A 30 -11.11 4.43 9.44
CA LYS A 30 -11.57 4.96 10.75
C LYS A 30 -10.88 4.19 11.88
N LYS A 31 -10.73 2.88 11.68
CA LYS A 31 -10.02 1.99 12.62
C LYS A 31 -8.49 2.11 12.42
N ILE A 32 -8.07 2.45 11.16
CA ILE A 32 -6.66 2.76 10.84
C ILE A 32 -6.20 4.05 11.54
N ALA A 33 -7.14 5.00 11.74
CA ALA A 33 -6.89 6.23 12.53
C ALA A 33 -6.40 5.90 13.96
N GLU A 34 -6.97 4.84 14.53
CA GLU A 34 -6.66 4.37 15.89
C GLU A 34 -5.34 3.56 15.88
N ALA A 35 -5.13 2.83 14.77
CA ALA A 35 -3.96 1.95 14.59
C ALA A 35 -2.71 2.71 14.10
N VAL A 36 -2.92 3.95 13.60
CA VAL A 36 -1.84 4.85 13.10
C VAL A 36 -2.07 6.24 13.71
N PRO A 37 -1.37 6.59 14.85
CA PRO A 37 -1.57 7.87 15.57
C PRO A 37 -1.11 9.11 14.76
N GLY A 38 -1.97 10.14 14.73
CA GLY A 38 -1.64 11.47 14.21
C GLY A 38 -1.87 11.63 12.71
N ARG A 39 -1.57 10.57 11.93
CA ARG A 39 -1.64 10.58 10.47
C ARG A 39 -3.10 10.65 9.99
N THR A 40 -3.38 11.57 9.05
CA THR A 40 -4.73 11.83 8.53
C THR A 40 -5.13 10.76 7.51
N LYS A 41 -6.45 10.53 7.38
CA LYS A 41 -6.99 9.45 6.52
C LYS A 41 -6.75 9.75 5.04
N LYS A 42 -6.76 11.04 4.66
CA LYS A 42 -6.45 11.44 3.28
C LYS A 42 -4.99 11.05 2.92
N ASP A 43 -4.06 11.26 3.88
CA ASP A 43 -2.63 10.90 3.72
C ASP A 43 -2.41 9.38 3.85
N CYS A 44 -3.32 8.70 4.58
CA CYS A 44 -3.30 7.23 4.71
C CYS A 44 -3.73 6.57 3.39
N MET A 45 -4.75 7.17 2.73
CA MET A 45 -5.29 6.71 1.42
C MET A 45 -4.28 7.01 0.30
N LYS A 46 -3.72 8.22 0.37
CA LYS A 46 -2.72 8.72 -0.58
C LYS A 46 -1.48 7.82 -0.56
N ARG A 47 -0.92 7.58 0.65
CA ARG A 47 0.29 6.75 0.84
C ARG A 47 0.01 5.28 0.45
N TYR A 48 -1.16 4.74 0.87
CA TYR A 48 -1.60 3.38 0.50
C TYR A 48 -1.69 3.21 -1.02
N LYS A 49 -2.25 4.24 -1.69
CA LYS A 49 -2.39 4.26 -3.15
C LYS A 49 -1.01 4.19 -3.81
N GLU A 50 -0.04 4.95 -3.24
CA GLU A 50 1.36 4.93 -3.70
C GLU A 50 1.96 3.53 -3.53
N LEU A 51 1.74 2.90 -2.35
CA LEU A 51 2.25 1.54 -2.03
C LEU A 51 1.77 0.52 -3.08
N VAL A 52 0.48 0.63 -3.45
CA VAL A 52 -0.16 -0.29 -4.42
C VAL A 52 0.36 -0.03 -5.85
N GLU A 53 0.47 1.26 -6.24
CA GLU A 53 0.90 1.63 -7.61
C GLU A 53 2.40 1.34 -7.84
N MET A 54 3.20 1.41 -6.77
CA MET A 54 4.65 1.16 -6.82
C MET A 54 4.91 -0.35 -6.98
N VAL A 55 4.16 -1.19 -6.21
CA VAL A 55 4.31 -2.65 -6.31
C VAL A 55 3.74 -3.15 -7.66
N LYS A 56 2.68 -2.49 -8.19
CA LYS A 56 2.16 -2.77 -9.55
C LYS A 56 3.22 -2.47 -10.61
N ALA A 57 3.89 -1.31 -10.46
CA ALA A 57 4.90 -0.82 -11.42
C ALA A 57 6.07 -1.81 -11.57
N LYS A 58 6.58 -2.30 -10.43
CA LYS A 58 7.73 -3.22 -10.39
C LYS A 58 7.34 -4.65 -10.79
N LYS A 59 6.18 -5.11 -10.26
CA LYS A 59 5.74 -6.52 -10.39
C LYS A 59 5.25 -6.81 -11.83
N ALA A 60 4.50 -5.85 -12.41
CA ALA A 60 3.99 -5.97 -13.81
C ALA A 60 5.15 -5.85 -14.82
N ALA A 61 6.12 -4.97 -14.50
CA ALA A 61 7.35 -4.80 -15.30
C ALA A 61 8.17 -6.09 -15.27
N GLN A 62 8.25 -6.72 -14.08
CA GLN A 62 8.93 -8.00 -13.91
C GLN A 62 8.16 -9.11 -14.66
N GLU A 63 6.82 -9.06 -14.56
CA GLU A 63 5.90 -10.10 -15.08
C GLU A 63 6.06 -10.27 -16.60
N GLN A 64 6.10 -9.13 -17.32
CA GLN A 64 6.25 -9.12 -18.79
C GLN A 64 7.66 -9.58 -19.20
N VAL A 65 8.67 -9.25 -18.36
CA VAL A 65 10.08 -9.70 -18.54
C VAL A 65 10.20 -11.24 -18.30
N LEU A 66 9.40 -11.76 -17.34
CA LEU A 66 9.38 -13.19 -16.99
C LEU A 66 8.82 -14.00 -18.17
N ASN A 67 7.65 -13.55 -18.67
CA ASN A 67 6.94 -14.17 -19.80
C ASN A 67 7.82 -14.14 -21.08
N ALA A 68 8.51 -13.00 -21.27
CA ALA A 68 9.42 -12.78 -22.41
C ALA A 68 10.66 -13.69 -22.31
N SER A 69 11.12 -13.94 -21.07
CA SER A 69 12.29 -14.79 -20.77
C SER A 69 11.96 -16.27 -21.04
N ARG A 70 10.69 -16.66 -20.76
CA ARG A 70 10.16 -18.02 -21.00
C ARG A 70 9.87 -18.22 -22.50
N ALA A 71 9.66 -17.11 -23.22
CA ALA A 71 9.55 -17.11 -24.69
C ALA A 71 10.95 -17.19 -25.31
N LYS A 72 10.99 -17.58 -26.60
CA LYS A 72 12.25 -17.70 -27.37
C LYS A 72 12.06 -17.08 -28.77
N LYS A 73 13.09 -17.18 -29.63
CA LYS A 73 13.06 -16.61 -30.98
C LYS A 73 12.20 -17.52 -31.91
N PHE A 3 4.53 20.40 9.27
CA PHE A 3 4.13 18.99 9.14
C PHE A 3 5.36 18.10 9.29
N THR A 4 5.18 16.93 9.90
CA THR A 4 6.21 15.89 10.02
C THR A 4 6.02 14.86 8.87
N PRO A 5 7.11 14.27 8.32
CA PRO A 5 7.02 13.23 7.25
C PRO A 5 6.76 11.79 7.80
N TRP A 6 6.28 10.89 6.90
CA TRP A 6 6.09 9.47 7.19
C TRP A 6 7.39 8.82 7.68
N THR A 7 7.42 8.47 8.97
CA THR A 7 8.53 7.75 9.58
C THR A 7 8.33 6.24 9.42
N THR A 8 9.40 5.45 9.65
CA THR A 8 9.38 3.98 9.49
C THR A 8 8.33 3.33 10.41
N GLU A 9 8.12 3.93 11.60
CA GLU A 9 7.12 3.43 12.57
C GLU A 9 5.68 3.59 11.99
N GLU A 10 5.34 4.79 11.49
CA GLU A 10 3.99 5.10 10.94
C GLU A 10 3.72 4.31 9.66
N GLN A 11 4.81 4.05 8.90
CA GLN A 11 4.80 3.28 7.66
C GLN A 11 4.41 1.80 7.92
N LYS A 12 5.13 1.15 8.87
CA LYS A 12 4.93 -0.28 9.18
C LYS A 12 3.56 -0.52 9.86
N LEU A 13 3.12 0.48 10.66
CA LEU A 13 1.80 0.46 11.32
C LEU A 13 0.69 0.50 10.28
N LEU A 14 0.91 1.31 9.21
CA LEU A 14 -0.04 1.42 8.09
C LEU A 14 -0.14 0.08 7.35
N GLU A 15 1.02 -0.45 6.89
CA GLU A 15 1.09 -1.69 6.07
C GLU A 15 0.43 -2.89 6.76
N GLN A 16 0.54 -2.93 8.11
CA GLN A 16 -0.15 -3.91 8.94
C GLN A 16 -1.67 -3.66 8.89
N ALA A 17 -2.06 -2.40 9.18
CA ALA A 17 -3.47 -1.96 9.31
C ALA A 17 -4.29 -2.13 8.01
N LEU A 18 -3.60 -2.02 6.86
CA LEU A 18 -4.22 -2.15 5.53
C LEU A 18 -4.73 -3.59 5.28
N LYS A 19 -4.02 -4.55 5.86
CA LYS A 19 -4.33 -5.99 5.72
C LYS A 19 -5.17 -6.48 6.92
N THR A 20 -4.94 -5.88 8.10
CA THR A 20 -5.66 -6.18 9.36
C THR A 20 -7.13 -5.72 9.26
N TYR A 21 -7.32 -4.61 8.54
CA TYR A 21 -8.65 -4.06 8.21
C TYR A 21 -8.80 -4.15 6.68
N PRO A 22 -9.50 -5.22 6.16
CA PRO A 22 -9.68 -5.43 4.70
C PRO A 22 -10.37 -4.26 3.98
N VAL A 23 -10.28 -4.25 2.64
CA VAL A 23 -10.90 -3.22 1.78
C VAL A 23 -12.45 -3.31 1.83
N ASN A 24 -12.95 -4.52 2.19
CA ASN A 24 -14.40 -4.78 2.35
C ASN A 24 -14.97 -4.14 3.63
N THR A 25 -14.08 -3.64 4.51
CA THR A 25 -14.47 -2.90 5.72
C THR A 25 -14.83 -1.45 5.34
N PRO A 26 -16.12 -1.00 5.55
CA PRO A 26 -16.53 0.40 5.26
C PRO A 26 -15.96 1.40 6.29
N GLU A 27 -15.51 0.86 7.44
CA GLU A 27 -14.89 1.62 8.54
C GLU A 27 -13.37 1.35 8.61
N ARG A 28 -12.80 0.91 7.46
CA ARG A 28 -11.37 0.50 7.34
C ARG A 28 -10.43 1.58 7.89
N TRP A 29 -10.58 2.79 7.33
CA TRP A 29 -9.71 3.94 7.62
C TRP A 29 -9.98 4.51 9.02
N LYS A 30 -11.19 4.28 9.54
CA LYS A 30 -11.59 4.71 10.91
C LYS A 30 -10.84 3.84 11.95
N LYS A 31 -10.60 2.57 11.60
CA LYS A 31 -9.82 1.63 12.42
C LYS A 31 -8.30 1.89 12.24
N ILE A 32 -7.92 2.30 11.01
CA ILE A 32 -6.53 2.70 10.67
C ILE A 32 -6.16 4.01 11.40
N ALA A 33 -7.18 4.82 11.73
CA ALA A 33 -7.04 5.99 12.65
C ALA A 33 -6.53 5.54 14.02
N GLU A 34 -7.03 4.40 14.49
CA GLU A 34 -6.67 3.81 15.80
C GLU A 34 -5.35 3.02 15.72
N ALA A 35 -4.86 2.74 14.50
CA ALA A 35 -3.63 1.94 14.27
C ALA A 35 -2.43 2.83 13.88
N VAL A 36 -2.72 3.99 13.25
CA VAL A 36 -1.70 4.92 12.74
C VAL A 36 -1.97 6.34 13.30
N PRO A 37 -1.36 6.70 14.48
CA PRO A 37 -1.41 8.07 15.02
C PRO A 37 -0.36 9.00 14.36
N GLY A 38 -0.66 10.30 14.33
CA GLY A 38 0.21 11.32 13.74
C GLY A 38 -0.10 11.59 12.27
N ARG A 39 -0.45 10.53 11.53
CA ARG A 39 -0.89 10.60 10.13
C ARG A 39 -2.41 10.53 10.07
N THR A 40 -3.00 11.39 9.25
CA THR A 40 -4.45 11.39 9.00
C THR A 40 -4.79 10.44 7.84
N LYS A 41 -6.09 10.18 7.69
CA LYS A 41 -6.57 9.13 6.78
C LYS A 41 -6.49 9.56 5.32
N LYS A 42 -6.53 10.88 5.06
CA LYS A 42 -6.27 11.45 3.73
C LYS A 42 -4.82 11.13 3.29
N ASP A 43 -3.89 11.15 4.28
CA ASP A 43 -2.47 10.79 4.08
C ASP A 43 -2.34 9.28 3.83
N CYS A 44 -3.09 8.52 4.65
CA CYS A 44 -3.05 7.04 4.65
C CYS A 44 -3.64 6.44 3.36
N MET A 45 -4.68 7.11 2.78
CA MET A 45 -5.33 6.66 1.52
C MET A 45 -4.40 6.85 0.33
N LYS A 46 -3.76 8.03 0.27
CA LYS A 46 -2.83 8.39 -0.80
C LYS A 46 -1.56 7.52 -0.72
N ARG A 47 -1.09 7.27 0.52
CA ARG A 47 0.10 6.46 0.78
C ARG A 47 -0.14 5.00 0.33
N TYR A 48 -1.27 4.43 0.81
CA TYR A 48 -1.78 3.09 0.41
C TYR A 48 -1.90 2.95 -1.11
N LYS A 49 -2.48 3.98 -1.74
CA LYS A 49 -2.67 4.07 -3.19
C LYS A 49 -1.33 3.89 -3.91
N GLU A 50 -0.32 4.66 -3.47
CA GLU A 50 1.02 4.62 -4.04
C GLU A 50 1.68 3.25 -3.80
N LEU A 51 1.48 2.66 -2.59
CA LEU A 51 2.02 1.32 -2.23
C LEU A 51 1.52 0.26 -3.21
N VAL A 52 0.21 0.32 -3.50
CA VAL A 52 -0.49 -0.64 -4.36
C VAL A 52 -0.06 -0.48 -5.84
N GLU A 53 0.08 0.78 -6.30
CA GLU A 53 0.43 1.08 -7.70
C GLU A 53 1.93 0.81 -7.99
N MET A 54 2.80 0.99 -6.97
CA MET A 54 4.25 0.70 -7.08
C MET A 54 4.50 -0.81 -7.10
N VAL A 55 3.72 -1.57 -6.31
CA VAL A 55 3.83 -3.04 -6.27
C VAL A 55 3.20 -3.66 -7.54
N LYS A 56 2.23 -2.92 -8.15
CA LYS A 56 1.68 -3.26 -9.49
C LYS A 56 2.72 -2.98 -10.59
N ALA A 57 3.50 -1.89 -10.40
CA ALA A 57 4.54 -1.46 -11.36
C ALA A 57 5.65 -2.52 -11.46
N LYS A 58 6.11 -2.99 -10.29
CA LYS A 58 7.10 -4.07 -10.19
C LYS A 58 6.50 -5.41 -10.63
N LYS A 59 5.22 -5.66 -10.26
CA LYS A 59 4.49 -6.87 -10.69
C LYS A 59 4.45 -6.96 -12.22
N ALA A 60 4.20 -5.81 -12.88
CA ALA A 60 4.09 -5.74 -14.35
C ALA A 60 5.42 -6.13 -15.01
N ALA A 61 6.53 -5.52 -14.53
CA ALA A 61 7.88 -5.78 -15.05
C ALA A 61 8.29 -7.26 -14.88
N GLN A 62 8.19 -7.75 -13.63
CA GLN A 62 8.59 -9.12 -13.26
C GLN A 62 7.72 -10.18 -13.97
N GLU A 63 6.42 -9.89 -14.14
CA GLU A 63 5.43 -10.83 -14.73
C GLU A 63 5.58 -10.92 -16.27
N GLN A 64 6.06 -9.82 -16.90
CA GLN A 64 6.39 -9.82 -18.34
C GLN A 64 7.69 -10.61 -18.59
N VAL A 65 8.67 -10.45 -17.68
CA VAL A 65 9.92 -11.23 -17.69
C VAL A 65 9.62 -12.72 -17.40
N LEU A 66 8.59 -12.97 -16.55
CA LEU A 66 8.13 -14.33 -16.19
C LEU A 66 7.51 -15.00 -17.42
N ASN A 67 6.59 -14.27 -18.09
CA ASN A 67 5.90 -14.74 -19.30
C ASN A 67 6.90 -15.04 -20.44
N ALA A 68 7.91 -14.17 -20.56
CA ALA A 68 8.99 -14.31 -21.55
C ALA A 68 9.81 -15.58 -21.29
N SER A 69 10.28 -15.73 -20.04
CA SER A 69 11.11 -16.86 -19.58
C SER A 69 10.36 -18.21 -19.69
N ARG A 70 9.07 -18.17 -19.36
CA ARG A 70 8.17 -19.33 -19.31
C ARG A 70 7.81 -19.79 -20.74
N ALA A 71 7.83 -18.83 -21.68
CA ALA A 71 7.55 -19.09 -23.11
C ALA A 71 8.82 -19.63 -23.82
N LYS A 72 9.96 -18.95 -23.63
CA LYS A 72 11.21 -19.23 -24.37
C LYS A 72 11.95 -20.45 -23.82
N LYS A 73 12.73 -21.08 -24.69
CA LYS A 73 13.75 -22.05 -24.30
C LYS A 73 15.10 -21.29 -24.25
N PHE A 3 3.49 18.55 11.62
CA PHE A 3 3.21 17.30 10.90
C PHE A 3 4.54 16.64 10.51
N THR A 4 4.83 15.48 11.12
CA THR A 4 6.01 14.67 10.86
C THR A 4 5.84 13.88 9.53
N PRO A 5 6.95 13.52 8.81
CA PRO A 5 6.88 12.67 7.60
C PRO A 5 6.49 11.21 7.94
N TRP A 6 6.36 10.37 6.90
CA TRP A 6 6.09 8.94 7.06
C TRP A 6 7.36 8.23 7.57
N THR A 7 7.51 8.27 8.90
CA THR A 7 8.60 7.60 9.64
C THR A 7 8.46 6.07 9.51
N THR A 8 9.53 5.33 9.86
CA THR A 8 9.57 3.86 9.78
C THR A 8 8.39 3.22 10.55
N GLU A 9 8.14 3.76 11.75
CA GLU A 9 7.07 3.30 12.65
C GLU A 9 5.67 3.58 12.07
N GLU A 10 5.38 4.86 11.74
CA GLU A 10 4.04 5.28 11.21
C GLU A 10 3.69 4.51 9.92
N GLN A 11 4.70 4.25 9.10
CA GLN A 11 4.51 3.65 7.77
C GLN A 11 4.27 2.12 7.88
N LYS A 12 5.00 1.44 8.80
CA LYS A 12 4.83 -0.01 8.98
C LYS A 12 3.53 -0.35 9.74
N LEU A 13 3.07 0.61 10.57
CA LEU A 13 1.76 0.52 11.26
C LEU A 13 0.62 0.71 10.26
N LEU A 14 0.86 1.57 9.24
CA LEU A 14 -0.11 1.85 8.15
C LEU A 14 -0.34 0.57 7.33
N GLU A 15 0.77 -0.03 6.86
CA GLU A 15 0.73 -1.28 6.07
C GLU A 15 0.12 -2.44 6.88
N GLN A 16 0.45 -2.49 8.18
CA GLN A 16 -0.13 -3.44 9.15
C GLN A 16 -1.66 -3.28 9.17
N ALA A 17 -2.11 -2.03 9.29
CA ALA A 17 -3.53 -1.69 9.42
C ALA A 17 -4.31 -1.94 8.10
N LEU A 18 -3.62 -1.83 6.94
CA LEU A 18 -4.22 -2.09 5.62
C LEU A 18 -4.65 -3.56 5.47
N LYS A 19 -3.85 -4.48 6.01
CA LYS A 19 -4.06 -5.93 5.87
C LYS A 19 -4.85 -6.50 7.08
N THR A 20 -4.77 -5.82 8.25
CA THR A 20 -5.57 -6.19 9.44
C THR A 20 -7.07 -5.85 9.21
N TYR A 21 -7.31 -4.66 8.64
CA TYR A 21 -8.66 -4.21 8.25
C TYR A 21 -8.74 -4.29 6.71
N PRO A 22 -9.43 -5.34 6.13
CA PRO A 22 -9.52 -5.53 4.67
C PRO A 22 -10.23 -4.38 3.94
N VAL A 23 -10.11 -4.37 2.61
CA VAL A 23 -10.61 -3.28 1.74
C VAL A 23 -12.15 -3.18 1.75
N ASN A 24 -12.81 -4.32 2.03
CA ASN A 24 -14.29 -4.42 2.08
C ASN A 24 -14.87 -3.71 3.32
N THR A 25 -14.02 -3.53 4.35
CA THR A 25 -14.40 -2.80 5.59
C THR A 25 -14.53 -1.30 5.28
N PRO A 26 -15.75 -0.67 5.44
CA PRO A 26 -15.93 0.79 5.23
C PRO A 26 -15.28 1.61 6.38
N GLU A 27 -15.15 0.96 7.55
CA GLU A 27 -14.48 1.52 8.73
C GLU A 27 -12.96 1.31 8.67
N ARG A 28 -12.42 0.87 7.50
CA ARG A 28 -10.98 0.53 7.33
C ARG A 28 -10.09 1.68 7.85
N TRP A 29 -10.28 2.86 7.25
CA TRP A 29 -9.47 4.07 7.51
C TRP A 29 -9.76 4.66 8.90
N LYS A 30 -10.97 4.37 9.41
CA LYS A 30 -11.39 4.79 10.77
C LYS A 30 -10.60 4.02 11.83
N LYS A 31 -10.40 2.72 11.56
CA LYS A 31 -9.63 1.82 12.45
C LYS A 31 -8.12 2.00 12.23
N ILE A 32 -7.74 2.52 11.04
CA ILE A 32 -6.35 2.93 10.72
C ILE A 32 -5.98 4.21 11.51
N ALA A 33 -7.00 5.03 11.83
CA ALA A 33 -6.84 6.17 12.77
C ALA A 33 -6.47 5.67 14.18
N GLU A 34 -7.01 4.50 14.55
CA GLU A 34 -6.75 3.86 15.85
C GLU A 34 -5.38 3.15 15.84
N ALA A 35 -5.07 2.50 14.71
CA ALA A 35 -3.88 1.64 14.55
C ALA A 35 -2.59 2.44 14.28
N VAL A 36 -2.74 3.60 13.63
CA VAL A 36 -1.61 4.43 13.18
C VAL A 36 -1.73 5.83 13.81
N PRO A 37 -0.92 6.16 14.86
CA PRO A 37 -0.96 7.47 15.53
C PRO A 37 -0.38 8.62 14.68
N GLY A 38 -0.95 9.83 14.84
CA GLY A 38 -0.42 11.07 14.26
C GLY A 38 -0.67 11.24 12.76
N ARG A 39 -1.40 10.30 12.13
CA ARG A 39 -1.65 10.31 10.67
C ARG A 39 -3.07 10.73 10.34
N THR A 40 -3.23 11.27 9.14
CA THR A 40 -4.53 11.64 8.57
C THR A 40 -4.97 10.57 7.58
N LYS A 41 -6.30 10.38 7.43
CA LYS A 41 -6.86 9.30 6.60
C LYS A 41 -6.63 9.57 5.11
N LYS A 42 -6.61 10.86 4.73
CA LYS A 42 -6.28 11.29 3.36
C LYS A 42 -4.83 10.87 2.96
N ASP A 43 -3.88 10.99 3.91
CA ASP A 43 -2.48 10.58 3.71
C ASP A 43 -2.36 9.05 3.72
N CYS A 44 -3.23 8.39 4.50
CA CYS A 44 -3.28 6.91 4.57
C CYS A 44 -3.80 6.31 3.24
N MET A 45 -4.79 6.99 2.63
CA MET A 45 -5.39 6.60 1.33
C MET A 45 -4.39 6.85 0.19
N LYS A 46 -3.71 8.00 0.28
CA LYS A 46 -2.65 8.40 -0.68
C LYS A 46 -1.51 7.37 -0.66
N ARG A 47 -1.03 7.05 0.55
CA ARG A 47 0.10 6.12 0.75
C ARG A 47 -0.26 4.73 0.18
N TYR A 48 -1.43 4.21 0.61
CA TYR A 48 -1.98 2.92 0.14
C TYR A 48 -2.10 2.88 -1.39
N LYS A 49 -2.59 3.99 -1.98
CA LYS A 49 -2.73 4.12 -3.44
C LYS A 49 -1.38 3.88 -4.13
N GLU A 50 -0.34 4.58 -3.62
CA GLU A 50 1.02 4.49 -4.18
C GLU A 50 1.60 3.08 -3.99
N LEU A 51 1.32 2.45 -2.82
CA LEU A 51 1.79 1.09 -2.50
C LEU A 51 1.26 0.09 -3.54
N VAL A 52 -0.05 0.15 -3.80
CA VAL A 52 -0.75 -0.74 -4.73
C VAL A 52 -0.27 -0.49 -6.18
N GLU A 53 -0.24 0.78 -6.61
CA GLU A 53 0.08 1.14 -8.01
C GLU A 53 1.56 0.89 -8.36
N MET A 54 2.46 1.00 -7.36
CA MET A 54 3.90 0.68 -7.56
C MET A 54 4.08 -0.83 -7.76
N VAL A 55 3.43 -1.64 -6.90
CA VAL A 55 3.58 -3.11 -6.94
C VAL A 55 2.85 -3.69 -8.18
N LYS A 56 1.80 -2.98 -8.65
CA LYS A 56 1.07 -3.34 -9.89
C LYS A 56 1.97 -3.13 -11.11
N ALA A 57 2.55 -1.92 -11.23
CA ALA A 57 3.44 -1.54 -12.35
C ALA A 57 4.71 -2.40 -12.37
N LYS A 58 5.17 -2.77 -11.17
CA LYS A 58 6.36 -3.61 -10.97
C LYS A 58 6.12 -5.04 -11.48
N LYS A 59 5.04 -5.67 -10.96
CA LYS A 59 4.64 -7.03 -11.36
C LYS A 59 4.29 -7.11 -12.85
N ALA A 60 3.68 -6.03 -13.38
CA ALA A 60 3.30 -5.95 -14.81
C ALA A 60 4.55 -5.87 -15.70
N ALA A 61 5.55 -5.08 -15.24
CA ALA A 61 6.80 -4.86 -15.99
C ALA A 61 7.61 -6.16 -16.11
N GLN A 62 7.85 -6.80 -14.95
CA GLN A 62 8.57 -8.08 -14.87
C GLN A 62 7.77 -9.23 -15.52
N GLU A 63 6.42 -9.11 -15.51
CA GLU A 63 5.54 -10.10 -16.17
C GLU A 63 5.75 -10.04 -17.68
N GLN A 64 5.87 -8.81 -18.24
CA GLN A 64 6.03 -8.61 -19.69
C GLN A 64 7.40 -9.11 -20.19
N VAL A 65 8.41 -9.15 -19.30
CA VAL A 65 9.72 -9.73 -19.63
C VAL A 65 9.60 -11.26 -19.69
N LEU A 66 9.13 -11.85 -18.58
CA LEU A 66 8.97 -13.31 -18.42
C LEU A 66 7.98 -13.90 -19.45
N ASN A 67 6.96 -13.11 -19.83
CA ASN A 67 5.93 -13.53 -20.78
C ASN A 67 6.48 -13.48 -22.21
N ALA A 68 7.07 -12.34 -22.59
CA ALA A 68 7.53 -12.09 -23.97
C ALA A 68 8.61 -13.09 -24.40
N SER A 69 9.62 -13.27 -23.52
CA SER A 69 10.78 -14.14 -23.79
C SER A 69 10.37 -15.64 -23.82
N ARG A 70 9.33 -15.99 -23.03
CA ARG A 70 8.78 -17.36 -22.97
C ARG A 70 7.77 -17.62 -24.11
N ALA A 71 7.12 -16.54 -24.60
CA ALA A 71 6.09 -16.63 -25.66
C ALA A 71 6.76 -16.82 -27.02
N LYS A 72 7.06 -18.09 -27.32
CA LYS A 72 7.77 -18.49 -28.54
C LYS A 72 6.76 -18.57 -29.71
N LYS A 73 6.02 -19.70 -29.80
CA LYS A 73 4.98 -19.93 -30.83
C LYS A 73 3.75 -20.61 -30.17
N PHE A 3 6.39 18.94 11.66
CA PHE A 3 5.76 17.91 10.83
C PHE A 3 6.84 16.94 10.33
N THR A 4 6.86 15.72 10.89
CA THR A 4 7.72 14.63 10.41
C THR A 4 7.05 13.91 9.21
N PRO A 5 7.84 13.31 8.26
CA PRO A 5 7.32 12.33 7.28
C PRO A 5 6.92 10.98 7.95
N TRP A 6 6.45 10.03 7.14
CA TRP A 6 6.14 8.66 7.61
C TRP A 6 7.43 7.97 8.10
N THR A 7 7.52 7.80 9.43
CA THR A 7 8.65 7.11 10.08
C THR A 7 8.51 5.58 9.86
N THR A 8 9.59 4.82 10.12
CA THR A 8 9.61 3.35 9.92
C THR A 8 8.52 2.65 10.77
N GLU A 9 8.32 3.18 12.00
CA GLU A 9 7.35 2.63 12.96
C GLU A 9 5.89 2.96 12.54
N GLU A 10 5.62 4.23 12.16
CA GLU A 10 4.24 4.68 11.80
C GLU A 10 3.82 4.14 10.42
N GLN A 11 4.81 3.92 9.54
CA GLN A 11 4.58 3.46 8.17
C GLN A 11 4.26 1.95 8.16
N LYS A 12 4.98 1.17 9.00
CA LYS A 12 4.68 -0.28 9.13
C LYS A 12 3.30 -0.47 9.79
N LEU A 13 2.91 0.45 10.70
CA LEU A 13 1.57 0.45 11.34
C LEU A 13 0.47 0.72 10.29
N LEU A 14 0.76 1.63 9.34
CA LEU A 14 -0.15 2.00 8.24
C LEU A 14 -0.41 0.80 7.33
N GLU A 15 0.69 0.22 6.86
CA GLU A 15 0.67 -0.88 5.89
C GLU A 15 0.14 -2.17 6.53
N GLN A 16 0.44 -2.38 7.82
CA GLN A 16 -0.10 -3.50 8.62
C GLN A 16 -1.61 -3.33 8.81
N ALA A 17 -2.05 -2.08 9.03
CA ALA A 17 -3.48 -1.74 9.19
C ALA A 17 -4.26 -1.98 7.88
N LEU A 18 -3.56 -1.86 6.74
CA LEU A 18 -4.11 -2.20 5.41
C LEU A 18 -4.24 -3.73 5.23
N LYS A 19 -3.43 -4.51 6.00
CA LYS A 19 -3.48 -6.00 5.98
C LYS A 19 -4.49 -6.53 7.01
N THR A 20 -4.60 -5.82 8.15
CA THR A 20 -5.45 -6.21 9.29
C THR A 20 -6.93 -5.90 8.98
N TYR A 21 -7.15 -4.67 8.47
CA TYR A 21 -8.47 -4.21 8.03
C TYR A 21 -8.47 -4.23 6.48
N PRO A 22 -9.20 -5.18 5.83
CA PRO A 22 -9.25 -5.26 4.34
C PRO A 22 -9.99 -4.05 3.73
N VAL A 23 -9.86 -3.89 2.41
CA VAL A 23 -10.52 -2.79 1.66
C VAL A 23 -12.06 -2.93 1.71
N ASN A 24 -12.51 -4.19 1.89
CA ASN A 24 -13.93 -4.56 1.97
C ASN A 24 -14.60 -4.00 3.26
N THR A 25 -13.80 -3.78 4.31
CA THR A 25 -14.27 -3.22 5.59
C THR A 25 -14.65 -1.72 5.42
N PRO A 26 -15.95 -1.32 5.69
CA PRO A 26 -16.40 0.10 5.59
C PRO A 26 -15.73 1.01 6.64
N GLU A 27 -15.26 0.41 7.75
CA GLU A 27 -14.69 1.12 8.90
C GLU A 27 -13.16 1.28 8.77
N ARG A 28 -12.58 0.77 7.65
CA ARG A 28 -11.11 0.52 7.49
C ARG A 28 -10.25 1.69 8.02
N TRP A 29 -10.48 2.88 7.44
CA TRP A 29 -9.63 4.07 7.65
C TRP A 29 -9.78 4.67 9.07
N LYS A 30 -10.95 4.45 9.70
CA LYS A 30 -11.21 4.85 11.10
C LYS A 30 -10.38 3.98 12.07
N LYS A 31 -10.28 2.68 11.75
CA LYS A 31 -9.51 1.71 12.55
C LYS A 31 -8.00 1.91 12.32
N ILE A 32 -7.66 2.42 11.12
CA ILE A 32 -6.28 2.81 10.76
C ILE A 32 -5.84 4.07 11.53
N ALA A 33 -6.80 4.98 11.81
CA ALA A 33 -6.58 6.18 12.66
C ALA A 33 -6.15 5.78 14.08
N GLU A 34 -6.72 4.69 14.57
CA GLU A 34 -6.43 4.13 15.90
C GLU A 34 -5.05 3.43 15.90
N ALA A 35 -4.75 2.72 14.80
CA ALA A 35 -3.48 1.98 14.63
C ALA A 35 -2.29 2.95 14.37
N VAL A 36 -2.58 4.10 13.73
CA VAL A 36 -1.57 5.07 13.27
C VAL A 36 -1.94 6.47 13.82
N PRO A 37 -1.30 6.92 14.94
CA PRO A 37 -1.59 8.23 15.58
C PRO A 37 -1.13 9.44 14.72
N GLY A 38 -1.96 10.51 14.73
CA GLY A 38 -1.58 11.83 14.17
C GLY A 38 -1.77 11.97 12.67
N ARG A 39 -1.50 10.88 11.92
CA ARG A 39 -1.55 10.87 10.45
C ARG A 39 -3.01 10.87 9.97
N THR A 40 -3.34 11.75 9.00
CA THR A 40 -4.71 11.87 8.50
C THR A 40 -4.99 10.79 7.43
N LYS A 41 -6.28 10.45 7.30
CA LYS A 41 -6.74 9.32 6.47
C LYS A 41 -6.49 9.58 4.97
N LYS A 42 -6.45 10.88 4.58
CA LYS A 42 -6.09 11.28 3.21
C LYS A 42 -4.63 10.89 2.88
N ASP A 43 -3.72 10.99 3.89
CA ASP A 43 -2.31 10.56 3.76
C ASP A 43 -2.21 9.03 3.75
N CYS A 44 -3.11 8.38 4.48
CA CYS A 44 -3.23 6.91 4.53
C CYS A 44 -3.66 6.35 3.15
N MET A 45 -4.61 7.07 2.52
CA MET A 45 -5.16 6.71 1.18
C MET A 45 -4.14 7.06 0.08
N LYS A 46 -3.40 8.15 0.29
CA LYS A 46 -2.29 8.59 -0.58
C LYS A 46 -1.22 7.49 -0.69
N ARG A 47 -0.76 7.03 0.49
CA ARG A 47 0.25 5.96 0.58
C ARG A 47 -0.29 4.65 -0.02
N TYR A 48 -1.56 4.32 0.29
CA TYR A 48 -2.22 3.09 -0.23
C TYR A 48 -2.40 3.14 -1.76
N LYS A 49 -2.62 4.37 -2.29
CA LYS A 49 -2.69 4.62 -3.75
C LYS A 49 -1.35 4.25 -4.40
N GLU A 50 -0.26 4.70 -3.74
CA GLU A 50 1.10 4.38 -4.16
C GLU A 50 1.33 2.87 -4.11
N LEU A 51 0.97 2.24 -2.98
CA LEU A 51 1.23 0.81 -2.70
C LEU A 51 0.58 -0.13 -3.73
N VAL A 52 -0.74 0.05 -3.93
CA VAL A 52 -1.51 -0.81 -4.85
C VAL A 52 -1.01 -0.65 -6.30
N GLU A 53 -0.77 0.61 -6.72
CA GLU A 53 -0.41 0.93 -8.12
C GLU A 53 1.08 0.72 -8.42
N MET A 54 1.97 0.78 -7.40
CA MET A 54 3.41 0.58 -7.61
C MET A 54 3.70 -0.90 -7.82
N VAL A 55 3.01 -1.75 -7.03
CA VAL A 55 3.18 -3.20 -7.09
C VAL A 55 2.65 -3.74 -8.42
N LYS A 56 1.42 -3.34 -8.82
CA LYS A 56 0.79 -3.83 -10.07
C LYS A 56 1.49 -3.27 -11.34
N ALA A 57 2.04 -2.05 -11.25
CA ALA A 57 2.82 -1.44 -12.35
C ALA A 57 4.13 -2.23 -12.56
N LYS A 58 4.85 -2.44 -11.45
CA LYS A 58 6.09 -3.24 -11.45
C LYS A 58 5.80 -4.72 -11.70
N LYS A 59 4.57 -5.18 -11.39
CA LYS A 59 4.16 -6.59 -11.56
C LYS A 59 4.06 -6.92 -13.05
N ALA A 60 3.45 -5.99 -13.79
CA ALA A 60 3.39 -6.06 -15.26
C ALA A 60 4.81 -5.98 -15.85
N ALA A 61 5.61 -5.04 -15.31
CA ALA A 61 6.99 -4.80 -15.75
C ALA A 61 7.94 -5.99 -15.47
N GLN A 62 7.63 -6.77 -14.40
CA GLN A 62 8.46 -7.95 -14.00
C GLN A 62 8.03 -9.21 -14.77
N GLU A 63 6.71 -9.45 -14.78
CA GLU A 63 6.11 -10.71 -15.29
C GLU A 63 6.36 -10.84 -16.80
N GLN A 64 6.16 -9.73 -17.54
CA GLN A 64 6.34 -9.71 -19.00
C GLN A 64 7.82 -9.90 -19.39
N VAL A 65 8.74 -9.34 -18.57
CA VAL A 65 10.20 -9.55 -18.76
C VAL A 65 10.60 -11.02 -18.52
N LEU A 66 9.99 -11.65 -17.49
CA LEU A 66 10.27 -13.07 -17.12
C LEU A 66 9.69 -14.03 -18.19
N ASN A 67 8.52 -13.65 -18.73
CA ASN A 67 7.82 -14.39 -19.80
C ASN A 67 8.61 -14.29 -21.12
N ALA A 68 9.25 -13.12 -21.34
CA ALA A 68 10.04 -12.85 -22.55
C ALA A 68 11.41 -13.56 -22.48
N SER A 69 12.01 -13.57 -21.28
CA SER A 69 13.33 -14.21 -21.03
C SER A 69 13.18 -15.74 -20.85
N ARG A 70 11.92 -16.21 -20.71
CA ARG A 70 11.57 -17.65 -20.74
C ARG A 70 11.93 -18.26 -22.11
N ALA A 71 11.94 -17.39 -23.15
CA ALA A 71 12.27 -17.76 -24.55
C ALA A 71 13.81 -17.86 -24.77
N LYS A 72 14.51 -18.51 -23.81
CA LYS A 72 15.95 -18.81 -23.90
C LYS A 72 16.21 -19.98 -24.87
N LYS A 73 17.49 -20.24 -25.15
CA LYS A 73 17.91 -21.43 -25.93
C LYS A 73 18.07 -22.63 -24.96
N PHE A 3 6.51 19.12 12.70
CA PHE A 3 5.63 18.16 12.02
C PHE A 3 6.50 17.06 11.39
N THR A 4 6.14 15.80 11.66
CA THR A 4 6.84 14.62 11.12
C THR A 4 6.02 13.97 9.98
N PRO A 5 6.68 13.47 8.88
CA PRO A 5 6.02 12.73 7.79
C PRO A 5 5.92 11.21 8.09
N TRP A 6 5.56 10.43 7.05
CA TRP A 6 5.47 8.96 7.14
C TRP A 6 6.87 8.36 7.34
N THR A 7 7.22 8.11 8.60
CA THR A 7 8.47 7.40 8.97
C THR A 7 8.20 5.89 8.93
N THR A 8 9.24 5.08 9.17
CA THR A 8 9.17 3.62 9.06
C THR A 8 8.09 3.03 10.00
N GLU A 9 7.95 3.60 11.22
CA GLU A 9 7.00 3.07 12.22
C GLU A 9 5.53 3.22 11.76
N GLU A 10 5.10 4.44 11.35
CA GLU A 10 3.70 4.67 10.89
C GLU A 10 3.41 3.92 9.59
N GLN A 11 4.48 3.73 8.78
CA GLN A 11 4.41 3.01 7.50
C GLN A 11 4.07 1.52 7.73
N LYS A 12 4.75 0.90 8.71
CA LYS A 12 4.51 -0.51 9.09
C LYS A 12 3.11 -0.66 9.72
N LEU A 13 2.73 0.34 10.55
CA LEU A 13 1.40 0.37 11.21
C LEU A 13 0.29 0.50 10.17
N LEU A 14 0.57 1.26 9.10
CA LEU A 14 -0.40 1.46 7.99
C LEU A 14 -0.64 0.13 7.27
N GLU A 15 0.46 -0.48 6.76
CA GLU A 15 0.41 -1.72 5.95
C GLU A 15 -0.08 -2.93 6.76
N GLN A 16 0.15 -2.88 8.09
CA GLN A 16 -0.37 -3.88 9.03
C GLN A 16 -1.89 -3.72 9.14
N ALA A 17 -2.34 -2.46 9.31
CA ALA A 17 -3.77 -2.10 9.45
C ALA A 17 -4.55 -2.29 8.13
N LEU A 18 -3.83 -2.20 6.99
CA LEU A 18 -4.40 -2.46 5.65
C LEU A 18 -4.69 -3.96 5.45
N LYS A 19 -3.96 -4.80 6.20
CA LYS A 19 -4.11 -6.27 6.14
C LYS A 19 -5.07 -6.77 7.26
N THR A 20 -4.98 -6.12 8.43
CA THR A 20 -5.82 -6.44 9.62
C THR A 20 -7.27 -6.05 9.33
N TYR A 21 -7.43 -4.85 8.78
CA TYR A 21 -8.71 -4.36 8.26
C TYR A 21 -8.59 -4.37 6.73
N PRO A 22 -9.16 -5.41 6.04
CA PRO A 22 -9.11 -5.50 4.56
C PRO A 22 -9.92 -4.37 3.90
N VAL A 23 -9.84 -4.28 2.56
CA VAL A 23 -10.56 -3.26 1.77
C VAL A 23 -12.10 -3.43 1.91
N ASN A 24 -12.52 -4.66 2.26
CA ASN A 24 -13.94 -5.03 2.48
C ASN A 24 -14.53 -4.26 3.68
N THR A 25 -13.66 -3.92 4.65
CA THR A 25 -14.05 -3.21 5.87
C THR A 25 -14.46 -1.74 5.54
N PRO A 26 -15.74 -1.33 5.78
CA PRO A 26 -16.22 0.05 5.49
C PRO A 26 -15.56 1.10 6.40
N GLU A 27 -15.20 0.67 7.63
CA GLU A 27 -14.50 1.51 8.62
C GLU A 27 -13.01 1.17 8.69
N ARG A 28 -12.44 0.67 7.55
CA ARG A 28 -11.00 0.36 7.42
C ARG A 28 -10.14 1.53 7.95
N TRP A 29 -10.35 2.70 7.31
CA TRP A 29 -9.58 3.94 7.58
C TRP A 29 -9.87 4.51 8.97
N LYS A 30 -11.10 4.30 9.45
CA LYS A 30 -11.57 4.76 10.78
C LYS A 30 -10.74 4.08 11.89
N LYS A 31 -10.50 2.78 11.72
CA LYS A 31 -9.70 1.97 12.65
C LYS A 31 -8.19 2.17 12.42
N ILE A 32 -7.83 2.56 11.17
CA ILE A 32 -6.43 2.96 10.82
C ILE A 32 -6.06 4.29 11.52
N ALA A 33 -7.08 5.14 11.81
CA ALA A 33 -6.90 6.36 12.64
C ALA A 33 -6.34 6.04 14.02
N GLU A 34 -6.82 4.93 14.58
CA GLU A 34 -6.45 4.47 15.91
C GLU A 34 -5.14 3.67 15.87
N ALA A 35 -4.95 2.91 14.77
CA ALA A 35 -3.78 2.03 14.56
C ALA A 35 -2.51 2.85 14.20
N VAL A 36 -2.72 3.97 13.48
CA VAL A 36 -1.63 4.85 12.99
C VAL A 36 -1.83 6.26 13.62
N PRO A 37 -1.10 6.59 14.73
CA PRO A 37 -1.16 7.92 15.38
C PRO A 37 -0.35 8.98 14.62
N GLY A 38 -0.78 10.26 14.75
CA GLY A 38 -0.05 11.41 14.22
C GLY A 38 -0.28 11.67 12.73
N ARG A 39 -0.96 10.73 12.05
CA ARG A 39 -1.18 10.78 10.59
C ARG A 39 -2.68 10.89 10.29
N THR A 40 -3.01 11.58 9.18
CA THR A 40 -4.39 11.75 8.71
C THR A 40 -4.74 10.67 7.66
N LYS A 41 -6.04 10.36 7.58
CA LYS A 41 -6.56 9.23 6.78
C LYS A 41 -6.57 9.57 5.28
N LYS A 42 -6.69 10.87 4.97
CA LYS A 42 -6.51 11.36 3.60
C LYS A 42 -5.09 11.02 3.11
N ASP A 43 -4.07 11.28 3.98
CA ASP A 43 -2.65 10.97 3.70
C ASP A 43 -2.39 9.46 3.68
N CYS A 44 -3.20 8.70 4.44
CA CYS A 44 -3.14 7.23 4.45
C CYS A 44 -3.64 6.64 3.11
N MET A 45 -4.60 7.34 2.48
CA MET A 45 -5.15 6.97 1.16
C MET A 45 -4.17 7.33 0.03
N LYS A 46 -3.53 8.52 0.15
CA LYS A 46 -2.49 8.99 -0.81
C LYS A 46 -1.29 8.02 -0.80
N ARG A 47 -0.86 7.68 0.44
CA ARG A 47 0.26 6.75 0.67
C ARG A 47 -0.10 5.35 0.13
N TYR A 48 -1.33 4.89 0.45
CA TYR A 48 -1.87 3.57 0.01
C TYR A 48 -1.94 3.47 -1.52
N LYS A 49 -2.29 4.58 -2.18
CA LYS A 49 -2.29 4.68 -3.66
C LYS A 49 -0.90 4.35 -4.20
N GLU A 50 0.12 5.01 -3.61
CA GLU A 50 1.53 4.82 -3.99
C GLU A 50 2.00 3.38 -3.70
N LEU A 51 1.59 2.83 -2.54
CA LEU A 51 2.00 1.48 -2.10
C LEU A 51 1.48 0.40 -3.06
N VAL A 52 0.16 0.47 -3.34
CA VAL A 52 -0.54 -0.55 -4.13
C VAL A 52 -0.07 -0.51 -5.60
N GLU A 53 0.19 0.70 -6.14
CA GLU A 53 0.63 0.85 -7.55
C GLU A 53 2.10 0.39 -7.70
N MET A 54 2.95 0.68 -6.68
CA MET A 54 4.39 0.31 -6.72
C MET A 54 4.57 -1.22 -6.64
N VAL A 55 3.79 -1.89 -5.76
CA VAL A 55 3.91 -3.35 -5.56
C VAL A 55 3.37 -4.12 -6.79
N LYS A 56 2.29 -3.61 -7.42
CA LYS A 56 1.69 -4.24 -8.62
C LYS A 56 2.53 -3.93 -9.88
N ALA A 57 3.20 -2.75 -9.90
CA ALA A 57 4.08 -2.35 -11.04
C ALA A 57 5.39 -3.13 -11.02
N LYS A 58 5.94 -3.32 -9.81
CA LYS A 58 7.19 -4.08 -9.60
C LYS A 58 6.93 -5.59 -9.77
N LYS A 59 5.70 -6.03 -9.40
CA LYS A 59 5.22 -7.40 -9.66
C LYS A 59 5.11 -7.64 -11.17
N ALA A 60 4.46 -6.68 -11.87
CA ALA A 60 4.27 -6.73 -13.34
C ALA A 60 5.62 -6.73 -14.08
N ALA A 61 6.57 -5.95 -13.54
CA ALA A 61 7.93 -5.82 -14.08
C ALA A 61 8.69 -7.15 -13.98
N GLN A 62 8.63 -7.77 -12.79
CA GLN A 62 9.32 -9.05 -12.53
C GLN A 62 8.61 -10.21 -13.25
N GLU A 63 7.28 -10.13 -13.36
CA GLU A 63 6.44 -11.21 -13.94
C GLU A 63 6.73 -11.38 -15.43
N GLN A 64 6.72 -10.24 -16.16
CA GLN A 64 6.94 -10.21 -17.62
C GLN A 64 8.38 -10.67 -17.98
N VAL A 65 9.37 -10.21 -17.17
CA VAL A 65 10.80 -10.55 -17.35
C VAL A 65 11.06 -12.04 -17.06
N LEU A 66 10.40 -12.56 -16.02
CA LEU A 66 10.58 -13.94 -15.57
C LEU A 66 10.05 -14.89 -16.66
N ASN A 67 8.85 -14.57 -17.18
CA ASN A 67 8.17 -15.39 -18.21
C ASN A 67 8.91 -15.27 -19.57
N ALA A 68 9.56 -14.11 -19.80
CA ALA A 68 10.39 -13.84 -21.00
C ALA A 68 11.69 -14.68 -20.96
N SER A 69 12.25 -14.80 -19.74
CA SER A 69 13.47 -15.60 -19.48
C SER A 69 13.15 -17.10 -19.62
N ARG A 70 11.94 -17.48 -19.18
CA ARG A 70 11.41 -18.85 -19.38
C ARG A 70 11.11 -19.10 -20.87
N ALA A 71 10.67 -18.02 -21.56
CA ALA A 71 10.23 -18.04 -22.98
C ALA A 71 9.04 -19.00 -23.15
N LYS A 72 8.24 -19.16 -22.08
CA LYS A 72 7.09 -20.08 -22.05
C LYS A 72 5.80 -19.26 -22.15
N LYS A 73 4.90 -19.62 -23.08
CA LYS A 73 3.62 -18.91 -23.27
C LYS A 73 2.48 -19.74 -22.65
N PHE A 3 1.78 17.39 4.48
CA PHE A 3 1.89 16.37 5.54
C PHE A 3 3.38 16.20 5.92
N THR A 4 3.65 15.67 7.12
CA THR A 4 5.00 15.34 7.57
C THR A 4 5.48 14.02 6.92
N PRO A 5 6.80 13.86 6.62
CA PRO A 5 7.37 12.60 6.05
C PRO A 5 7.12 11.38 6.98
N TRP A 6 6.64 10.27 6.38
CA TRP A 6 6.36 9.01 7.08
C TRP A 6 7.67 8.33 7.47
N THR A 7 7.81 8.00 8.75
CA THR A 7 8.98 7.28 9.28
C THR A 7 8.73 5.76 9.26
N THR A 8 9.74 4.98 9.70
CA THR A 8 9.68 3.50 9.71
C THR A 8 8.46 2.98 10.49
N GLU A 9 8.17 3.60 11.66
CA GLU A 9 7.05 3.18 12.52
C GLU A 9 5.70 3.59 11.90
N GLU A 10 5.60 4.83 11.36
CA GLU A 10 4.34 5.36 10.77
C GLU A 10 3.88 4.49 9.58
N GLN A 11 4.87 4.10 8.77
CA GLN A 11 4.64 3.35 7.53
C GLN A 11 4.22 1.89 7.83
N LYS A 12 4.89 1.24 8.82
CA LYS A 12 4.58 -0.18 9.18
C LYS A 12 3.19 -0.29 9.84
N LEU A 13 2.80 0.74 10.62
CA LEU A 13 1.48 0.79 11.30
C LEU A 13 0.37 0.90 10.24
N LEU A 14 0.66 1.66 9.17
CA LEU A 14 -0.25 1.79 8.03
C LEU A 14 -0.41 0.44 7.32
N GLU A 15 0.73 -0.13 6.87
CA GLU A 15 0.78 -1.39 6.08
C GLU A 15 0.14 -2.56 6.83
N GLN A 16 0.36 -2.61 8.16
CA GLN A 16 -0.22 -3.63 9.04
C GLN A 16 -1.75 -3.50 9.08
N ALA A 17 -2.23 -2.25 9.25
CA ALA A 17 -3.67 -1.94 9.29
C ALA A 17 -4.34 -2.16 7.91
N LEU A 18 -3.55 -2.04 6.83
CA LEU A 18 -4.00 -2.29 5.46
C LEU A 18 -4.24 -3.81 5.22
N LYS A 19 -3.48 -4.66 5.95
CA LYS A 19 -3.58 -6.13 5.85
C LYS A 19 -4.63 -6.68 6.83
N THR A 20 -4.63 -6.15 8.06
CA THR A 20 -5.50 -6.60 9.16
C THR A 20 -6.98 -6.26 8.86
N TYR A 21 -7.21 -5.07 8.28
CA TYR A 21 -8.56 -4.56 7.99
C TYR A 21 -8.82 -4.62 6.47
N PRO A 22 -9.74 -5.54 6.00
CA PRO A 22 -10.13 -5.63 4.56
C PRO A 22 -10.85 -4.36 4.07
N VAL A 23 -10.71 -4.06 2.75
CA VAL A 23 -11.28 -2.84 2.14
C VAL A 23 -12.82 -2.89 2.14
N ASN A 24 -13.38 -4.12 2.17
CA ASN A 24 -14.85 -4.33 2.20
C ASN A 24 -15.48 -3.81 3.53
N THR A 25 -14.64 -3.54 4.54
CA THR A 25 -15.07 -2.92 5.80
C THR A 25 -15.37 -1.41 5.58
N PRO A 26 -16.57 -0.88 5.99
CA PRO A 26 -16.85 0.58 5.98
C PRO A 26 -16.05 1.34 7.08
N GLU A 27 -15.64 0.60 8.12
CA GLU A 27 -14.81 1.11 9.24
C GLU A 27 -13.30 0.92 8.97
N ARG A 28 -12.96 0.63 7.70
CA ARG A 28 -11.59 0.27 7.27
C ARG A 28 -10.56 1.33 7.69
N TRP A 29 -10.75 2.57 7.18
CA TRP A 29 -9.82 3.69 7.47
C TRP A 29 -10.01 4.22 8.90
N LYS A 30 -11.19 3.95 9.49
CA LYS A 30 -11.52 4.36 10.87
C LYS A 30 -10.62 3.61 11.87
N LYS A 31 -10.42 2.32 11.61
CA LYS A 31 -9.56 1.46 12.45
C LYS A 31 -8.07 1.73 12.17
N ILE A 32 -7.77 2.29 10.98
CA ILE A 32 -6.41 2.74 10.62
C ILE A 32 -6.05 4.03 11.39
N ALA A 33 -7.06 4.84 11.75
CA ALA A 33 -6.88 5.99 12.68
C ALA A 33 -6.32 5.56 14.03
N GLU A 34 -6.76 4.39 14.51
CA GLU A 34 -6.32 3.84 15.81
C GLU A 34 -4.88 3.31 15.68
N ALA A 35 -4.63 2.56 14.59
CA ALA A 35 -3.32 1.94 14.32
C ALA A 35 -2.23 2.98 14.00
N VAL A 36 -2.63 4.07 13.31
CA VAL A 36 -1.70 5.12 12.82
C VAL A 36 -2.11 6.49 13.44
N PRO A 37 -1.55 6.86 14.63
CA PRO A 37 -1.75 8.20 15.23
C PRO A 37 -0.76 9.23 14.67
N GLY A 38 -1.19 10.51 14.63
CA GLY A 38 -0.37 11.62 14.12
C GLY A 38 -0.59 11.90 12.63
N ARG A 39 -1.01 10.87 11.90
CA ARG A 39 -1.27 10.96 10.44
C ARG A 39 -2.79 10.93 10.18
N THR A 40 -3.26 11.74 9.24
CA THR A 40 -4.67 11.76 8.85
C THR A 40 -4.92 10.70 7.76
N LYS A 41 -6.15 10.19 7.69
CA LYS A 41 -6.49 9.07 6.80
C LYS A 41 -6.47 9.46 5.33
N LYS A 42 -6.66 10.77 5.02
CA LYS A 42 -6.50 11.31 3.65
C LYS A 42 -5.08 10.99 3.14
N ASP A 43 -4.07 11.16 4.02
CA ASP A 43 -2.65 10.94 3.71
C ASP A 43 -2.36 9.43 3.63
N CYS A 44 -3.09 8.66 4.45
CA CYS A 44 -3.00 7.19 4.48
C CYS A 44 -3.59 6.58 3.20
N MET A 45 -4.61 7.25 2.61
CA MET A 45 -5.23 6.83 1.32
C MET A 45 -4.27 7.08 0.16
N LYS A 46 -3.62 8.25 0.22
CA LYS A 46 -2.59 8.66 -0.76
C LYS A 46 -1.41 7.68 -0.74
N ARG A 47 -0.97 7.35 0.49
CA ARG A 47 0.19 6.49 0.72
C ARG A 47 -0.10 5.04 0.26
N TYR A 48 -1.31 4.54 0.59
CA TYR A 48 -1.74 3.18 0.19
C TYR A 48 -1.84 3.06 -1.33
N LYS A 49 -2.31 4.14 -2.00
CA LYS A 49 -2.39 4.20 -3.46
C LYS A 49 -0.98 4.07 -4.07
N GLU A 50 0.00 4.76 -3.45
CA GLU A 50 1.41 4.66 -3.86
C GLU A 50 1.94 3.22 -3.67
N LEU A 51 1.61 2.60 -2.50
CA LEU A 51 2.13 1.26 -2.11
C LEU A 51 1.72 0.18 -3.13
N VAL A 52 0.43 0.18 -3.51
CA VAL A 52 -0.11 -0.80 -4.46
C VAL A 52 0.47 -0.59 -5.87
N GLU A 53 0.55 0.67 -6.33
CA GLU A 53 1.06 1.01 -7.68
C GLU A 53 2.55 0.66 -7.83
N MET A 54 3.32 0.79 -6.73
CA MET A 54 4.76 0.49 -6.74
C MET A 54 5.01 -1.02 -6.83
N VAL A 55 4.28 -1.83 -6.03
CA VAL A 55 4.44 -3.30 -6.03
C VAL A 55 3.92 -3.92 -7.34
N LYS A 56 2.94 -3.24 -7.98
CA LYS A 56 2.45 -3.60 -9.34
C LYS A 56 3.58 -3.44 -10.36
N ALA A 57 4.25 -2.28 -10.32
CA ALA A 57 5.32 -1.93 -11.28
C ALA A 57 6.59 -2.79 -11.08
N LYS A 58 6.84 -3.22 -9.83
CA LYS A 58 7.97 -4.12 -9.50
C LYS A 58 7.73 -5.52 -10.09
N LYS A 59 6.55 -6.08 -9.76
CA LYS A 59 6.13 -7.42 -10.23
C LYS A 59 6.09 -7.48 -11.76
N ALA A 60 5.44 -6.48 -12.37
CA ALA A 60 5.20 -6.40 -13.81
C ALA A 60 6.51 -6.39 -14.61
N ALA A 61 7.41 -5.45 -14.23
CA ALA A 61 8.69 -5.23 -14.93
C ALA A 61 9.56 -6.51 -14.97
N GLN A 62 9.71 -7.14 -13.80
CA GLN A 62 10.57 -8.34 -13.64
C GLN A 62 9.93 -9.61 -14.24
N GLU A 63 8.61 -9.79 -14.02
CA GLU A 63 7.91 -11.04 -14.41
C GLU A 63 7.71 -11.14 -15.93
N GLN A 64 7.46 -9.99 -16.61
CA GLN A 64 7.22 -9.97 -18.07
C GLN A 64 8.48 -10.41 -18.86
N VAL A 65 9.66 -9.98 -18.35
CA VAL A 65 10.96 -10.30 -18.97
C VAL A 65 11.40 -11.73 -18.56
N LEU A 66 11.04 -12.12 -17.32
CA LEU A 66 11.35 -13.45 -16.77
C LEU A 66 10.59 -14.54 -17.55
N ASN A 67 9.33 -14.23 -17.95
CA ASN A 67 8.48 -15.16 -18.74
C ASN A 67 9.13 -15.51 -20.10
N ALA A 68 9.79 -14.51 -20.70
CA ALA A 68 10.58 -14.68 -21.94
C ALA A 68 11.74 -15.67 -21.69
N SER A 69 12.39 -15.52 -20.53
CA SER A 69 13.53 -16.36 -20.10
C SER A 69 13.06 -17.77 -19.64
N ARG A 70 11.76 -17.88 -19.29
CA ARG A 70 11.11 -19.17 -18.94
C ARG A 70 10.78 -19.97 -20.22
N ALA A 71 10.56 -19.22 -21.33
CA ALA A 71 10.13 -19.76 -22.63
C ALA A 71 8.74 -20.43 -22.50
N LYS A 72 7.92 -19.88 -21.58
CA LYS A 72 6.58 -20.41 -21.25
C LYS A 72 5.49 -19.70 -22.11
N LYS A 73 5.93 -18.97 -23.13
CA LYS A 73 5.05 -18.19 -24.02
C LYS A 73 5.68 -18.14 -25.43
N PHE A 3 7.75 19.08 10.90
CA PHE A 3 6.61 18.20 10.57
C PHE A 3 7.12 16.76 10.40
N THR A 4 6.50 15.82 11.13
CA THR A 4 6.83 14.40 11.04
C THR A 4 6.17 13.77 9.80
N PRO A 5 6.95 13.19 8.83
CA PRO A 5 6.40 12.50 7.63
C PRO A 5 6.00 11.05 7.93
N TRP A 6 5.93 10.22 6.87
CA TRP A 6 5.80 8.77 7.01
C TRP A 6 7.13 8.19 7.53
N THR A 7 7.26 8.18 8.87
CA THR A 7 8.39 7.57 9.57
C THR A 7 8.20 6.04 9.62
N THR A 8 9.27 5.31 9.97
CA THR A 8 9.29 3.83 9.96
C THR A 8 8.13 3.24 10.79
N GLU A 9 7.87 3.84 11.98
CA GLU A 9 6.78 3.42 12.88
C GLU A 9 5.41 3.57 12.20
N GLU A 10 5.08 4.79 11.74
CA GLU A 10 3.78 5.12 11.12
C GLU A 10 3.52 4.27 9.86
N GLN A 11 4.60 4.02 9.11
CA GLN A 11 4.54 3.34 7.82
C GLN A 11 4.20 1.85 8.00
N LYS A 12 4.91 1.16 8.92
CA LYS A 12 4.69 -0.29 9.17
C LYS A 12 3.34 -0.52 9.88
N LEU A 13 2.88 0.51 10.64
CA LEU A 13 1.53 0.53 11.24
C LEU A 13 0.46 0.57 10.13
N LEU A 14 0.71 1.40 9.09
CA LEU A 14 -0.20 1.54 7.93
C LEU A 14 -0.29 0.22 7.15
N GLU A 15 0.89 -0.27 6.74
CA GLU A 15 1.03 -1.49 5.91
C GLU A 15 0.33 -2.69 6.56
N GLN A 16 0.51 -2.82 7.89
CA GLN A 16 -0.15 -3.87 8.69
C GLN A 16 -1.68 -3.64 8.71
N ALA A 17 -2.09 -2.39 8.97
CA ALA A 17 -3.51 -2.01 9.16
C ALA A 17 -4.35 -2.18 7.87
N LEU A 18 -3.69 -2.06 6.71
CA LEU A 18 -4.33 -2.26 5.39
C LEU A 18 -4.71 -3.74 5.17
N LYS A 19 -3.96 -4.62 5.83
CA LYS A 19 -4.12 -6.09 5.74
C LYS A 19 -4.96 -6.60 6.92
N THR A 20 -4.89 -5.91 8.08
CA THR A 20 -5.68 -6.22 9.28
C THR A 20 -7.16 -5.89 9.01
N TYR A 21 -7.39 -4.68 8.48
CA TYR A 21 -8.71 -4.20 8.07
C TYR A 21 -8.73 -4.19 6.52
N PRO A 22 -9.34 -5.22 5.85
CA PRO A 22 -9.49 -5.26 4.37
C PRO A 22 -10.26 -4.04 3.80
N VAL A 23 -10.18 -3.88 2.46
CA VAL A 23 -10.86 -2.80 1.73
C VAL A 23 -12.39 -2.78 1.96
N ASN A 24 -12.97 -3.98 2.09
CA ASN A 24 -14.43 -4.18 2.23
C ASN A 24 -14.95 -3.73 3.62
N THR A 25 -14.02 -3.58 4.60
CA THR A 25 -14.35 -3.12 5.96
C THR A 25 -14.85 -1.66 5.91
N PRO A 26 -16.14 -1.37 6.33
CA PRO A 26 -16.69 0.01 6.36
C PRO A 26 -15.90 0.95 7.32
N GLU A 27 -15.28 0.32 8.33
CA GLU A 27 -14.45 1.02 9.34
C GLU A 27 -12.95 0.87 9.04
N ARG A 28 -12.55 0.60 7.76
CA ARG A 28 -11.12 0.33 7.43
C ARG A 28 -10.23 1.47 7.94
N TRP A 29 -10.50 2.67 7.42
CA TRP A 29 -9.70 3.88 7.67
C TRP A 29 -9.99 4.47 9.07
N LYS A 30 -11.21 4.24 9.57
CA LYS A 30 -11.60 4.62 10.95
C LYS A 30 -10.70 3.91 11.99
N LYS A 31 -10.43 2.62 11.73
CA LYS A 31 -9.57 1.79 12.59
C LYS A 31 -8.06 2.03 12.29
N ILE A 32 -7.74 2.50 11.06
CA ILE A 32 -6.36 2.91 10.67
C ILE A 32 -5.98 4.23 11.37
N ALA A 33 -7.00 5.06 11.69
CA ALA A 33 -6.84 6.23 12.58
C ALA A 33 -6.33 5.82 13.98
N GLU A 34 -6.79 4.66 14.44
CA GLU A 34 -6.42 4.09 15.75
C GLU A 34 -5.05 3.40 15.66
N ALA A 35 -4.79 2.74 14.52
CA ALA A 35 -3.58 1.93 14.29
C ALA A 35 -2.36 2.79 13.91
N VAL A 36 -2.62 3.94 13.25
CA VAL A 36 -1.58 4.90 12.79
C VAL A 36 -1.85 6.27 13.45
N PRO A 37 -1.29 6.51 14.69
CA PRO A 37 -1.49 7.76 15.43
C PRO A 37 -0.53 8.90 14.98
N GLY A 38 -1.11 9.92 14.31
CA GLY A 38 -0.35 11.12 13.87
C GLY A 38 -0.47 11.42 12.36
N ARG A 39 -0.62 10.39 11.51
CA ARG A 39 -0.94 10.60 10.07
C ARG A 39 -2.44 10.61 9.87
N THR A 40 -2.88 11.42 8.92
CA THR A 40 -4.32 11.57 8.57
C THR A 40 -4.71 10.51 7.52
N LYS A 41 -6.02 10.22 7.41
CA LYS A 41 -6.52 9.12 6.55
C LYS A 41 -6.54 9.49 5.07
N LYS A 42 -6.75 10.79 4.75
CA LYS A 42 -6.59 11.28 3.35
C LYS A 42 -5.13 11.11 2.88
N ASP A 43 -4.21 11.20 3.85
CA ASP A 43 -2.77 11.02 3.66
C ASP A 43 -2.45 9.51 3.54
N CYS A 44 -3.14 8.70 4.35
CA CYS A 44 -2.97 7.23 4.37
C CYS A 44 -3.56 6.56 3.12
N MET A 45 -4.57 7.21 2.52
CA MET A 45 -5.18 6.78 1.24
C MET A 45 -4.22 7.10 0.08
N LYS A 46 -3.55 8.26 0.20
CA LYS A 46 -2.52 8.73 -0.76
C LYS A 46 -1.31 7.79 -0.75
N ARG A 47 -0.88 7.36 0.46
CA ARG A 47 0.29 6.47 0.61
C ARG A 47 -0.08 5.04 0.17
N TYR A 48 -1.28 4.56 0.59
CA TYR A 48 -1.84 3.24 0.17
C TYR A 48 -1.97 3.17 -1.36
N LYS A 49 -2.36 4.30 -1.97
CA LYS A 49 -2.39 4.47 -3.42
C LYS A 49 -1.01 4.14 -4.02
N GLU A 50 0.04 4.78 -3.47
CA GLU A 50 1.43 4.58 -3.90
C GLU A 50 1.92 3.13 -3.66
N LEU A 51 1.47 2.52 -2.54
CA LEU A 51 1.88 1.15 -2.14
C LEU A 51 1.34 0.10 -3.13
N VAL A 52 0.04 0.17 -3.45
CA VAL A 52 -0.61 -0.77 -4.39
C VAL A 52 -0.09 -0.55 -5.83
N GLU A 53 0.18 0.73 -6.19
CA GLU A 53 0.68 1.10 -7.54
C GLU A 53 2.11 0.60 -7.75
N MET A 54 2.99 0.73 -6.73
CA MET A 54 4.42 0.36 -6.86
C MET A 54 4.57 -1.17 -6.97
N VAL A 55 3.73 -1.91 -6.22
CA VAL A 55 3.76 -3.39 -6.22
C VAL A 55 3.30 -3.92 -7.59
N LYS A 56 2.13 -3.44 -8.06
CA LYS A 56 1.50 -3.95 -9.30
C LYS A 56 2.32 -3.57 -10.56
N ALA A 57 2.96 -2.38 -10.53
CA ALA A 57 3.73 -1.88 -11.68
C ALA A 57 5.02 -2.69 -11.88
N LYS A 58 5.73 -2.93 -10.76
CA LYS A 58 6.98 -3.72 -10.75
C LYS A 58 6.68 -5.20 -11.05
N LYS A 59 5.52 -5.68 -10.56
CA LYS A 59 5.05 -7.07 -10.75
C LYS A 59 4.76 -7.34 -12.25
N ALA A 60 4.02 -6.41 -12.86
CA ALA A 60 3.62 -6.50 -14.27
C ALA A 60 4.85 -6.41 -15.18
N ALA A 61 5.62 -5.32 -15.01
CA ALA A 61 6.80 -5.00 -15.86
C ALA A 61 7.80 -6.17 -15.90
N GLN A 62 8.05 -6.78 -14.73
CA GLN A 62 8.99 -7.91 -14.59
C GLN A 62 8.46 -9.14 -15.35
N GLU A 63 7.19 -9.49 -15.08
CA GLU A 63 6.53 -10.70 -15.62
C GLU A 63 6.31 -10.61 -17.15
N GLN A 64 6.16 -9.39 -17.68
CA GLN A 64 5.90 -9.19 -19.13
C GLN A 64 7.21 -9.20 -19.94
N VAL A 65 8.33 -8.85 -19.28
CA VAL A 65 9.67 -9.05 -19.85
C VAL A 65 10.03 -10.56 -19.81
N LEU A 66 9.63 -11.23 -18.71
CA LEU A 66 9.72 -12.70 -18.57
C LEU A 66 8.90 -13.40 -19.65
N ASN A 67 7.72 -12.82 -19.99
CA ASN A 67 6.75 -13.40 -20.96
C ASN A 67 7.41 -13.66 -22.32
N ALA A 68 8.28 -12.73 -22.74
CA ALA A 68 9.04 -12.84 -24.00
C ALA A 68 9.99 -14.06 -23.98
N SER A 69 10.59 -14.31 -22.80
CA SER A 69 11.56 -15.40 -22.61
C SER A 69 10.85 -16.77 -22.49
N ARG A 70 9.59 -16.77 -21.99
CA ARG A 70 8.79 -18.01 -21.80
C ARG A 70 7.60 -18.07 -22.79
N ALA A 71 7.69 -17.28 -23.90
CA ALA A 71 6.67 -17.22 -24.96
C ALA A 71 6.67 -18.50 -25.84
N LYS A 72 5.67 -18.59 -26.74
CA LYS A 72 5.55 -19.66 -27.76
C LYS A 72 5.26 -21.04 -27.11
N LYS A 73 4.05 -21.58 -27.35
CA LYS A 73 3.59 -22.82 -26.71
C LYS A 73 2.93 -23.73 -27.79
N PHE A 3 1.12 18.75 8.60
CA PHE A 3 2.07 17.79 7.99
C PHE A 3 3.28 17.54 8.91
N THR A 4 3.51 16.27 9.24
CA THR A 4 4.78 15.78 9.81
C THR A 4 5.25 14.59 8.92
N PRO A 5 6.58 14.40 8.69
CA PRO A 5 7.08 13.34 7.77
C PRO A 5 6.81 11.90 8.29
N TRP A 6 6.40 11.01 7.35
CA TRP A 6 6.18 9.57 7.64
C TRP A 6 7.41 8.94 8.31
N THR A 7 7.26 8.56 9.59
CA THR A 7 8.30 7.80 10.30
C THR A 7 8.20 6.31 9.93
N THR A 8 9.27 5.55 10.24
CA THR A 8 9.37 4.11 9.92
C THR A 8 8.19 3.33 10.52
N GLU A 9 7.86 3.64 11.79
CA GLU A 9 6.74 3.01 12.51
C GLU A 9 5.40 3.27 11.81
N GLU A 10 5.12 4.54 11.43
CA GLU A 10 3.83 4.95 10.82
C GLU A 10 3.54 4.20 9.50
N GLN A 11 4.58 4.09 8.66
CA GLN A 11 4.46 3.46 7.32
C GLN A 11 4.22 1.94 7.46
N LYS A 12 4.90 1.31 8.43
CA LYS A 12 4.74 -0.12 8.74
C LYS A 12 3.37 -0.40 9.40
N LEU A 13 2.91 0.51 10.27
CA LEU A 13 1.62 0.39 10.99
C LEU A 13 0.46 0.57 10.01
N LEU A 14 0.70 1.38 8.95
CA LEU A 14 -0.27 1.59 7.88
C LEU A 14 -0.52 0.27 7.14
N GLU A 15 0.57 -0.35 6.65
CA GLU A 15 0.51 -1.61 5.89
C GLU A 15 0.03 -2.78 6.76
N GLN A 16 0.36 -2.70 8.05
CA GLN A 16 -0.15 -3.64 9.08
C GLN A 16 -1.68 -3.53 9.15
N ALA A 17 -2.17 -2.28 9.19
CA ALA A 17 -3.61 -1.97 9.30
C ALA A 17 -4.35 -2.24 7.97
N LEU A 18 -3.63 -2.16 6.85
CA LEU A 18 -4.16 -2.51 5.50
C LEU A 18 -4.26 -4.04 5.38
N LYS A 19 -3.38 -4.76 6.11
CA LYS A 19 -3.33 -6.22 6.16
C LYS A 19 -4.33 -6.78 7.21
N THR A 20 -4.64 -5.98 8.25
CA THR A 20 -5.58 -6.35 9.32
C THR A 20 -7.03 -6.04 8.89
N TYR A 21 -7.23 -4.85 8.30
CA TYR A 21 -8.56 -4.35 7.88
C TYR A 21 -8.60 -4.35 6.33
N PRO A 22 -9.44 -5.23 5.69
CA PRO A 22 -9.61 -5.25 4.21
C PRO A 22 -10.42 -4.04 3.71
N VAL A 23 -10.44 -3.88 2.38
CA VAL A 23 -11.20 -2.80 1.70
C VAL A 23 -12.73 -2.94 1.96
N ASN A 24 -13.18 -4.19 2.10
CA ASN A 24 -14.61 -4.53 2.35
C ASN A 24 -15.07 -4.09 3.76
N THR A 25 -14.12 -3.79 4.66
CA THR A 25 -14.42 -3.15 5.96
C THR A 25 -14.83 -1.68 5.71
N PRO A 26 -16.11 -1.28 6.05
CA PRO A 26 -16.61 0.11 5.79
C PRO A 26 -16.01 1.14 6.78
N GLU A 27 -15.36 0.62 7.83
CA GLU A 27 -14.72 1.43 8.88
C GLU A 27 -13.18 1.34 8.76
N ARG A 28 -12.68 0.86 7.59
CA ARG A 28 -11.24 0.53 7.39
C ARG A 28 -10.32 1.66 7.87
N TRP A 29 -10.52 2.85 7.30
CA TRP A 29 -9.66 4.04 7.54
C TRP A 29 -9.83 4.61 8.96
N LYS A 30 -11.00 4.37 9.57
CA LYS A 30 -11.28 4.77 10.96
C LYS A 30 -10.51 3.86 11.94
N LYS A 31 -10.38 2.57 11.57
CA LYS A 31 -9.61 1.60 12.35
C LYS A 31 -8.09 1.82 12.13
N ILE A 32 -7.74 2.27 10.92
CA ILE A 32 -6.35 2.66 10.54
C ILE A 32 -5.94 3.95 11.28
N ALA A 33 -6.92 4.82 11.59
CA ALA A 33 -6.71 6.03 12.41
C ALA A 33 -6.12 5.67 13.79
N GLU A 34 -6.70 4.63 14.38
CA GLU A 34 -6.34 4.15 15.72
C GLU A 34 -5.00 3.39 15.68
N ALA A 35 -4.78 2.69 14.56
CA ALA A 35 -3.56 1.88 14.33
C ALA A 35 -2.34 2.76 13.99
N VAL A 36 -2.60 3.91 13.32
CA VAL A 36 -1.55 4.84 12.85
C VAL A 36 -1.82 6.26 13.42
N PRO A 37 -1.28 6.58 14.65
CA PRO A 37 -1.39 7.93 15.25
C PRO A 37 -0.50 8.96 14.52
N GLY A 38 -0.86 10.25 14.67
CA GLY A 38 -0.14 11.35 14.02
C GLY A 38 -0.59 11.62 12.58
N ARG A 39 -0.90 10.55 11.84
CA ARG A 39 -1.29 10.63 10.43
C ARG A 39 -2.81 10.81 10.27
N THR A 40 -3.19 11.53 9.20
CA THR A 40 -4.60 11.71 8.81
C THR A 40 -4.92 10.73 7.67
N LYS A 41 -6.22 10.46 7.49
CA LYS A 41 -6.68 9.39 6.60
C LYS A 41 -6.42 9.73 5.13
N LYS A 42 -6.33 11.03 4.79
CA LYS A 42 -5.95 11.48 3.43
C LYS A 42 -4.51 11.04 3.11
N ASP A 43 -3.63 11.06 4.15
CA ASP A 43 -2.22 10.64 4.03
C ASP A 43 -2.18 9.12 3.82
N CYS A 44 -2.97 8.44 4.66
CA CYS A 44 -3.11 6.97 4.65
C CYS A 44 -3.62 6.44 3.29
N MET A 45 -4.53 7.20 2.65
CA MET A 45 -5.14 6.82 1.34
C MET A 45 -4.14 7.06 0.20
N LYS A 46 -3.49 8.23 0.22
CA LYS A 46 -2.48 8.62 -0.80
C LYS A 46 -1.25 7.70 -0.76
N ARG A 47 -0.85 7.33 0.45
CA ARG A 47 0.28 6.43 0.68
C ARG A 47 -0.11 5.02 0.21
N TYR A 48 -1.35 4.60 0.55
CA TYR A 48 -1.93 3.30 0.11
C TYR A 48 -2.03 3.21 -1.42
N LYS A 49 -2.36 4.33 -2.07
CA LYS A 49 -2.46 4.41 -3.53
C LYS A 49 -1.08 4.12 -4.14
N GLU A 50 -0.02 4.70 -3.53
CA GLU A 50 1.37 4.41 -3.92
C GLU A 50 1.68 2.91 -3.71
N LEU A 51 1.36 2.41 -2.51
CA LEU A 51 1.68 1.02 -2.08
C LEU A 51 1.07 -0.02 -3.03
N VAL A 52 -0.23 0.12 -3.34
CA VAL A 52 -0.97 -0.83 -4.18
C VAL A 52 -0.47 -0.77 -5.65
N GLU A 53 -0.26 0.45 -6.17
CA GLU A 53 0.20 0.65 -7.57
C GLU A 53 1.66 0.19 -7.76
N MET A 54 2.47 0.26 -6.68
CA MET A 54 3.86 -0.23 -6.69
C MET A 54 3.86 -1.77 -6.72
N VAL A 55 3.01 -2.40 -5.87
CA VAL A 55 2.86 -3.87 -5.86
C VAL A 55 2.40 -4.37 -7.25
N LYS A 56 1.48 -3.63 -7.89
CA LYS A 56 0.97 -3.94 -9.24
C LYS A 56 2.07 -3.86 -10.30
N ALA A 57 2.80 -2.73 -10.30
CA ALA A 57 3.79 -2.40 -11.35
C ALA A 57 5.00 -3.34 -11.29
N LYS A 58 5.58 -3.47 -10.08
CA LYS A 58 6.74 -4.36 -9.80
C LYS A 58 6.42 -5.83 -10.15
N LYS A 59 5.21 -6.27 -9.76
CA LYS A 59 4.76 -7.66 -9.96
C LYS A 59 4.62 -7.98 -11.45
N ALA A 60 3.89 -7.12 -12.18
CA ALA A 60 3.63 -7.30 -13.63
C ALA A 60 4.94 -7.26 -14.43
N ALA A 61 5.84 -6.33 -14.03
CA ALA A 61 7.15 -6.15 -14.67
C ALA A 61 8.08 -7.36 -14.43
N GLN A 62 7.93 -8.01 -13.27
CA GLN A 62 8.71 -9.21 -12.90
C GLN A 62 8.05 -10.49 -13.47
N GLU A 63 6.72 -10.46 -13.63
CA GLU A 63 5.92 -11.63 -14.05
C GLU A 63 6.08 -11.89 -15.56
N GLN A 64 6.11 -10.81 -16.34
CA GLN A 64 6.30 -10.88 -17.80
C GLN A 64 7.70 -11.42 -18.16
N VAL A 65 8.66 -11.18 -17.26
CA VAL A 65 10.05 -11.68 -17.37
C VAL A 65 10.15 -13.14 -16.84
N LEU A 66 9.39 -13.43 -15.77
CA LEU A 66 9.33 -14.78 -15.13
C LEU A 66 8.78 -15.79 -16.14
N ASN A 67 7.60 -15.45 -16.66
CA ASN A 67 6.83 -16.29 -17.60
C ASN A 67 7.62 -16.52 -18.90
N ALA A 68 8.36 -15.49 -19.34
CA ALA A 68 9.19 -15.54 -20.56
C ALA A 68 10.46 -16.40 -20.34
N SER A 69 10.99 -16.37 -19.11
CA SER A 69 12.25 -17.07 -18.74
C SER A 69 12.04 -18.60 -18.71
N ARG A 70 10.94 -19.04 -18.07
CA ARG A 70 10.59 -20.48 -17.97
C ARG A 70 9.92 -20.99 -19.27
N ALA A 71 9.57 -20.05 -20.18
CA ALA A 71 9.04 -20.38 -21.51
C ALA A 71 10.17 -20.75 -22.47
N LYS A 72 9.97 -21.84 -23.24
CA LYS A 72 10.89 -22.27 -24.28
C LYS A 72 10.09 -22.91 -25.43
N LYS A 73 10.25 -22.35 -26.64
CA LYS A 73 9.57 -22.79 -27.88
C LYS A 73 8.03 -22.61 -27.77
N PHE A 3 6.37 19.97 7.93
CA PHE A 3 5.64 18.74 7.52
C PHE A 3 6.44 17.47 7.87
N THR A 4 5.87 16.65 8.74
CA THR A 4 6.42 15.33 9.08
C THR A 4 5.80 14.28 8.13
N PRO A 5 6.60 13.74 7.14
CA PRO A 5 6.10 12.71 6.20
C PRO A 5 5.99 11.33 6.86
N TRP A 6 5.68 10.29 6.08
CA TRP A 6 5.58 8.92 6.58
C TRP A 6 6.96 8.44 7.06
N THR A 7 7.12 8.36 8.39
CA THR A 7 8.31 7.82 9.04
C THR A 7 8.28 6.28 8.96
N THR A 8 9.40 5.63 9.33
CA THR A 8 9.52 4.17 9.31
C THR A 8 8.45 3.53 10.24
N GLU A 9 8.32 4.10 11.44
CA GLU A 9 7.39 3.60 12.48
C GLU A 9 5.91 3.81 12.07
N GLU A 10 5.55 5.04 11.62
CA GLU A 10 4.17 5.38 11.20
C GLU A 10 3.72 4.51 10.02
N GLN A 11 4.63 4.29 9.05
CA GLN A 11 4.30 3.60 7.81
C GLN A 11 4.13 2.08 8.05
N LYS A 12 4.93 1.49 8.99
CA LYS A 12 4.80 0.06 9.35
C LYS A 12 3.47 -0.21 10.07
N LEU A 13 3.00 0.78 10.86
CA LEU A 13 1.66 0.74 11.49
C LEU A 13 0.58 0.66 10.40
N LEU A 14 0.77 1.45 9.32
CA LEU A 14 -0.15 1.50 8.17
C LEU A 14 -0.11 0.17 7.39
N GLU A 15 1.11 -0.31 7.08
CA GLU A 15 1.33 -1.55 6.30
C GLU A 15 0.66 -2.76 6.97
N GLN A 16 0.63 -2.74 8.32
CA GLN A 16 -0.11 -3.74 9.12
C GLN A 16 -1.61 -3.45 9.08
N ALA A 17 -1.99 -2.17 9.25
CA ALA A 17 -3.41 -1.72 9.35
C ALA A 17 -4.23 -2.03 8.08
N LEU A 18 -3.55 -2.04 6.94
CA LEU A 18 -4.15 -2.36 5.63
C LEU A 18 -4.52 -3.86 5.55
N LYS A 19 -3.73 -4.69 6.23
CA LYS A 19 -3.91 -6.16 6.27
C LYS A 19 -4.82 -6.56 7.46
N THR A 20 -4.81 -5.72 8.52
CA THR A 20 -5.59 -5.93 9.74
C THR A 20 -7.08 -5.60 9.50
N TYR A 21 -7.30 -4.51 8.77
CA TYR A 21 -8.65 -4.05 8.40
C TYR A 21 -8.83 -4.25 6.89
N PRO A 22 -9.64 -5.27 6.47
CA PRO A 22 -9.87 -5.57 5.03
C PRO A 22 -10.51 -4.40 4.25
N VAL A 23 -10.31 -4.40 2.93
CA VAL A 23 -10.81 -3.36 2.01
C VAL A 23 -12.36 -3.32 1.95
N ASN A 24 -12.99 -4.49 2.14
CA ASN A 24 -14.47 -4.64 2.13
C ASN A 24 -15.12 -4.14 3.43
N THR A 25 -14.28 -3.68 4.38
CA THR A 25 -14.73 -2.91 5.53
C THR A 25 -14.84 -1.41 5.12
N PRO A 26 -16.08 -0.81 5.06
CA PRO A 26 -16.25 0.64 4.78
C PRO A 26 -15.77 1.54 5.97
N GLU A 27 -15.47 0.91 7.12
CA GLU A 27 -14.90 1.59 8.31
C GLU A 27 -13.37 1.45 8.34
N ARG A 28 -12.77 0.89 7.25
CA ARG A 28 -11.33 0.48 7.19
C ARG A 28 -10.41 1.58 7.73
N TRP A 29 -10.50 2.77 7.10
CA TRP A 29 -9.61 3.92 7.38
C TRP A 29 -9.83 4.47 8.80
N LYS A 30 -11.09 4.51 9.25
CA LYS A 30 -11.44 5.01 10.60
C LYS A 30 -10.89 4.09 11.71
N LYS A 31 -10.74 2.80 11.36
CA LYS A 31 -10.08 1.81 12.23
C LYS A 31 -8.55 1.93 12.12
N ILE A 32 -8.06 2.29 10.91
CA ILE A 32 -6.62 2.57 10.65
C ILE A 32 -6.15 3.80 11.47
N ALA A 33 -7.10 4.70 11.82
CA ALA A 33 -6.85 5.79 12.79
C ALA A 33 -6.39 5.24 14.16
N GLU A 34 -7.03 4.14 14.57
CA GLU A 34 -6.75 3.48 15.87
C GLU A 34 -5.45 2.66 15.80
N ALA A 35 -5.03 2.29 14.59
CA ALA A 35 -3.77 1.55 14.35
C ALA A 35 -2.60 2.53 14.11
N VAL A 36 -2.90 3.69 13.50
CA VAL A 36 -1.91 4.69 13.05
C VAL A 36 -2.31 6.08 13.59
N PRO A 37 -1.76 6.51 14.75
CA PRO A 37 -1.85 7.91 15.20
C PRO A 37 -0.77 8.77 14.49
N GLY A 38 -0.86 10.10 14.67
CA GLY A 38 0.17 11.01 14.14
C GLY A 38 -0.03 11.41 12.67
N ARG A 39 -0.49 10.46 11.84
CA ARG A 39 -0.81 10.69 10.42
C ARG A 39 -2.31 10.56 10.20
N THR A 40 -2.84 11.45 9.34
CA THR A 40 -4.26 11.51 9.01
C THR A 40 -4.60 10.47 7.93
N LYS A 41 -5.89 10.12 7.83
CA LYS A 41 -6.37 9.04 6.94
C LYS A 41 -6.28 9.43 5.46
N LYS A 42 -6.32 10.74 5.17
CA LYS A 42 -6.06 11.27 3.82
C LYS A 42 -4.64 10.85 3.35
N ASP A 43 -3.64 10.98 4.26
CA ASP A 43 -2.22 10.59 4.02
C ASP A 43 -2.12 9.07 3.83
N CYS A 44 -2.91 8.33 4.64
CA CYS A 44 -2.97 6.85 4.60
C CYS A 44 -3.54 6.35 3.26
N MET A 45 -4.52 7.10 2.72
CA MET A 45 -5.15 6.80 1.41
C MET A 45 -4.15 7.05 0.26
N LYS A 46 -3.38 8.17 0.38
CA LYS A 46 -2.33 8.53 -0.60
C LYS A 46 -1.21 7.49 -0.62
N ARG A 47 -0.79 7.07 0.60
CA ARG A 47 0.37 6.20 0.78
C ARG A 47 0.06 4.78 0.29
N TYR A 48 -1.12 4.27 0.68
CA TYR A 48 -1.64 2.97 0.22
C TYR A 48 -1.89 2.99 -1.29
N LYS A 49 -2.31 4.16 -1.82
CA LYS A 49 -2.49 4.34 -3.27
C LYS A 49 -1.14 4.15 -3.97
N GLU A 50 -0.07 4.79 -3.42
CA GLU A 50 1.29 4.67 -3.95
C GLU A 50 1.73 3.19 -3.95
N LEU A 51 1.48 2.49 -2.83
CA LEU A 51 1.87 1.07 -2.66
C LEU A 51 1.21 0.19 -3.75
N VAL A 52 -0.14 0.26 -3.85
CA VAL A 52 -0.93 -0.60 -4.75
C VAL A 52 -0.68 -0.26 -6.24
N GLU A 53 -0.49 1.04 -6.53
CA GLU A 53 -0.20 1.53 -7.89
C GLU A 53 1.18 1.06 -8.37
N MET A 54 2.20 1.27 -7.53
CA MET A 54 3.61 0.96 -7.89
C MET A 54 3.84 -0.54 -8.04
N VAL A 55 3.24 -1.38 -7.16
CA VAL A 55 3.47 -2.85 -7.19
C VAL A 55 2.78 -3.49 -8.41
N LYS A 56 1.56 -3.02 -8.75
CA LYS A 56 0.79 -3.56 -9.88
C LYS A 56 1.29 -2.99 -11.22
N ALA A 57 1.82 -1.75 -11.19
CA ALA A 57 2.47 -1.12 -12.37
C ALA A 57 3.82 -1.80 -12.66
N LYS A 58 4.52 -2.18 -11.58
CA LYS A 58 5.82 -2.88 -11.65
C LYS A 58 5.62 -4.27 -12.25
N LYS A 59 4.66 -5.01 -11.69
CA LYS A 59 4.33 -6.38 -12.11
C LYS A 59 3.83 -6.38 -13.56
N ALA A 60 2.94 -5.43 -13.88
CA ALA A 60 2.37 -5.30 -15.24
C ALA A 60 3.47 -5.03 -16.27
N ALA A 61 4.15 -3.90 -16.10
CA ALA A 61 5.17 -3.40 -17.06
C ALA A 61 6.29 -4.43 -17.30
N GLN A 62 6.73 -5.10 -16.22
CA GLN A 62 7.78 -6.14 -16.28
C GLN A 62 7.27 -7.36 -17.09
N GLU A 63 6.08 -7.86 -16.70
CA GLU A 63 5.48 -9.08 -17.26
C GLU A 63 5.06 -8.89 -18.74
N GLN A 64 4.77 -7.62 -19.12
CA GLN A 64 4.42 -7.25 -20.51
C GLN A 64 5.65 -7.37 -21.43
N VAL A 65 6.81 -6.92 -20.93
CA VAL A 65 8.10 -7.02 -21.64
C VAL A 65 8.56 -8.51 -21.69
N LEU A 66 8.27 -9.26 -20.62
CA LEU A 66 8.54 -10.71 -20.53
C LEU A 66 7.61 -11.52 -21.48
N ASN A 67 6.39 -10.99 -21.71
CA ASN A 67 5.43 -11.58 -22.68
C ASN A 67 5.95 -11.36 -24.11
N ALA A 68 6.47 -10.14 -24.35
CA ALA A 68 7.07 -9.74 -25.62
C ALA A 68 8.37 -10.51 -25.90
N SER A 69 9.07 -10.92 -24.82
CA SER A 69 10.30 -11.73 -24.88
C SER A 69 10.04 -13.12 -25.50
N ARG A 70 8.81 -13.63 -25.33
CA ARG A 70 8.37 -14.89 -25.98
C ARG A 70 7.80 -14.58 -27.38
N ALA A 71 7.05 -13.47 -27.48
CA ALA A 71 6.36 -13.06 -28.73
C ALA A 71 7.37 -12.60 -29.80
N LYS A 72 7.76 -13.53 -30.67
CA LYS A 72 8.62 -13.27 -31.84
C LYS A 72 7.77 -13.32 -33.12
N LYS A 73 6.76 -14.21 -33.09
CA LYS A 73 5.80 -14.40 -34.18
C LYS A 73 4.48 -14.95 -33.57
N PHE A 3 -0.44 17.87 5.36
CA PHE A 3 -0.22 16.42 5.20
C PHE A 3 0.85 15.92 6.20
N THR A 4 0.62 14.75 6.79
CA THR A 4 1.46 14.17 7.83
C THR A 4 2.51 13.21 7.20
N PRO A 5 3.85 13.52 7.31
CA PRO A 5 4.93 12.71 6.69
C PRO A 5 5.12 11.34 7.40
N TRP A 6 5.06 10.26 6.61
CA TRP A 6 5.16 8.89 7.12
C TRP A 6 6.57 8.57 7.59
N THR A 7 6.76 8.62 8.91
CA THR A 7 7.95 8.10 9.58
C THR A 7 7.87 6.56 9.59
N THR A 8 9.04 5.90 9.64
CA THR A 8 9.18 4.44 9.48
C THR A 8 8.28 3.65 10.46
N GLU A 9 8.12 4.18 11.68
CA GLU A 9 7.27 3.58 12.72
C GLU A 9 5.77 3.62 12.33
N GLU A 10 5.23 4.81 12.02
CA GLU A 10 3.81 4.97 11.61
C GLU A 10 3.52 4.29 10.26
N GLN A 11 4.55 4.18 9.42
CA GLN A 11 4.45 3.61 8.07
C GLN A 11 4.27 2.08 8.13
N LYS A 12 4.99 1.40 9.05
CA LYS A 12 4.84 -0.06 9.25
C LYS A 12 3.51 -0.36 10.00
N LEU A 13 3.04 0.62 10.83
CA LEU A 13 1.73 0.55 11.50
C LEU A 13 0.60 0.68 10.47
N LEU A 14 0.86 1.43 9.39
CA LEU A 14 -0.09 1.58 8.29
C LEU A 14 -0.30 0.23 7.58
N GLU A 15 0.82 -0.45 7.26
CA GLU A 15 0.80 -1.76 6.55
C GLU A 15 0.19 -2.86 7.44
N GLN A 16 0.45 -2.74 8.76
CA GLN A 16 -0.21 -3.54 9.81
C GLN A 16 -1.73 -3.41 9.67
N ALA A 17 -2.18 -2.16 9.56
CA ALA A 17 -3.59 -1.80 9.52
C ALA A 17 -4.24 -2.05 8.13
N LEU A 18 -3.44 -1.99 7.06
CA LEU A 18 -3.91 -2.17 5.66
C LEU A 18 -4.24 -3.65 5.41
N LYS A 19 -3.39 -4.52 5.92
CA LYS A 19 -3.44 -5.96 5.66
C LYS A 19 -4.38 -6.67 6.66
N THR A 20 -4.56 -6.07 7.86
CA THR A 20 -5.48 -6.61 8.90
C THR A 20 -6.93 -6.17 8.62
N TYR A 21 -7.14 -4.87 8.34
CA TYR A 21 -8.48 -4.31 8.05
C TYR A 21 -8.72 -4.34 6.53
N PRO A 22 -9.71 -5.16 6.03
CA PRO A 22 -10.02 -5.26 4.58
C PRO A 22 -10.63 -3.96 4.00
N VAL A 23 -10.52 -3.79 2.66
CA VAL A 23 -11.17 -2.69 1.91
C VAL A 23 -12.72 -2.81 2.00
N ASN A 24 -13.19 -4.07 2.20
CA ASN A 24 -14.62 -4.41 2.37
C ASN A 24 -15.21 -3.74 3.64
N THR A 25 -14.34 -3.39 4.61
CA THR A 25 -14.74 -2.65 5.82
C THR A 25 -14.95 -1.15 5.49
N PRO A 26 -16.21 -0.59 5.64
CA PRO A 26 -16.47 0.86 5.46
C PRO A 26 -15.76 1.75 6.53
N GLU A 27 -15.34 1.11 7.63
CA GLU A 27 -14.62 1.78 8.73
C GLU A 27 -13.12 1.37 8.74
N ARG A 28 -12.59 0.94 7.58
CA ARG A 28 -11.19 0.49 7.44
C ARG A 28 -10.23 1.60 7.91
N TRP A 29 -10.30 2.76 7.23
CA TRP A 29 -9.43 3.92 7.49
C TRP A 29 -9.65 4.52 8.89
N LYS A 30 -10.86 4.29 9.46
CA LYS A 30 -11.24 4.74 10.82
C LYS A 30 -10.48 3.89 11.87
N LYS A 31 -10.36 2.58 11.59
CA LYS A 31 -9.60 1.63 12.43
C LYS A 31 -8.08 1.81 12.21
N ILE A 32 -7.71 2.29 11.02
CA ILE A 32 -6.32 2.63 10.67
C ILE A 32 -5.87 3.91 11.42
N ALA A 33 -6.84 4.82 11.73
CA ALA A 33 -6.60 5.99 12.61
C ALA A 33 -6.17 5.57 14.02
N GLU A 34 -6.69 4.43 14.47
CA GLU A 34 -6.43 3.88 15.81
C GLU A 34 -5.06 3.15 15.83
N ALA A 35 -4.82 2.35 14.78
CA ALA A 35 -3.56 1.58 14.63
C ALA A 35 -2.36 2.50 14.29
N VAL A 36 -2.64 3.68 13.70
CA VAL A 36 -1.61 4.66 13.31
C VAL A 36 -1.91 6.03 13.97
N PRO A 37 -1.16 6.43 15.04
CA PRO A 37 -1.34 7.75 15.68
C PRO A 37 -0.62 8.89 14.90
N GLY A 38 -1.23 10.09 14.92
CA GLY A 38 -0.60 11.30 14.39
C GLY A 38 -0.80 11.55 12.90
N ARG A 39 -1.14 10.49 12.14
CA ARG A 39 -1.28 10.57 10.67
C ARG A 39 -2.75 10.69 10.27
N THR A 40 -3.05 11.50 9.24
CA THR A 40 -4.44 11.71 8.78
C THR A 40 -4.78 10.70 7.66
N LYS A 41 -6.08 10.46 7.47
CA LYS A 41 -6.59 9.41 6.57
C LYS A 41 -6.32 9.69 5.09
N LYS A 42 -6.18 10.96 4.72
CA LYS A 42 -5.82 11.35 3.34
C LYS A 42 -4.43 10.82 2.96
N ASP A 43 -3.52 10.83 3.96
CA ASP A 43 -2.15 10.32 3.82
C ASP A 43 -2.15 8.79 3.78
N CYS A 44 -3.05 8.18 4.57
CA CYS A 44 -3.20 6.71 4.64
C CYS A 44 -3.67 6.15 3.29
N MET A 45 -4.63 6.86 2.67
CA MET A 45 -5.21 6.49 1.37
C MET A 45 -4.19 6.69 0.25
N LYS A 46 -3.53 7.86 0.26
CA LYS A 46 -2.52 8.24 -0.76
C LYS A 46 -1.33 7.27 -0.76
N ARG A 47 -0.87 6.90 0.45
CA ARG A 47 0.31 6.03 0.60
C ARG A 47 0.01 4.62 0.06
N TYR A 48 -1.16 4.06 0.44
CA TYR A 48 -1.62 2.72 -0.04
C TYR A 48 -1.86 2.73 -1.56
N LYS A 49 -2.39 3.86 -2.05
CA LYS A 49 -2.63 4.12 -3.48
C LYS A 49 -1.34 3.96 -4.29
N GLU A 50 -0.25 4.58 -3.79
CA GLU A 50 1.07 4.51 -4.43
C GLU A 50 1.58 3.06 -4.46
N LEU A 51 1.48 2.34 -3.31
CA LEU A 51 1.96 0.94 -3.17
C LEU A 51 1.44 0.04 -4.30
N VAL A 52 0.11 0.08 -4.51
CA VAL A 52 -0.58 -0.75 -5.50
C VAL A 52 -0.12 -0.39 -6.92
N GLU A 53 -0.20 0.89 -7.29
CA GLU A 53 0.10 1.35 -8.66
C GLU A 53 1.58 1.11 -9.05
N MET A 54 2.50 1.15 -8.07
CA MET A 54 3.94 0.90 -8.30
C MET A 54 4.21 -0.59 -8.54
N VAL A 55 3.58 -1.48 -7.72
CA VAL A 55 3.75 -2.94 -7.87
C VAL A 55 3.00 -3.45 -9.13
N LYS A 56 1.99 -2.69 -9.60
CA LYS A 56 1.32 -2.97 -10.90
C LYS A 56 2.25 -2.60 -12.05
N ALA A 57 2.97 -1.47 -11.91
CA ALA A 57 3.90 -0.97 -12.94
C ALA A 57 5.08 -1.95 -13.16
N LYS A 58 5.73 -2.32 -12.04
CA LYS A 58 6.91 -3.20 -12.04
C LYS A 58 6.54 -4.62 -12.49
N LYS A 59 5.62 -5.25 -11.74
CA LYS A 59 5.29 -6.68 -11.93
C LYS A 59 4.64 -6.95 -13.30
N ALA A 60 3.92 -5.97 -13.87
CA ALA A 60 3.36 -6.10 -15.23
C ALA A 60 4.49 -6.27 -16.25
N ALA A 61 5.51 -5.40 -16.15
CA ALA A 61 6.69 -5.44 -17.03
C ALA A 61 7.46 -6.77 -16.85
N GLN A 62 7.64 -7.16 -15.58
CA GLN A 62 8.34 -8.42 -15.20
C GLN A 62 7.63 -9.66 -15.73
N GLU A 63 6.29 -9.61 -15.75
CA GLU A 63 5.44 -10.73 -16.19
C GLU A 63 5.44 -10.81 -17.73
N GLN A 64 5.51 -9.65 -18.40
CA GLN A 64 5.57 -9.57 -19.88
C GLN A 64 6.93 -10.11 -20.40
N VAL A 65 8.02 -9.85 -19.63
CA VAL A 65 9.36 -10.41 -19.93
C VAL A 65 9.31 -11.94 -19.79
N LEU A 66 8.86 -12.40 -18.61
CA LEU A 66 8.76 -13.83 -18.25
C LEU A 66 7.89 -14.60 -19.26
N ASN A 67 6.82 -13.95 -19.72
CA ASN A 67 5.88 -14.49 -20.72
C ASN A 67 6.59 -14.75 -22.06
N ALA A 68 7.39 -13.78 -22.50
CA ALA A 68 8.01 -13.78 -23.85
C ALA A 68 9.36 -14.54 -23.90
N SER A 69 10.05 -14.63 -22.74
CA SER A 69 11.46 -15.10 -22.67
C SER A 69 11.56 -16.65 -22.77
N ARG A 70 10.64 -17.36 -22.09
CA ARG A 70 10.61 -18.84 -22.09
C ARG A 70 9.61 -19.39 -23.14
N ALA A 71 9.06 -18.51 -23.99
CA ALA A 71 7.97 -18.87 -24.92
C ALA A 71 8.13 -18.17 -26.29
N LYS A 72 7.20 -18.50 -27.21
CA LYS A 72 7.26 -18.06 -28.63
C LYS A 72 5.86 -17.71 -29.17
N LYS A 73 4.87 -17.55 -28.25
CA LYS A 73 3.52 -17.06 -28.61
C LYS A 73 3.59 -15.55 -28.94
N PHE A 3 4.73 19.50 7.37
CA PHE A 3 4.22 18.14 7.64
C PHE A 3 5.27 17.09 7.21
N THR A 4 5.67 16.25 8.17
CA THR A 4 6.63 15.16 7.96
C THR A 4 5.96 13.99 7.19
N PRO A 5 6.69 13.28 6.27
CA PRO A 5 6.13 12.12 5.54
C PRO A 5 6.12 10.84 6.40
N TRP A 6 5.58 9.76 5.81
CA TRP A 6 5.46 8.45 6.46
C TRP A 6 6.85 7.86 6.76
N THR A 7 7.22 7.87 8.04
CA THR A 7 8.47 7.25 8.52
C THR A 7 8.32 5.71 8.55
N THR A 8 9.41 4.99 8.88
CA THR A 8 9.42 3.52 8.93
C THR A 8 8.39 2.99 9.96
N GLU A 9 8.27 3.70 11.10
CA GLU A 9 7.32 3.34 12.17
C GLU A 9 5.86 3.67 11.78
N GLU A 10 5.64 4.88 11.18
CA GLU A 10 4.30 5.28 10.67
C GLU A 10 3.79 4.25 9.62
N GLN A 11 4.74 3.81 8.77
CA GLN A 11 4.49 2.81 7.73
C GLN A 11 4.03 1.49 8.35
N LYS A 12 4.82 0.94 9.29
CA LYS A 12 4.53 -0.36 9.93
C LYS A 12 3.10 -0.41 10.54
N LEU A 13 2.71 0.71 11.18
CA LEU A 13 1.36 0.88 11.77
C LEU A 13 0.26 0.84 10.68
N LEU A 14 0.57 1.44 9.52
CA LEU A 14 -0.32 1.49 8.35
C LEU A 14 -0.45 0.10 7.70
N GLU A 15 0.71 -0.52 7.38
CA GLU A 15 0.82 -1.75 6.56
C GLU A 15 0.07 -2.92 7.22
N GLN A 16 0.28 -3.08 8.54
CA GLN A 16 -0.37 -4.13 9.34
C GLN A 16 -1.89 -3.91 9.31
N ALA A 17 -2.30 -2.63 9.43
CA ALA A 17 -3.71 -2.23 9.55
C ALA A 17 -4.45 -2.30 8.20
N LEU A 18 -3.71 -2.16 7.09
CA LEU A 18 -4.25 -2.29 5.72
C LEU A 18 -4.76 -3.71 5.46
N LYS A 19 -4.02 -4.70 5.99
CA LYS A 19 -4.34 -6.12 5.81
C LYS A 19 -5.28 -6.63 6.93
N THR A 20 -5.04 -6.13 8.17
CA THR A 20 -5.83 -6.48 9.37
C THR A 20 -7.31 -6.04 9.18
N TYR A 21 -7.47 -4.82 8.66
CA TYR A 21 -8.78 -4.30 8.24
C TYR A 21 -8.79 -4.33 6.70
N PRO A 22 -9.38 -5.41 6.08
CA PRO A 22 -9.38 -5.58 4.60
C PRO A 22 -10.09 -4.41 3.86
N VAL A 23 -9.89 -4.33 2.52
CA VAL A 23 -10.31 -3.16 1.72
C VAL A 23 -11.85 -2.97 1.70
N ASN A 24 -12.60 -4.09 1.76
CA ASN A 24 -14.09 -4.08 1.72
C ASN A 24 -14.71 -3.58 3.04
N THR A 25 -13.88 -3.39 4.10
CA THR A 25 -14.33 -2.90 5.42
C THR A 25 -14.79 -1.41 5.32
N PRO A 26 -16.10 -1.09 5.61
CA PRO A 26 -16.62 0.31 5.58
C PRO A 26 -15.88 1.26 6.55
N GLU A 27 -15.47 0.74 7.72
CA GLU A 27 -14.74 1.50 8.76
C GLU A 27 -13.23 1.22 8.73
N ARG A 28 -12.70 0.76 7.56
CA ARG A 28 -11.27 0.35 7.42
C ARG A 28 -10.33 1.44 7.98
N TRP A 29 -10.49 2.64 7.46
CA TRP A 29 -9.61 3.79 7.71
C TRP A 29 -9.83 4.40 9.11
N LYS A 30 -11.04 4.21 9.68
CA LYS A 30 -11.36 4.68 11.05
C LYS A 30 -10.61 3.80 12.08
N LYS A 31 -10.45 2.52 11.72
CA LYS A 31 -9.73 1.53 12.53
C LYS A 31 -8.20 1.69 12.34
N ILE A 32 -7.79 2.09 11.11
CA ILE A 32 -6.39 2.42 10.78
C ILE A 32 -5.96 3.72 11.50
N ALA A 33 -6.94 4.60 11.76
CA ALA A 33 -6.76 5.83 12.56
C ALA A 33 -6.24 5.51 13.96
N GLU A 34 -6.80 4.45 14.55
CA GLU A 34 -6.46 3.98 15.90
C GLU A 34 -5.05 3.36 15.91
N ALA A 35 -4.66 2.75 14.78
CA ALA A 35 -3.33 2.13 14.60
C ALA A 35 -2.25 3.20 14.35
N VAL A 36 -2.61 4.25 13.57
CA VAL A 36 -1.64 5.26 13.09
C VAL A 36 -1.96 6.65 13.68
N PRO A 37 -1.18 7.13 14.70
CA PRO A 37 -1.27 8.53 15.18
C PRO A 37 -0.36 9.50 14.37
N GLY A 38 -0.75 10.79 14.33
CA GLY A 38 0.02 11.84 13.65
C GLY A 38 -0.20 11.93 12.15
N ARG A 39 -1.06 11.04 11.61
CA ARG A 39 -1.41 11.00 10.17
C ARG A 39 -2.94 10.99 10.02
N THR A 40 -3.47 11.83 9.11
CA THR A 40 -4.89 11.83 8.78
C THR A 40 -5.17 10.72 7.74
N LYS A 41 -6.45 10.34 7.61
CA LYS A 41 -6.85 9.20 6.79
C LYS A 41 -6.64 9.48 5.29
N LYS A 42 -6.66 10.77 4.89
CA LYS A 42 -6.35 11.15 3.50
C LYS A 42 -4.86 10.85 3.19
N ASP A 43 -3.98 10.93 4.22
CA ASP A 43 -2.55 10.54 4.09
C ASP A 43 -2.43 9.03 3.98
N CYS A 44 -3.27 8.32 4.76
CA CYS A 44 -3.30 6.84 4.80
C CYS A 44 -3.73 6.25 3.43
N MET A 45 -4.70 6.92 2.80
CA MET A 45 -5.27 6.52 1.49
C MET A 45 -4.30 6.91 0.35
N LYS A 46 -3.73 8.12 0.48
CA LYS A 46 -2.73 8.65 -0.46
C LYS A 46 -1.54 7.70 -0.52
N ARG A 47 -1.03 7.32 0.67
CA ARG A 47 0.15 6.46 0.79
C ARG A 47 -0.17 5.06 0.25
N TYR A 48 -1.36 4.53 0.61
CA TYR A 48 -1.85 3.21 0.14
C TYR A 48 -1.94 3.17 -1.40
N LYS A 49 -2.35 4.29 -1.99
CA LYS A 49 -2.39 4.47 -3.46
C LYS A 49 -0.98 4.31 -4.05
N GLU A 50 0.00 5.01 -3.42
CA GLU A 50 1.41 4.98 -3.84
C GLU A 50 1.97 3.54 -3.72
N LEU A 51 1.57 2.85 -2.63
CA LEU A 51 2.02 1.47 -2.30
C LEU A 51 1.57 0.47 -3.38
N VAL A 52 0.26 0.56 -3.73
CA VAL A 52 -0.35 -0.28 -4.78
C VAL A 52 0.37 -0.07 -6.12
N GLU A 53 0.53 1.20 -6.50
CA GLU A 53 1.16 1.58 -7.79
C GLU A 53 2.65 1.18 -7.84
N MET A 54 3.37 1.31 -6.72
CA MET A 54 4.83 1.09 -6.69
C MET A 54 5.16 -0.41 -6.64
N VAL A 55 4.28 -1.22 -6.01
CA VAL A 55 4.52 -2.68 -5.86
C VAL A 55 4.20 -3.42 -7.19
N LYS A 56 3.15 -2.95 -7.89
CA LYS A 56 2.72 -3.57 -9.17
C LYS A 56 3.67 -3.18 -10.32
N ALA A 57 4.18 -1.92 -10.27
CA ALA A 57 5.13 -1.40 -11.27
C ALA A 57 6.51 -2.03 -11.09
N LYS A 58 6.89 -2.26 -9.82
CA LYS A 58 8.14 -2.95 -9.46
C LYS A 58 8.10 -4.41 -9.92
N LYS A 59 6.95 -5.06 -9.64
CA LYS A 59 6.70 -6.46 -10.02
C LYS A 59 6.66 -6.60 -11.55
N ALA A 60 6.11 -5.59 -12.24
CA ALA A 60 6.03 -5.57 -13.72
C ALA A 60 7.43 -5.46 -14.34
N ALA A 61 8.22 -4.50 -13.85
CA ALA A 61 9.55 -4.18 -14.42
C ALA A 61 10.61 -5.24 -14.04
N GLN A 62 10.31 -6.06 -13.02
CA GLN A 62 11.18 -7.20 -12.63
C GLN A 62 10.73 -8.48 -13.36
N GLU A 63 9.49 -8.93 -13.07
CA GLU A 63 8.92 -10.20 -13.55
C GLU A 63 8.84 -10.26 -15.08
N GLN A 64 8.15 -9.28 -15.70
CA GLN A 64 7.86 -9.29 -17.16
C GLN A 64 9.15 -9.18 -17.99
N VAL A 65 10.14 -8.42 -17.47
CA VAL A 65 11.47 -8.28 -18.10
C VAL A 65 12.30 -9.58 -17.93
N LEU A 66 12.11 -10.27 -16.80
CA LEU A 66 12.72 -11.60 -16.55
C LEU A 66 12.17 -12.63 -17.55
N ASN A 67 10.85 -12.53 -17.86
CA ASN A 67 10.18 -13.37 -18.89
C ASN A 67 10.57 -12.94 -20.32
N ALA A 68 10.88 -11.64 -20.49
CA ALA A 68 11.35 -11.09 -21.79
C ALA A 68 12.77 -11.58 -22.10
N SER A 69 13.53 -11.89 -21.03
CA SER A 69 14.88 -12.48 -21.15
C SER A 69 14.79 -13.98 -21.48
N ARG A 70 13.70 -14.65 -21.03
CA ARG A 70 13.44 -16.07 -21.35
C ARG A 70 12.94 -16.18 -22.82
N ALA A 71 11.73 -15.67 -23.04
CA ALA A 71 11.08 -15.64 -24.36
C ALA A 71 11.42 -14.32 -25.08
N LYS A 72 12.59 -14.31 -25.72
CA LYS A 72 13.04 -13.19 -26.55
C LYS A 72 12.20 -13.14 -27.84
N LYS A 73 11.18 -12.27 -27.85
CA LYS A 73 10.25 -12.12 -28.99
C LYS A 73 10.39 -10.68 -29.56
N PHE A 3 4.73 20.19 7.99
CA PHE A 3 4.03 18.97 7.51
C PHE A 3 4.96 17.75 7.50
N THR A 4 4.59 16.75 8.31
CA THR A 4 5.37 15.53 8.47
C THR A 4 4.87 14.45 7.48
N PRO A 5 5.76 13.92 6.59
CA PRO A 5 5.44 12.73 5.76
C PRO A 5 5.45 11.43 6.60
N TRP A 6 5.33 10.29 5.92
CA TRP A 6 5.29 8.96 6.55
C TRP A 6 6.67 8.56 7.08
N THR A 7 6.80 8.58 8.41
CA THR A 7 7.97 8.05 9.11
C THR A 7 7.92 6.50 9.11
N THR A 8 9.04 5.86 9.46
CA THR A 8 9.18 4.39 9.38
C THR A 8 8.19 3.68 10.35
N GLU A 9 7.99 4.28 11.54
CA GLU A 9 7.06 3.75 12.57
C GLU A 9 5.60 3.79 12.07
N GLU A 10 5.18 4.95 11.56
CA GLU A 10 3.81 5.19 11.08
C GLU A 10 3.49 4.30 9.87
N GLN A 11 4.52 4.09 9.03
CA GLN A 11 4.42 3.27 7.81
C GLN A 11 4.15 1.80 8.20
N LYS A 12 4.85 1.32 9.24
CA LYS A 12 4.67 -0.06 9.78
C LYS A 12 3.31 -0.22 10.48
N LEU A 13 2.84 0.87 11.11
CA LEU A 13 1.51 0.92 11.75
C LEU A 13 0.40 0.91 10.68
N LEU A 14 0.71 1.47 9.49
CA LEU A 14 -0.19 1.43 8.33
C LEU A 14 -0.19 0.02 7.71
N GLU A 15 1.00 -0.62 7.61
CA GLU A 15 1.16 -1.97 7.05
C GLU A 15 0.28 -2.99 7.78
N GLN A 16 0.49 -3.12 9.11
CA GLN A 16 -0.25 -4.07 9.96
C GLN A 16 -1.77 -3.81 9.90
N ALA A 17 -2.13 -2.53 9.67
CA ALA A 17 -3.52 -2.11 9.55
C ALA A 17 -4.13 -2.54 8.19
N LEU A 18 -3.34 -2.42 7.11
CA LEU A 18 -3.77 -2.82 5.75
C LEU A 18 -3.88 -4.36 5.65
N LYS A 19 -3.05 -5.05 6.47
CA LYS A 19 -3.02 -6.53 6.53
C LYS A 19 -4.20 -7.07 7.37
N THR A 20 -4.46 -6.41 8.52
CA THR A 20 -5.52 -6.84 9.47
C THR A 20 -6.92 -6.54 8.91
N TYR A 21 -7.16 -5.28 8.54
CA TYR A 21 -8.48 -4.82 8.06
C TYR A 21 -8.64 -5.17 6.57
N PRO A 22 -9.89 -5.51 6.10
CA PRO A 22 -10.20 -5.62 4.65
C PRO A 22 -10.53 -4.26 3.99
N VAL A 23 -10.38 -4.21 2.66
CA VAL A 23 -10.58 -2.98 1.87
C VAL A 23 -12.08 -2.70 1.63
N ASN A 24 -12.91 -3.75 1.77
CA ASN A 24 -14.38 -3.66 1.61
C ASN A 24 -15.06 -3.07 2.86
N THR A 25 -14.27 -2.90 3.95
CA THR A 25 -14.76 -2.35 5.22
C THR A 25 -14.97 -0.81 5.09
N PRO A 26 -16.21 -0.29 5.35
CA PRO A 26 -16.49 1.18 5.31
C PRO A 26 -15.80 1.95 6.47
N GLU A 27 -15.43 1.22 7.54
CA GLU A 27 -14.72 1.77 8.71
C GLU A 27 -13.25 1.30 8.75
N ARG A 28 -12.71 0.88 7.58
CA ARG A 28 -11.28 0.45 7.43
C ARG A 28 -10.33 1.52 7.96
N TRP A 29 -10.41 2.71 7.33
CA TRP A 29 -9.51 3.85 7.61
C TRP A 29 -9.79 4.46 8.99
N LYS A 30 -11.06 4.33 9.46
CA LYS A 30 -11.45 4.79 10.81
C LYS A 30 -10.72 3.97 11.90
N LYS A 31 -10.54 2.66 11.63
CA LYS A 31 -9.78 1.76 12.52
C LYS A 31 -8.27 1.98 12.36
N ILE A 32 -7.86 2.33 11.12
CA ILE A 32 -6.46 2.70 10.78
C ILE A 32 -6.04 3.99 11.51
N ALA A 33 -7.02 4.84 11.83
CA ALA A 33 -6.82 5.99 12.74
C ALA A 33 -6.28 5.55 14.12
N GLU A 34 -6.84 4.46 14.63
CA GLU A 34 -6.49 3.91 15.95
C GLU A 34 -5.22 3.03 15.87
N ALA A 35 -4.83 2.66 14.64
CA ALA A 35 -3.56 1.95 14.36
C ALA A 35 -2.40 2.94 14.10
N VAL A 36 -2.72 4.08 13.47
CA VAL A 36 -1.75 5.10 13.01
C VAL A 36 -2.08 6.46 13.68
N PRO A 37 -1.43 6.81 14.83
CA PRO A 37 -1.63 8.08 15.52
C PRO A 37 -0.60 9.16 15.09
N GLY A 38 -1.09 10.21 14.42
CA GLY A 38 -0.25 11.34 13.98
C GLY A 38 -0.26 11.55 12.47
N ARG A 39 -0.28 10.45 11.69
CA ARG A 39 -0.49 10.54 10.22
C ARG A 39 -1.95 10.25 9.90
N THR A 40 -2.53 11.14 9.07
CA THR A 40 -3.98 11.18 8.82
C THR A 40 -4.40 10.20 7.71
N LYS A 41 -5.70 9.93 7.64
CA LYS A 41 -6.27 8.86 6.79
C LYS A 41 -6.31 9.26 5.32
N LYS A 42 -6.31 10.57 5.05
CA LYS A 42 -6.08 11.11 3.69
C LYS A 42 -4.68 10.69 3.20
N ASP A 43 -3.69 10.77 4.11
CA ASP A 43 -2.30 10.34 3.87
C ASP A 43 -2.23 8.80 3.78
N CYS A 44 -3.08 8.10 4.57
CA CYS A 44 -3.14 6.62 4.58
C CYS A 44 -3.66 6.08 3.24
N MET A 45 -4.71 6.74 2.72
CA MET A 45 -5.30 6.41 1.41
C MET A 45 -4.33 6.76 0.27
N LYS A 46 -3.61 7.90 0.45
CA LYS A 46 -2.61 8.36 -0.52
C LYS A 46 -1.45 7.35 -0.62
N ARG A 47 -0.91 6.95 0.56
CA ARG A 47 0.25 6.04 0.61
C ARG A 47 -0.17 4.67 0.04
N TYR A 48 -1.38 4.22 0.41
CA TYR A 48 -1.97 2.97 -0.09
C TYR A 48 -2.14 3.01 -1.63
N LYS A 49 -2.51 4.19 -2.15
CA LYS A 49 -2.69 4.41 -3.59
C LYS A 49 -1.34 4.26 -4.29
N GLU A 50 -0.30 4.87 -3.71
CA GLU A 50 1.10 4.79 -4.19
C GLU A 50 1.62 3.34 -4.13
N LEU A 51 1.16 2.57 -3.11
CA LEU A 51 1.50 1.15 -2.96
C LEU A 51 0.90 0.34 -4.12
N VAL A 52 -0.37 0.65 -4.46
CA VAL A 52 -1.09 0.02 -5.59
C VAL A 52 -0.38 0.33 -6.93
N GLU A 53 0.14 1.58 -7.06
CA GLU A 53 0.90 2.01 -8.25
C GLU A 53 2.19 1.18 -8.38
N MET A 54 2.95 1.10 -7.27
CA MET A 54 4.25 0.44 -7.24
C MET A 54 4.12 -1.10 -7.44
N VAL A 55 3.01 -1.68 -6.94
CA VAL A 55 2.73 -3.13 -7.11
C VAL A 55 2.43 -3.42 -8.60
N LYS A 56 1.40 -2.74 -9.14
CA LYS A 56 0.90 -2.98 -10.51
C LYS A 56 1.96 -2.68 -11.58
N ALA A 57 2.60 -1.50 -11.46
CA ALA A 57 3.62 -1.04 -12.44
C ALA A 57 4.84 -1.98 -12.48
N LYS A 58 5.32 -2.37 -11.29
CA LYS A 58 6.53 -3.20 -11.13
C LYS A 58 6.27 -4.62 -11.65
N LYS A 59 5.15 -5.23 -11.22
CA LYS A 59 4.80 -6.62 -11.58
C LYS A 59 4.48 -6.74 -13.08
N ALA A 60 3.89 -5.68 -13.66
CA ALA A 60 3.63 -5.60 -15.11
C ALA A 60 4.95 -5.49 -15.88
N ALA A 61 5.89 -4.69 -15.32
CA ALA A 61 7.22 -4.46 -15.91
C ALA A 61 8.07 -5.74 -15.93
N GLN A 62 7.93 -6.55 -14.87
CA GLN A 62 8.64 -7.84 -14.75
C GLN A 62 8.04 -8.87 -15.70
N GLU A 63 6.70 -8.86 -15.82
CA GLU A 63 5.94 -9.88 -16.57
C GLU A 63 6.10 -9.68 -18.11
N GLN A 64 6.08 -8.40 -18.55
CA GLN A 64 6.17 -8.04 -19.98
C GLN A 64 7.55 -8.36 -20.58
N VAL A 65 8.55 -8.39 -19.70
CA VAL A 65 9.93 -8.79 -20.06
C VAL A 65 10.06 -10.33 -20.00
N LEU A 66 9.32 -10.94 -19.07
CA LEU A 66 9.37 -12.39 -18.82
C LEU A 66 8.73 -13.17 -19.99
N ASN A 67 7.73 -12.58 -20.67
CA ASN A 67 7.03 -13.23 -21.81
C ASN A 67 7.96 -13.38 -23.04
N ALA A 68 9.04 -12.58 -23.09
CA ALA A 68 10.07 -12.71 -24.12
C ALA A 68 10.97 -13.94 -23.83
N SER A 69 11.20 -14.19 -22.53
CA SER A 69 12.01 -15.33 -22.05
C SER A 69 11.15 -16.63 -21.98
N ARG A 70 9.82 -16.47 -21.91
CA ARG A 70 8.87 -17.60 -21.73
C ARG A 70 8.20 -18.00 -23.06
N ALA A 71 7.48 -17.04 -23.67
CA ALA A 71 6.68 -17.28 -24.89
C ALA A 71 7.57 -17.14 -26.15
N LYS A 72 7.35 -18.04 -27.11
CA LYS A 72 8.05 -18.07 -28.41
C LYS A 72 7.18 -17.43 -29.51
N LYS A 73 5.88 -17.32 -29.24
CA LYS A 73 4.88 -16.73 -30.17
C LYS A 73 4.74 -15.22 -29.86
N PHE A 3 7.17 19.56 7.56
CA PHE A 3 6.54 18.32 7.09
C PHE A 3 7.38 17.11 7.55
N THR A 4 6.74 16.16 8.24
CA THR A 4 7.34 14.88 8.61
C THR A 4 6.77 13.78 7.67
N PRO A 5 7.65 13.02 6.94
CA PRO A 5 7.19 11.92 6.05
C PRO A 5 6.87 10.64 6.86
N TRP A 6 6.25 9.65 6.20
CA TRP A 6 5.92 8.35 6.83
C TRP A 6 7.21 7.64 7.29
N THR A 7 7.53 7.80 8.59
CA THR A 7 8.74 7.23 9.21
C THR A 7 8.63 5.70 9.31
N THR A 8 9.76 5.05 9.65
CA THR A 8 9.89 3.58 9.66
C THR A 8 8.80 2.90 10.53
N GLU A 9 8.53 3.49 11.71
CA GLU A 9 7.50 3.00 12.65
C GLU A 9 6.08 3.22 12.06
N GLU A 10 5.75 4.48 11.68
CA GLU A 10 4.39 4.89 11.24
C GLU A 10 3.96 4.14 9.96
N GLN A 11 4.94 3.89 9.08
CA GLN A 11 4.73 3.22 7.79
C GLN A 11 4.34 1.76 8.01
N LYS A 12 5.08 1.06 8.89
CA LYS A 12 4.84 -0.37 9.19
C LYS A 12 3.54 -0.56 10.00
N LEU A 13 3.19 0.42 10.85
CA LEU A 13 1.90 0.46 11.56
C LEU A 13 0.74 0.55 10.55
N LEU A 14 0.99 1.30 9.45
CA LEU A 14 0.03 1.42 8.33
C LEU A 14 -0.07 0.07 7.59
N GLU A 15 1.09 -0.57 7.28
CA GLU A 15 1.15 -1.87 6.55
C GLU A 15 0.35 -2.96 7.29
N GLN A 16 0.46 -2.94 8.63
CA GLN A 16 -0.29 -3.82 9.52
C GLN A 16 -1.79 -3.56 9.36
N ALA A 17 -2.18 -2.29 9.52
CA ALA A 17 -3.58 -1.86 9.57
C ALA A 17 -4.30 -2.02 8.20
N LEU A 18 -3.54 -1.89 7.11
CA LEU A 18 -4.06 -2.06 5.73
C LEU A 18 -4.42 -3.54 5.49
N LYS A 19 -3.62 -4.43 6.08
CA LYS A 19 -3.79 -5.89 5.97
C LYS A 19 -4.84 -6.39 6.98
N THR A 20 -4.90 -5.74 8.17
CA THR A 20 -5.80 -6.14 9.28
C THR A 20 -7.26 -5.82 8.92
N TYR A 21 -7.47 -4.63 8.33
CA TYR A 21 -8.80 -4.20 7.84
C TYR A 21 -8.77 -4.25 6.30
N PRO A 22 -9.34 -5.32 5.65
CA PRO A 22 -9.38 -5.44 4.16
C PRO A 22 -10.14 -4.26 3.50
N VAL A 23 -10.10 -4.19 2.16
CA VAL A 23 -10.58 -3.01 1.41
C VAL A 23 -12.12 -2.86 1.50
N ASN A 24 -12.82 -3.98 1.73
CA ASN A 24 -14.30 -3.98 1.85
C ASN A 24 -14.75 -3.72 3.30
N THR A 25 -13.80 -3.36 4.19
CA THR A 25 -14.12 -2.84 5.53
C THR A 25 -14.51 -1.35 5.38
N PRO A 26 -15.81 -0.95 5.67
CA PRO A 26 -16.22 0.48 5.61
C PRO A 26 -15.58 1.33 6.74
N GLU A 27 -15.03 0.63 7.74
CA GLU A 27 -14.37 1.25 8.90
C GLU A 27 -12.83 1.13 8.79
N ARG A 28 -12.32 0.78 7.57
CA ARG A 28 -10.86 0.49 7.35
C ARG A 28 -9.99 1.65 7.86
N TRP A 29 -10.19 2.81 7.25
CA TRP A 29 -9.37 4.00 7.46
C TRP A 29 -9.64 4.61 8.84
N LYS A 30 -10.88 4.47 9.32
CA LYS A 30 -11.31 4.93 10.66
C LYS A 30 -10.48 4.24 11.76
N LYS A 31 -10.32 2.92 11.61
CA LYS A 31 -9.58 2.06 12.56
C LYS A 31 -8.06 2.15 12.34
N ILE A 32 -7.65 2.60 11.14
CA ILE A 32 -6.24 2.94 10.83
C ILE A 32 -5.80 4.20 11.62
N ALA A 33 -6.77 5.08 11.97
CA ALA A 33 -6.52 6.21 12.89
C ALA A 33 -6.11 5.73 14.30
N GLU A 34 -6.69 4.58 14.73
CA GLU A 34 -6.38 3.96 16.03
C GLU A 34 -4.99 3.29 16.01
N ALA A 35 -4.69 2.61 14.89
CA ALA A 35 -3.43 1.87 14.69
C ALA A 35 -2.24 2.81 14.36
N VAL A 36 -2.56 3.92 13.67
CA VAL A 36 -1.56 4.93 13.23
C VAL A 36 -2.07 6.33 13.67
N PRO A 37 -1.66 6.83 14.88
CA PRO A 37 -2.15 8.11 15.43
C PRO A 37 -1.48 9.33 14.76
N GLY A 38 -2.22 10.45 14.69
CA GLY A 38 -1.73 11.72 14.14
C GLY A 38 -1.87 11.81 12.63
N ARG A 39 -1.62 10.71 11.91
CA ARG A 39 -1.73 10.64 10.44
C ARG A 39 -3.20 10.72 10.01
N THR A 40 -3.50 11.60 9.04
CA THR A 40 -4.85 11.81 8.53
C THR A 40 -5.21 10.71 7.51
N LYS A 41 -6.51 10.43 7.39
CA LYS A 41 -7.03 9.33 6.56
C LYS A 41 -6.80 9.58 5.07
N LYS A 42 -6.84 10.87 4.65
CA LYS A 42 -6.52 11.26 3.27
C LYS A 42 -5.06 10.89 2.90
N ASP A 43 -4.14 11.04 3.87
CA ASP A 43 -2.71 10.70 3.70
C ASP A 43 -2.48 9.17 3.77
N CYS A 44 -3.35 8.47 4.51
CA CYS A 44 -3.35 7.01 4.60
C CYS A 44 -3.83 6.39 3.26
N MET A 45 -4.86 7.02 2.66
CA MET A 45 -5.45 6.60 1.36
C MET A 45 -4.46 6.87 0.22
N LYS A 46 -3.80 8.04 0.33
CA LYS A 46 -2.75 8.49 -0.61
C LYS A 46 -1.60 7.48 -0.61
N ARG A 47 -1.13 7.14 0.60
CA ARG A 47 0.06 6.28 0.78
C ARG A 47 -0.22 4.87 0.24
N TYR A 48 -1.39 4.31 0.60
CA TYR A 48 -1.83 2.97 0.12
C TYR A 48 -2.07 2.99 -1.41
N LYS A 49 -2.48 4.16 -1.94
CA LYS A 49 -2.63 4.36 -3.41
C LYS A 49 -1.26 4.20 -4.08
N GLU A 50 -0.23 4.84 -3.49
CA GLU A 50 1.17 4.72 -3.98
C GLU A 50 1.61 3.24 -3.98
N LEU A 51 1.36 2.56 -2.85
CA LEU A 51 1.78 1.16 -2.64
C LEU A 51 1.18 0.23 -3.69
N VAL A 52 -0.16 0.27 -3.83
CA VAL A 52 -0.90 -0.63 -4.74
C VAL A 52 -0.51 -0.35 -6.21
N GLU A 53 -0.34 0.95 -6.57
CA GLU A 53 0.09 1.36 -7.92
C GLU A 53 1.45 0.75 -8.28
N MET A 54 2.43 0.93 -7.39
CA MET A 54 3.84 0.55 -7.64
C MET A 54 3.97 -0.98 -7.77
N VAL A 55 3.37 -1.71 -6.82
CA VAL A 55 3.51 -3.18 -6.77
C VAL A 55 2.85 -3.85 -8.00
N LYS A 56 1.64 -3.40 -8.40
CA LYS A 56 0.89 -4.00 -9.51
C LYS A 56 1.41 -3.52 -10.88
N ALA A 57 2.00 -2.30 -10.93
CA ALA A 57 2.62 -1.76 -12.16
C ALA A 57 3.90 -2.53 -12.51
N LYS A 58 4.75 -2.76 -11.47
CA LYS A 58 5.97 -3.57 -11.61
C LYS A 58 5.59 -4.99 -12.04
N LYS A 59 4.62 -5.58 -11.33
CA LYS A 59 4.14 -6.96 -11.58
C LYS A 59 3.53 -7.10 -12.99
N ALA A 60 2.80 -6.06 -13.43
CA ALA A 60 2.12 -6.07 -14.75
C ALA A 60 3.14 -6.13 -15.89
N ALA A 61 4.12 -5.22 -15.83
CA ALA A 61 5.21 -5.15 -16.83
C ALA A 61 6.05 -6.44 -16.79
N GLN A 62 6.44 -6.83 -15.57
CA GLN A 62 7.30 -8.01 -15.28
C GLN A 62 6.74 -9.29 -15.89
N GLU A 63 5.47 -9.56 -15.59
CA GLU A 63 4.76 -10.76 -16.00
C GLU A 63 4.57 -10.77 -17.52
N GLN A 64 4.23 -9.59 -18.09
CA GLN A 64 4.00 -9.45 -19.55
C GLN A 64 5.33 -9.42 -20.35
N VAL A 65 6.47 -9.15 -19.69
CA VAL A 65 7.81 -9.32 -20.29
C VAL A 65 8.08 -10.83 -20.45
N LEU A 66 7.91 -11.55 -19.32
CA LEU A 66 8.11 -13.01 -19.25
C LEU A 66 7.15 -13.75 -20.19
N ASN A 67 5.92 -13.22 -20.31
CA ASN A 67 4.87 -13.78 -21.15
C ASN A 67 5.25 -13.62 -22.64
N ALA A 68 5.55 -12.37 -23.03
CA ALA A 68 5.89 -12.00 -24.42
C ALA A 68 7.16 -12.71 -24.92
N SER A 69 8.12 -12.91 -23.99
CA SER A 69 9.43 -13.49 -24.27
C SER A 69 9.31 -15.00 -24.52
N ARG A 70 8.49 -15.67 -23.69
CA ARG A 70 8.22 -17.12 -23.81
C ARG A 70 7.15 -17.40 -24.87
N ALA A 71 6.42 -16.36 -25.30
CA ALA A 71 5.40 -16.45 -26.37
C ALA A 71 6.07 -16.51 -27.74
N LYS A 72 5.39 -17.14 -28.70
CA LYS A 72 5.92 -17.40 -30.05
C LYS A 72 5.85 -16.14 -30.94
N LYS A 73 6.56 -16.20 -32.07
CA LYS A 73 6.63 -15.12 -33.06
C LYS A 73 5.85 -15.56 -34.33
N PHE A 3 5.27 19.41 5.35
CA PHE A 3 5.22 18.45 6.45
C PHE A 3 6.25 17.34 6.17
N THR A 4 6.74 16.69 7.23
CA THR A 4 7.64 15.54 7.14
C THR A 4 6.90 14.33 6.51
N PRO A 5 7.57 13.50 5.65
CA PRO A 5 6.93 12.32 4.99
C PRO A 5 6.59 11.18 5.98
N TRP A 6 6.02 10.09 5.44
CA TRP A 6 5.62 8.92 6.23
C TRP A 6 6.85 8.23 6.88
N THR A 7 6.81 8.17 8.20
CA THR A 7 7.85 7.55 9.03
C THR A 7 7.75 6.02 8.96
N THR A 8 8.87 5.34 9.26
CA THR A 8 8.95 3.87 9.22
C THR A 8 8.01 3.20 10.25
N GLU A 9 7.80 3.90 11.39
CA GLU A 9 6.85 3.46 12.44
C GLU A 9 5.41 3.56 11.93
N GLU A 10 5.02 4.74 11.40
CA GLU A 10 3.66 4.93 10.82
C GLU A 10 3.45 4.03 9.58
N GLN A 11 4.55 3.67 8.88
CA GLN A 11 4.52 2.79 7.70
C GLN A 11 4.32 1.32 8.09
N LYS A 12 4.90 0.89 9.21
CA LYS A 12 4.72 -0.51 9.69
C LYS A 12 3.32 -0.68 10.33
N LEU A 13 2.79 0.42 10.90
CA LEU A 13 1.45 0.46 11.50
C LEU A 13 0.38 0.47 10.39
N LEU A 14 0.70 1.18 9.28
CA LEU A 14 -0.15 1.20 8.08
C LEU A 14 -0.16 -0.19 7.41
N GLU A 15 1.06 -0.74 7.18
CA GLU A 15 1.29 -2.07 6.57
C GLU A 15 0.55 -3.18 7.34
N GLN A 16 0.56 -3.06 8.68
CA GLN A 16 -0.18 -3.96 9.56
C GLN A 16 -1.68 -3.80 9.31
N ALA A 17 -2.14 -2.54 9.42
CA ALA A 17 -3.57 -2.17 9.38
C ALA A 17 -4.24 -2.47 8.01
N LEU A 18 -3.45 -2.47 6.93
CA LEU A 18 -3.92 -2.80 5.58
C LEU A 18 -4.27 -4.30 5.48
N LYS A 19 -3.56 -5.13 6.27
CA LYS A 19 -3.75 -6.59 6.30
C LYS A 19 -4.76 -7.00 7.41
N THR A 20 -4.76 -6.24 8.52
CA THR A 20 -5.61 -6.52 9.69
C THR A 20 -7.08 -6.20 9.39
N TYR A 21 -7.30 -5.02 8.81
CA TYR A 21 -8.65 -4.53 8.49
C TYR A 21 -8.91 -4.77 6.99
N PRO A 22 -10.01 -5.51 6.61
CA PRO A 22 -10.37 -5.72 5.19
C PRO A 22 -10.97 -4.44 4.57
N VAL A 23 -10.80 -4.30 3.24
CA VAL A 23 -11.34 -3.16 2.46
C VAL A 23 -12.89 -3.16 2.50
N ASN A 24 -13.49 -4.35 2.70
CA ASN A 24 -14.96 -4.56 2.75
C ASN A 24 -15.61 -3.78 3.92
N THR A 25 -14.80 -3.51 4.96
CA THR A 25 -15.23 -2.72 6.12
C THR A 25 -15.47 -1.24 5.71
N PRO A 26 -16.67 -0.65 6.01
CA PRO A 26 -16.94 0.80 5.75
C PRO A 26 -16.09 1.70 6.68
N GLU A 27 -15.66 1.12 7.80
CA GLU A 27 -14.82 1.77 8.82
C GLU A 27 -13.35 1.35 8.67
N ARG A 28 -12.97 0.96 7.44
CA ARG A 28 -11.63 0.43 7.11
C ARG A 28 -10.52 1.37 7.59
N TRP A 29 -10.57 2.63 7.10
CA TRP A 29 -9.58 3.65 7.41
C TRP A 29 -9.80 4.25 8.82
N LYS A 30 -11.04 4.12 9.33
CA LYS A 30 -11.40 4.55 10.70
C LYS A 30 -10.65 3.70 11.74
N LYS A 31 -10.50 2.41 11.43
CA LYS A 31 -9.78 1.44 12.28
C LYS A 31 -8.27 1.57 12.08
N ILE A 32 -7.85 2.01 10.88
CA ILE A 32 -6.45 2.32 10.58
C ILE A 32 -5.99 3.59 11.35
N ALA A 33 -6.93 4.49 11.63
CA ALA A 33 -6.72 5.66 12.53
C ALA A 33 -6.21 5.24 13.92
N GLU A 34 -6.71 4.09 14.42
CA GLU A 34 -6.30 3.52 15.73
C GLU A 34 -4.83 3.07 15.67
N ALA A 35 -4.45 2.50 14.51
CA ALA A 35 -3.10 1.95 14.28
C ALA A 35 -2.07 3.07 14.00
N VAL A 36 -2.49 4.10 13.24
CA VAL A 36 -1.58 5.14 12.71
C VAL A 36 -1.92 6.52 13.30
N PRO A 37 -1.08 7.06 14.24
CA PRO A 37 -1.21 8.45 14.76
C PRO A 37 -0.42 9.47 13.90
N GLY A 38 -0.79 10.77 14.04
CA GLY A 38 -0.05 11.89 13.41
C GLY A 38 -0.42 12.13 11.95
N ARG A 39 -0.66 11.04 11.20
CA ARG A 39 -1.10 11.12 9.79
C ARG A 39 -2.59 10.81 9.69
N THR A 40 -3.28 11.64 8.91
CA THR A 40 -4.73 11.51 8.70
C THR A 40 -5.03 10.46 7.61
N LYS A 41 -6.31 10.15 7.46
CA LYS A 41 -6.80 9.08 6.57
C LYS A 41 -6.64 9.47 5.09
N LYS A 42 -6.59 10.79 4.79
CA LYS A 42 -6.28 11.27 3.44
C LYS A 42 -4.81 10.93 3.11
N ASP A 43 -3.93 11.04 4.14
CA ASP A 43 -2.49 10.68 4.03
C ASP A 43 -2.33 9.16 3.90
N CYS A 44 -3.21 8.42 4.61
CA CYS A 44 -3.20 6.94 4.62
C CYS A 44 -3.65 6.37 3.26
N MET A 45 -4.66 7.02 2.65
CA MET A 45 -5.17 6.66 1.30
C MET A 45 -4.19 7.11 0.21
N LYS A 46 -3.57 8.29 0.43
CA LYS A 46 -2.52 8.84 -0.45
C LYS A 46 -1.33 7.87 -0.53
N ARG A 47 -0.86 7.46 0.66
CA ARG A 47 0.34 6.62 0.79
C ARG A 47 0.04 5.17 0.36
N TYR A 48 -1.19 4.70 0.64
CA TYR A 48 -1.66 3.38 0.18
C TYR A 48 -1.64 3.31 -1.35
N LYS A 49 -2.10 4.41 -1.99
CA LYS A 49 -2.03 4.54 -3.46
C LYS A 49 -0.57 4.43 -3.92
N GLU A 50 0.33 5.18 -3.24
CA GLU A 50 1.80 5.20 -3.53
C GLU A 50 2.40 3.77 -3.46
N LEU A 51 1.90 2.97 -2.49
CA LEU A 51 2.34 1.56 -2.32
C LEU A 51 1.88 0.72 -3.54
N VAL A 52 0.60 0.94 -3.95
CA VAL A 52 -0.01 0.23 -5.10
C VAL A 52 0.63 0.68 -6.43
N GLU A 53 1.08 1.95 -6.50
CA GLU A 53 1.72 2.52 -7.70
C GLU A 53 3.11 1.89 -7.92
N MET A 54 3.82 1.59 -6.81
CA MET A 54 5.17 0.98 -6.86
C MET A 54 5.10 -0.51 -7.24
N VAL A 55 4.09 -1.24 -6.71
CA VAL A 55 3.93 -2.68 -6.99
C VAL A 55 3.43 -2.91 -8.42
N LYS A 56 2.56 -2.00 -8.94
CA LYS A 56 2.03 -2.11 -10.32
C LYS A 56 3.13 -1.71 -11.33
N ALA A 57 4.03 -0.79 -10.90
CA ALA A 57 5.19 -0.37 -11.71
C ALA A 57 6.15 -1.55 -11.90
N LYS A 58 6.42 -2.26 -10.77
CA LYS A 58 7.22 -3.50 -10.79
C LYS A 58 6.60 -4.53 -11.74
N LYS A 59 5.31 -4.85 -11.50
CA LYS A 59 4.62 -5.92 -12.24
C LYS A 59 4.56 -5.63 -13.74
N ALA A 60 4.28 -4.37 -14.12
CA ALA A 60 4.15 -3.96 -15.54
C ALA A 60 5.46 -4.26 -16.31
N ALA A 61 6.55 -3.67 -15.82
CA ALA A 61 7.88 -3.76 -16.46
C ALA A 61 8.41 -5.20 -16.42
N GLN A 62 8.35 -5.81 -15.23
CA GLN A 62 8.95 -7.14 -14.94
C GLN A 62 8.16 -8.27 -15.64
N GLU A 63 6.85 -8.04 -15.91
CA GLU A 63 5.99 -9.04 -16.59
C GLU A 63 6.29 -9.05 -18.10
N GLN A 64 6.67 -7.88 -18.65
CA GLN A 64 7.11 -7.77 -20.05
C GLN A 64 8.49 -8.44 -20.24
N VAL A 65 9.36 -8.30 -19.22
CA VAL A 65 10.69 -8.97 -19.17
C VAL A 65 10.50 -10.50 -18.96
N LEU A 66 9.43 -10.86 -18.22
CA LEU A 66 9.05 -12.26 -17.95
C LEU A 66 8.51 -12.88 -19.25
N ASN A 67 7.76 -12.07 -20.03
CA ASN A 67 7.23 -12.47 -21.36
C ASN A 67 8.38 -12.82 -22.32
N ALA A 68 9.46 -12.02 -22.22
CA ALA A 68 10.70 -12.24 -23.00
C ALA A 68 11.38 -13.56 -22.59
N SER A 69 11.33 -13.87 -21.28
CA SER A 69 11.93 -15.11 -20.73
C SER A 69 11.06 -16.35 -21.08
N ARG A 70 9.75 -16.12 -21.33
CA ARG A 70 8.83 -17.19 -21.78
C ARG A 70 8.86 -17.29 -23.32
N ALA A 71 9.39 -16.26 -23.99
CA ALA A 71 9.53 -16.24 -25.45
C ALA A 71 10.64 -17.21 -25.88
N LYS A 72 10.22 -18.41 -26.31
CA LYS A 72 11.12 -19.48 -26.77
C LYS A 72 11.81 -19.10 -28.10
N LYS A 73 13.04 -19.61 -28.31
CA LYS A 73 13.77 -19.44 -29.56
C LYS A 73 13.06 -20.25 -30.69
N PHE A 3 5.64 19.46 5.89
CA PHE A 3 5.19 18.05 5.90
C PHE A 3 6.39 17.10 5.74
N THR A 4 6.74 16.38 6.82
CA THR A 4 7.73 15.30 6.78
C THR A 4 7.03 13.99 6.30
N PRO A 5 7.69 13.16 5.42
CA PRO A 5 7.05 11.95 4.85
C PRO A 5 6.92 10.80 5.86
N TRP A 6 6.24 9.74 5.41
CA TRP A 6 6.00 8.52 6.20
C TRP A 6 7.30 7.72 6.34
N THR A 7 7.83 7.67 7.57
CA THR A 7 9.04 6.89 7.92
C THR A 7 8.67 5.45 8.33
N THR A 8 9.67 4.58 8.57
CA THR A 8 9.47 3.12 8.77
C THR A 8 8.38 2.79 9.84
N GLU A 9 8.47 3.47 11.00
CA GLU A 9 7.53 3.29 12.12
C GLU A 9 6.09 3.73 11.75
N GLU A 10 5.97 4.75 10.87
CA GLU A 10 4.66 5.27 10.43
C GLU A 10 4.06 4.34 9.35
N GLN A 11 4.95 3.82 8.48
CA GLN A 11 4.60 2.97 7.35
C GLN A 11 4.02 1.64 7.81
N LYS A 12 4.76 0.98 8.71
CA LYS A 12 4.41 -0.38 9.19
C LYS A 12 3.03 -0.39 9.88
N LEU A 13 2.69 0.70 10.61
CA LEU A 13 1.37 0.86 11.26
C LEU A 13 0.23 0.81 10.22
N LEU A 14 0.47 1.53 9.10
CA LEU A 14 -0.47 1.57 7.97
C LEU A 14 -0.56 0.19 7.29
N GLU A 15 0.61 -0.40 6.99
CA GLU A 15 0.74 -1.62 6.17
C GLU A 15 0.13 -2.86 6.87
N GLN A 16 0.35 -2.98 8.18
CA GLN A 16 -0.23 -4.08 8.98
C GLN A 16 -1.75 -3.88 9.13
N ALA A 17 -2.18 -2.61 9.19
CA ALA A 17 -3.61 -2.23 9.29
C ALA A 17 -4.34 -2.44 7.95
N LEU A 18 -3.59 -2.36 6.84
CA LEU A 18 -4.09 -2.68 5.49
C LEU A 18 -4.35 -4.20 5.37
N LYS A 19 -3.60 -4.99 6.17
CA LYS A 19 -3.72 -6.46 6.22
C LYS A 19 -4.77 -6.90 7.26
N THR A 20 -4.81 -6.20 8.41
CA THR A 20 -5.69 -6.55 9.55
C THR A 20 -7.15 -6.17 9.23
N TYR A 21 -7.34 -4.99 8.62
CA TYR A 21 -8.66 -4.47 8.25
C TYR A 21 -8.85 -4.62 6.73
N PRO A 22 -9.94 -5.31 6.25
CA PRO A 22 -10.27 -5.40 4.80
C PRO A 22 -11.06 -4.16 4.31
N VAL A 23 -10.96 -3.90 2.99
CA VAL A 23 -11.68 -2.78 2.31
C VAL A 23 -13.23 -2.94 2.44
N ASN A 24 -13.67 -4.20 2.66
CA ASN A 24 -15.09 -4.57 2.82
C ASN A 24 -15.69 -3.99 4.13
N THR A 25 -14.83 -3.71 5.11
CA THR A 25 -15.22 -3.09 6.39
C THR A 25 -15.51 -1.59 6.16
N PRO A 26 -16.72 -1.06 6.56
CA PRO A 26 -17.05 0.39 6.45
C PRO A 26 -16.13 1.27 7.34
N GLU A 27 -15.65 0.64 8.42
CA GLU A 27 -14.78 1.27 9.43
C GLU A 27 -13.28 1.03 9.10
N ARG A 28 -12.98 0.74 7.83
CA ARG A 28 -11.64 0.31 7.37
C ARG A 28 -10.55 1.33 7.77
N TRP A 29 -10.68 2.55 7.23
CA TRP A 29 -9.72 3.64 7.50
C TRP A 29 -9.96 4.27 8.89
N LYS A 30 -11.17 4.08 9.43
CA LYS A 30 -11.56 4.59 10.78
C LYS A 30 -10.73 3.89 11.87
N LYS A 31 -10.53 2.58 11.69
CA LYS A 31 -9.73 1.74 12.60
C LYS A 31 -8.22 1.92 12.30
N ILE A 32 -7.89 2.34 11.07
CA ILE A 32 -6.52 2.75 10.68
C ILE A 32 -6.12 4.07 11.39
N ALA A 33 -7.12 4.90 11.72
CA ALA A 33 -6.93 6.07 12.61
C ALA A 33 -6.41 5.66 14.00
N GLU A 34 -6.93 4.52 14.48
CA GLU A 34 -6.54 3.93 15.78
C GLU A 34 -5.17 3.21 15.68
N ALA A 35 -4.89 2.66 14.48
CA ALA A 35 -3.63 1.91 14.21
C ALA A 35 -2.44 2.87 13.98
N VAL A 36 -2.74 4.01 13.31
CA VAL A 36 -1.72 5.00 12.90
C VAL A 36 -2.06 6.37 13.53
N PRO A 37 -1.45 6.73 14.71
CA PRO A 37 -1.72 8.02 15.40
C PRO A 37 -1.12 9.24 14.66
N GLY A 38 -1.82 10.38 14.75
CA GLY A 38 -1.33 11.66 14.21
C GLY A 38 -1.64 11.88 12.73
N ARG A 39 -1.56 10.79 11.93
CA ARG A 39 -1.75 10.83 10.47
C ARG A 39 -3.25 10.89 10.12
N THR A 40 -3.58 11.57 9.01
CA THR A 40 -4.96 11.65 8.49
C THR A 40 -5.22 10.55 7.45
N LYS A 41 -6.50 10.18 7.29
CA LYS A 41 -6.92 9.05 6.44
C LYS A 41 -6.72 9.34 4.95
N LYS A 42 -6.92 10.61 4.55
CA LYS A 42 -6.67 11.04 3.16
C LYS A 42 -5.16 10.97 2.80
N ASP A 43 -4.27 11.23 3.79
CA ASP A 43 -2.81 11.05 3.60
C ASP A 43 -2.43 9.56 3.70
N CYS A 44 -3.24 8.77 4.41
CA CYS A 44 -3.07 7.30 4.50
C CYS A 44 -3.49 6.62 3.18
N MET A 45 -4.51 7.22 2.51
CA MET A 45 -5.02 6.77 1.19
C MET A 45 -4.01 7.14 0.10
N LYS A 46 -3.42 8.35 0.23
CA LYS A 46 -2.33 8.82 -0.65
C LYS A 46 -1.14 7.86 -0.56
N ARG A 47 -0.73 7.55 0.69
CA ARG A 47 0.48 6.76 0.93
C ARG A 47 0.28 5.31 0.49
N TYR A 48 -0.89 4.72 0.81
CA TYR A 48 -1.27 3.36 0.36
C TYR A 48 -1.25 3.27 -1.17
N LYS A 49 -1.77 4.33 -1.83
CA LYS A 49 -1.70 4.44 -3.30
C LYS A 49 -0.23 4.38 -3.77
N GLU A 50 0.63 5.23 -3.17
CA GLU A 50 2.06 5.29 -3.52
C GLU A 50 2.75 3.92 -3.34
N LEU A 51 2.41 3.21 -2.24
CA LEU A 51 2.99 1.88 -1.90
C LEU A 51 2.67 0.85 -2.99
N VAL A 52 1.37 0.76 -3.34
CA VAL A 52 0.87 -0.25 -4.30
C VAL A 52 1.29 0.10 -5.74
N GLU A 53 1.39 1.40 -6.08
CA GLU A 53 1.82 1.84 -7.43
C GLU A 53 3.30 1.51 -7.66
N MET A 54 4.16 1.78 -6.64
CA MET A 54 5.62 1.53 -6.72
C MET A 54 5.92 0.04 -6.95
N VAL A 55 5.26 -0.85 -6.17
CA VAL A 55 5.50 -2.30 -6.27
C VAL A 55 5.00 -2.85 -7.62
N LYS A 56 3.78 -2.44 -8.06
CA LYS A 56 3.19 -2.91 -9.35
C LYS A 56 4.02 -2.44 -10.55
N ALA A 57 4.49 -1.18 -10.49
CA ALA A 57 5.26 -0.55 -11.58
C ALA A 57 6.66 -1.18 -11.70
N LYS A 58 7.20 -1.63 -10.55
CA LYS A 58 8.50 -2.33 -10.49
C LYS A 58 8.38 -3.74 -11.10
N LYS A 59 7.29 -4.44 -10.73
CA LYS A 59 6.99 -5.79 -11.22
C LYS A 59 6.70 -5.77 -12.73
N ALA A 60 5.99 -4.73 -13.19
CA ALA A 60 5.57 -4.57 -14.60
C ALA A 60 6.75 -4.12 -15.46
N ALA A 61 7.63 -3.27 -14.89
CA ALA A 61 8.87 -2.81 -15.55
C ALA A 61 9.81 -4.00 -15.79
N GLN A 62 9.82 -4.94 -14.82
CA GLN A 62 10.61 -6.16 -14.93
C GLN A 62 9.89 -7.22 -15.81
N GLU A 63 8.54 -7.23 -15.75
CA GLU A 63 7.68 -8.24 -16.44
C GLU A 63 7.81 -8.12 -17.98
N GLN A 64 7.74 -6.87 -18.47
CA GLN A 64 7.79 -6.57 -19.91
C GLN A 64 9.17 -6.97 -20.52
N VAL A 65 10.23 -6.72 -19.74
CA VAL A 65 11.62 -7.02 -20.13
C VAL A 65 11.84 -8.53 -20.08
N LEU A 66 11.38 -9.15 -18.98
CA LEU A 66 11.53 -10.59 -18.69
C LEU A 66 10.84 -11.42 -19.80
N ASN A 67 9.69 -10.91 -20.28
CA ASN A 67 8.91 -11.54 -21.35
C ASN A 67 9.75 -11.69 -22.64
N ALA A 68 10.34 -10.56 -23.08
CA ALA A 68 11.18 -10.51 -24.31
C ALA A 68 12.53 -11.22 -24.09
N SER A 69 13.03 -11.18 -22.85
CA SER A 69 14.34 -11.73 -22.47
C SER A 69 14.29 -13.27 -22.33
N ARG A 70 13.09 -13.79 -22.03
CA ARG A 70 12.80 -15.25 -22.06
C ARG A 70 12.55 -15.71 -23.51
N ALA A 71 12.27 -14.74 -24.40
CA ALA A 71 11.85 -14.96 -25.81
C ALA A 71 10.49 -15.68 -25.87
N LYS A 72 9.72 -15.53 -24.80
CA LYS A 72 8.41 -16.17 -24.62
C LYS A 72 7.33 -15.10 -24.57
N LYS A 73 6.25 -15.28 -25.34
CA LYS A 73 5.07 -14.39 -25.32
C LYS A 73 4.13 -14.79 -24.14
N PHE A 3 4.87 19.23 9.65
CA PHE A 3 4.58 18.04 8.84
C PHE A 3 5.88 17.48 8.24
N THR A 4 6.08 16.16 8.41
CA THR A 4 7.20 15.40 7.84
C THR A 4 6.61 14.25 6.99
N PRO A 5 7.41 13.63 6.06
CA PRO A 5 6.99 12.38 5.34
C PRO A 5 6.83 11.17 6.30
N TRP A 6 6.18 10.11 5.81
CA TRP A 6 5.93 8.88 6.58
C TRP A 6 7.24 8.17 6.94
N THR A 7 7.42 7.94 8.25
CA THR A 7 8.58 7.20 8.79
C THR A 7 8.29 5.70 8.81
N THR A 8 9.34 4.89 9.04
CA THR A 8 9.24 3.41 9.09
C THR A 8 8.14 2.93 10.06
N GLU A 9 8.09 3.57 11.26
CA GLU A 9 7.14 3.18 12.34
C GLU A 9 5.68 3.41 11.90
N GLU A 10 5.43 4.51 11.19
CA GLU A 10 4.08 4.91 10.72
C GLU A 10 3.66 4.05 9.52
N GLN A 11 4.65 3.70 8.68
CA GLN A 11 4.46 2.90 7.47
C GLN A 11 4.02 1.48 7.81
N LYS A 12 4.79 0.80 8.68
CA LYS A 12 4.49 -0.58 9.10
C LYS A 12 3.11 -0.66 9.81
N LEU A 13 2.73 0.41 10.56
CA LEU A 13 1.41 0.52 11.23
C LEU A 13 0.27 0.64 10.18
N LEU A 14 0.53 1.40 9.11
CA LEU A 14 -0.43 1.58 7.99
C LEU A 14 -0.65 0.23 7.28
N GLU A 15 0.47 -0.41 6.90
CA GLU A 15 0.51 -1.62 6.07
C GLU A 15 -0.09 -2.84 6.79
N GLN A 16 0.25 -3.00 8.08
CA GLN A 16 -0.28 -4.10 8.92
C GLN A 16 -1.80 -3.92 9.13
N ALA A 17 -2.25 -2.64 9.15
CA ALA A 17 -3.67 -2.28 9.30
C ALA A 17 -4.45 -2.48 7.98
N LEU A 18 -3.73 -2.35 6.85
CA LEU A 18 -4.29 -2.65 5.51
C LEU A 18 -4.50 -4.18 5.37
N LYS A 19 -3.67 -4.97 6.08
CA LYS A 19 -3.73 -6.44 6.10
C LYS A 19 -4.77 -6.94 7.13
N THR A 20 -4.86 -6.24 8.28
CA THR A 20 -5.80 -6.60 9.37
C THR A 20 -7.25 -6.25 8.98
N TYR A 21 -7.44 -4.98 8.56
CA TYR A 21 -8.74 -4.48 8.11
C TYR A 21 -8.77 -4.57 6.58
N PRO A 22 -9.57 -5.53 5.98
CA PRO A 22 -9.69 -5.65 4.51
C PRO A 22 -10.31 -4.39 3.87
N VAL A 23 -10.23 -4.30 2.54
CA VAL A 23 -10.81 -3.17 1.77
C VAL A 23 -12.35 -3.13 1.94
N ASN A 24 -12.94 -4.31 2.23
CA ASN A 24 -14.40 -4.47 2.43
C ASN A 24 -14.86 -4.01 3.83
N THR A 25 -13.96 -3.36 4.60
CA THR A 25 -14.30 -2.75 5.90
C THR A 25 -14.76 -1.28 5.67
N PRO A 26 -16.06 -0.93 5.99
CA PRO A 26 -16.56 0.47 5.85
C PRO A 26 -15.87 1.45 6.82
N GLU A 27 -15.33 0.90 7.92
CA GLU A 27 -14.62 1.67 8.96
C GLU A 27 -13.11 1.42 8.88
N ARG A 28 -12.61 0.99 7.69
CA ARG A 28 -11.19 0.58 7.50
C ARG A 28 -10.23 1.67 7.99
N TRP A 29 -10.38 2.86 7.39
CA TRP A 29 -9.49 4.01 7.62
C TRP A 29 -9.69 4.62 9.02
N LYS A 30 -10.89 4.42 9.60
CA LYS A 30 -11.23 4.86 10.99
C LYS A 30 -10.40 4.04 12.00
N LYS A 31 -10.29 2.74 11.72
CA LYS A 31 -9.52 1.79 12.54
C LYS A 31 -8.01 1.93 12.28
N ILE A 32 -7.67 2.39 11.06
CA ILE A 32 -6.28 2.73 10.68
C ILE A 32 -5.83 4.02 11.39
N ALA A 33 -6.79 4.90 11.74
CA ALA A 33 -6.53 6.08 12.62
C ALA A 33 -6.02 5.65 14.01
N GLU A 34 -6.57 4.52 14.50
CA GLU A 34 -6.20 3.93 15.79
C GLU A 34 -4.83 3.23 15.69
N ALA A 35 -4.57 2.64 14.52
CA ALA A 35 -3.30 1.94 14.24
C ALA A 35 -2.15 2.95 14.00
N VAL A 36 -2.46 4.06 13.31
CA VAL A 36 -1.48 5.07 12.88
C VAL A 36 -1.89 6.44 13.51
N PRO A 37 -1.24 6.87 14.63
CA PRO A 37 -1.57 8.13 15.33
C PRO A 37 -0.98 9.37 14.60
N GLY A 38 -1.78 10.46 14.56
CA GLY A 38 -1.33 11.76 14.05
C GLY A 38 -1.56 11.94 12.54
N ARG A 39 -1.36 10.85 11.78
CA ARG A 39 -1.59 10.84 10.32
C ARG A 39 -3.09 10.83 10.01
N THR A 40 -3.51 11.72 9.10
CA THR A 40 -4.90 11.84 8.69
C THR A 40 -5.23 10.80 7.60
N LYS A 41 -6.52 10.52 7.44
CA LYS A 41 -6.99 9.43 6.57
C LYS A 41 -6.76 9.74 5.09
N LYS A 42 -6.74 11.03 4.74
CA LYS A 42 -6.36 11.52 3.40
C LYS A 42 -4.88 11.15 3.09
N ASP A 43 -4.01 11.25 4.14
CA ASP A 43 -2.58 10.84 4.04
C ASP A 43 -2.50 9.33 3.82
N CYS A 44 -3.33 8.60 4.62
CA CYS A 44 -3.35 7.13 4.65
C CYS A 44 -3.79 6.53 3.30
N MET A 45 -4.80 7.17 2.65
CA MET A 45 -5.36 6.71 1.35
C MET A 45 -4.36 6.93 0.22
N LYS A 46 -3.79 8.15 0.14
CA LYS A 46 -2.83 8.52 -0.91
C LYS A 46 -1.49 7.81 -0.73
N ARG A 47 -1.15 7.48 0.54
CA ARG A 47 0.07 6.73 0.84
C ARG A 47 -0.10 5.28 0.39
N TYR A 48 -1.23 4.66 0.82
CA TYR A 48 -1.64 3.29 0.39
C TYR A 48 -1.68 3.18 -1.13
N LYS A 49 -2.18 4.24 -1.79
CA LYS A 49 -2.23 4.32 -3.26
C LYS A 49 -0.82 4.12 -3.83
N GLU A 50 0.12 4.97 -3.38
CA GLU A 50 1.51 4.94 -3.85
C GLU A 50 2.22 3.63 -3.48
N LEU A 51 1.85 3.02 -2.31
CA LEU A 51 2.42 1.74 -1.85
C LEU A 51 2.02 0.63 -2.84
N VAL A 52 0.70 0.50 -3.08
CA VAL A 52 0.14 -0.56 -3.92
C VAL A 52 0.55 -0.36 -5.40
N GLU A 53 0.68 0.92 -5.84
CA GLU A 53 1.10 1.25 -7.21
C GLU A 53 2.58 0.87 -7.45
N MET A 54 3.42 1.03 -6.40
CA MET A 54 4.85 0.62 -6.47
C MET A 54 4.97 -0.91 -6.46
N VAL A 55 4.10 -1.59 -5.68
CA VAL A 55 4.03 -3.06 -5.65
C VAL A 55 3.64 -3.59 -7.05
N LYS A 56 2.61 -2.96 -7.64
CA LYS A 56 2.06 -3.33 -8.97
C LYS A 56 3.07 -3.03 -10.09
N ALA A 57 3.79 -1.91 -9.97
CA ALA A 57 4.77 -1.45 -10.98
C ALA A 57 5.98 -2.40 -11.02
N LYS A 58 6.50 -2.73 -9.82
CA LYS A 58 7.66 -3.63 -9.67
C LYS A 58 7.27 -5.10 -9.92
N LYS A 59 5.99 -5.42 -9.68
CA LYS A 59 5.44 -6.75 -9.98
C LYS A 59 5.45 -6.96 -11.49
N ALA A 60 4.83 -6.01 -12.22
CA ALA A 60 4.78 -6.01 -13.69
C ALA A 60 6.20 -5.98 -14.29
N ALA A 61 7.09 -5.18 -13.68
CA ALA A 61 8.48 -5.01 -14.13
C ALA A 61 9.22 -6.36 -14.14
N GLN A 62 9.38 -6.94 -12.93
CA GLN A 62 10.16 -8.18 -12.69
C GLN A 62 9.53 -9.39 -13.40
N GLU A 63 8.19 -9.38 -13.53
CA GLU A 63 7.41 -10.48 -14.13
C GLU A 63 7.61 -10.53 -15.65
N GLN A 64 7.68 -9.34 -16.28
CA GLN A 64 7.90 -9.22 -17.73
C GLN A 64 9.39 -9.40 -18.07
N VAL A 65 10.29 -9.00 -17.14
CA VAL A 65 11.75 -9.18 -17.33
C VAL A 65 12.10 -10.67 -17.26
N LEU A 66 11.42 -11.43 -16.36
CA LEU A 66 11.75 -12.86 -16.11
C LEU A 66 11.41 -13.72 -17.34
N ASN A 67 10.51 -13.23 -18.22
CA ASN A 67 10.07 -13.99 -19.41
C ASN A 67 11.23 -14.09 -20.43
N ALA A 68 12.20 -13.16 -20.33
CA ALA A 68 13.40 -13.12 -21.17
C ALA A 68 14.38 -14.25 -20.78
N SER A 69 14.47 -14.56 -19.46
CA SER A 69 15.30 -15.67 -18.94
C SER A 69 14.57 -17.01 -19.11
N ARG A 70 13.22 -16.95 -19.14
CA ARG A 70 12.33 -18.13 -19.30
C ARG A 70 12.27 -18.52 -20.81
N ALA A 71 12.35 -17.50 -21.67
CA ALA A 71 12.27 -17.63 -23.13
C ALA A 71 13.09 -16.50 -23.77
N LYS A 72 14.34 -16.81 -24.15
CA LYS A 72 15.26 -15.80 -24.71
C LYS A 72 14.94 -15.50 -26.19
N LYS A 73 14.38 -16.49 -26.89
CA LYS A 73 13.90 -16.31 -28.27
C LYS A 73 12.47 -15.70 -28.21
N PHE A 3 1.18 18.61 7.23
CA PHE A 3 1.49 17.34 6.53
C PHE A 3 2.86 16.85 7.03
N THR A 4 2.84 15.85 7.93
CA THR A 4 4.06 15.24 8.48
C THR A 4 4.50 14.05 7.59
N PRO A 5 5.84 13.92 7.28
CA PRO A 5 6.38 12.79 6.49
C PRO A 5 6.34 11.45 7.28
N TRP A 6 5.80 10.38 6.65
CA TRP A 6 5.76 9.04 7.24
C TRP A 6 7.18 8.50 7.44
N THR A 7 7.50 8.09 8.67
CA THR A 7 8.75 7.39 8.99
C THR A 7 8.60 5.88 8.68
N THR A 8 9.68 5.10 8.90
CA THR A 8 9.67 3.65 8.70
C THR A 8 8.59 2.98 9.58
N GLU A 9 8.59 3.34 10.88
CA GLU A 9 7.63 2.78 11.86
C GLU A 9 6.18 3.14 11.49
N GLU A 10 5.93 4.41 11.10
CA GLU A 10 4.57 4.91 10.78
C GLU A 10 3.99 4.20 9.55
N GLN A 11 4.85 3.96 8.53
CA GLN A 11 4.46 3.22 7.33
C GLN A 11 4.09 1.77 7.70
N LYS A 12 4.87 1.17 8.61
CA LYS A 12 4.66 -0.22 9.09
C LYS A 12 3.40 -0.33 9.99
N LEU A 13 3.03 0.78 10.65
CA LEU A 13 1.77 0.88 11.43
C LEU A 13 0.58 0.89 10.45
N LEU A 14 0.79 1.51 9.28
CA LEU A 14 -0.19 1.53 8.19
C LEU A 14 -0.30 0.13 7.56
N GLU A 15 0.86 -0.52 7.33
CA GLU A 15 0.93 -1.87 6.73
C GLU A 15 0.10 -2.87 7.56
N GLN A 16 0.35 -2.89 8.89
CA GLN A 16 -0.34 -3.81 9.83
C GLN A 16 -1.83 -3.46 9.92
N ALA A 17 -2.16 -2.16 9.75
CA ALA A 17 -3.56 -1.68 9.75
C ALA A 17 -4.30 -2.12 8.46
N LEU A 18 -3.55 -2.19 7.34
CA LEU A 18 -4.09 -2.62 6.04
C LEU A 18 -4.29 -4.16 6.00
N LYS A 19 -3.56 -4.89 6.88
CA LYS A 19 -3.69 -6.36 7.01
C LYS A 19 -4.87 -6.69 7.95
N THR A 20 -4.93 -5.97 9.08
CA THR A 20 -5.91 -6.21 10.17
C THR A 20 -7.33 -5.77 9.74
N TYR A 21 -7.41 -4.64 9.04
CA TYR A 21 -8.68 -4.09 8.52
C TYR A 21 -8.73 -4.32 6.99
N PRO A 22 -9.56 -5.30 6.50
CA PRO A 22 -9.71 -5.60 5.04
C PRO A 22 -10.11 -4.38 4.19
N VAL A 23 -9.86 -4.46 2.87
CA VAL A 23 -10.13 -3.35 1.93
C VAL A 23 -11.65 -3.12 1.76
N ASN A 24 -12.43 -4.22 1.83
CA ASN A 24 -13.91 -4.18 1.68
C ASN A 24 -14.60 -3.69 2.97
N THR A 25 -13.82 -3.40 4.03
CA THR A 25 -14.33 -2.83 5.28
C THR A 25 -14.61 -1.31 5.08
N PRO A 26 -15.88 -0.83 5.25
CA PRO A 26 -16.21 0.62 5.11
C PRO A 26 -15.78 1.45 6.35
N GLU A 27 -15.27 0.74 7.37
CA GLU A 27 -14.73 1.33 8.61
C GLU A 27 -13.19 1.21 8.63
N ARG A 28 -12.59 0.81 7.48
CA ARG A 28 -11.14 0.47 7.38
C ARG A 28 -10.29 1.65 7.88
N TRP A 29 -10.45 2.79 7.17
CA TRP A 29 -9.65 4.00 7.38
C TRP A 29 -9.95 4.64 8.75
N LYS A 30 -11.19 4.46 9.24
CA LYS A 30 -11.64 4.95 10.56
C LYS A 30 -10.77 4.33 11.67
N LYS A 31 -10.62 3.00 11.60
CA LYS A 31 -9.84 2.22 12.58
C LYS A 31 -8.33 2.41 12.36
N ILE A 32 -7.93 2.68 11.10
CA ILE A 32 -6.52 2.96 10.72
C ILE A 32 -6.01 4.26 11.39
N ALA A 33 -6.95 5.20 11.66
CA ALA A 33 -6.64 6.44 12.44
C ALA A 33 -6.00 6.11 13.80
N GLU A 34 -6.54 5.08 14.46
CA GLU A 34 -6.12 4.64 15.79
C GLU A 34 -4.89 3.73 15.69
N ALA A 35 -4.90 2.85 14.67
CA ALA A 35 -3.80 1.88 14.41
C ALA A 35 -2.51 2.58 13.91
N VAL A 36 -2.65 3.83 13.44
CA VAL A 36 -1.52 4.69 13.07
C VAL A 36 -1.70 6.06 13.77
N PRO A 37 -1.07 6.26 14.98
CA PRO A 37 -1.34 7.43 15.87
C PRO A 37 -1.22 8.80 15.19
N GLY A 38 -2.36 9.53 15.14
CA GLY A 38 -2.40 10.91 14.69
C GLY A 38 -2.15 11.11 13.19
N ARG A 39 -2.17 10.00 12.41
CA ARG A 39 -1.99 10.06 10.95
C ARG A 39 -3.34 10.18 10.23
N THR A 40 -3.40 11.11 9.28
CA THR A 40 -4.63 11.51 8.60
C THR A 40 -5.02 10.53 7.48
N LYS A 41 -6.34 10.45 7.21
CA LYS A 41 -6.92 9.49 6.26
C LYS A 41 -6.59 9.86 4.81
N LYS A 42 -6.34 11.15 4.55
CA LYS A 42 -5.85 11.62 3.25
C LYS A 42 -4.47 11.00 2.96
N ASP A 43 -3.64 10.96 4.02
CA ASP A 43 -2.27 10.42 4.00
C ASP A 43 -2.28 8.88 3.95
N CYS A 44 -3.26 8.27 4.64
CA CYS A 44 -3.41 6.80 4.69
C CYS A 44 -3.82 6.26 3.31
N MET A 45 -4.74 6.99 2.62
CA MET A 45 -5.21 6.66 1.27
C MET A 45 -4.12 6.96 0.23
N LYS A 46 -3.40 8.09 0.43
CA LYS A 46 -2.23 8.48 -0.41
C LYS A 46 -1.22 7.33 -0.46
N ARG A 47 -0.75 6.93 0.72
CA ARG A 47 0.35 5.98 0.88
C ARG A 47 -0.07 4.59 0.35
N TYR A 48 -1.27 4.12 0.75
CA TYR A 48 -1.84 2.83 0.27
C TYR A 48 -2.00 2.82 -1.25
N LYS A 49 -2.46 3.96 -1.82
CA LYS A 49 -2.68 4.10 -3.26
C LYS A 49 -1.32 4.03 -3.98
N GLU A 50 -0.30 4.68 -3.39
CA GLU A 50 1.08 4.70 -3.93
C GLU A 50 1.67 3.27 -4.01
N LEU A 51 1.32 2.42 -3.02
CA LEU A 51 1.73 1.00 -3.00
C LEU A 51 1.16 0.28 -4.25
N VAL A 52 -0.13 0.57 -4.53
CA VAL A 52 -0.87 0.00 -5.67
C VAL A 52 -0.35 0.58 -7.01
N GLU A 53 0.03 1.88 -7.00
CA GLU A 53 0.58 2.57 -8.19
C GLU A 53 1.92 1.94 -8.58
N MET A 54 2.79 1.73 -7.58
CA MET A 54 4.15 1.23 -7.79
C MET A 54 4.13 -0.23 -8.29
N VAL A 55 3.40 -1.12 -7.59
CA VAL A 55 3.37 -2.56 -7.95
C VAL A 55 2.87 -2.75 -9.41
N LYS A 56 1.78 -2.05 -9.79
CA LYS A 56 1.20 -2.17 -11.15
C LYS A 56 2.12 -1.54 -12.21
N ALA A 57 2.81 -0.45 -11.85
CA ALA A 57 3.74 0.28 -12.76
C ALA A 57 4.94 -0.60 -13.12
N LYS A 58 5.55 -1.21 -12.09
CA LYS A 58 6.75 -2.06 -12.21
C LYS A 58 6.42 -3.36 -12.97
N LYS A 59 5.19 -3.88 -12.74
CA LYS A 59 4.67 -5.08 -13.44
C LYS A 59 4.54 -4.80 -14.95
N ALA A 60 3.79 -3.73 -15.30
CA ALA A 60 3.48 -3.36 -16.69
C ALA A 60 4.76 -3.06 -17.51
N ALA A 61 5.69 -2.35 -16.86
CA ALA A 61 6.97 -1.95 -17.46
C ALA A 61 7.83 -3.18 -17.80
N GLN A 62 7.92 -4.11 -16.84
CA GLN A 62 8.69 -5.37 -17.00
C GLN A 62 7.98 -6.33 -17.97
N GLU A 63 6.64 -6.25 -17.98
CA GLU A 63 5.77 -7.22 -18.69
C GLU A 63 5.98 -7.11 -20.20
N GLN A 64 5.87 -5.88 -20.73
CA GLN A 64 5.95 -5.61 -22.19
C GLN A 64 7.36 -5.92 -22.75
N VAL A 65 8.39 -5.74 -21.90
CA VAL A 65 9.78 -6.10 -22.22
C VAL A 65 9.92 -7.64 -22.29
N LEU A 66 9.18 -8.34 -21.41
CA LEU A 66 9.19 -9.81 -21.34
C LEU A 66 8.30 -10.42 -22.44
N ASN A 67 7.28 -9.66 -22.91
CA ASN A 67 6.43 -10.08 -24.07
C ASN A 67 7.26 -10.01 -25.37
N ALA A 68 8.27 -9.13 -25.37
CA ALA A 68 9.22 -8.96 -26.48
C ALA A 68 10.10 -10.21 -26.69
N SER A 69 10.23 -11.04 -25.65
CA SER A 69 11.02 -12.29 -25.70
C SER A 69 10.44 -13.29 -26.72
N ARG A 70 9.11 -13.27 -26.87
CA ARG A 70 8.37 -14.14 -27.82
C ARG A 70 7.64 -13.31 -28.90
N ALA A 71 8.05 -12.02 -29.02
CA ALA A 71 7.51 -11.11 -30.06
C ALA A 71 8.07 -11.48 -31.46
N LYS A 72 7.46 -10.88 -32.50
CA LYS A 72 7.76 -11.14 -33.94
C LYS A 72 7.32 -12.56 -34.39
N LYS A 73 6.71 -13.34 -33.48
CA LYS A 73 6.25 -14.72 -33.76
C LYS A 73 4.78 -14.68 -34.29
N PHE A 3 5.18 19.32 10.13
CA PHE A 3 4.61 18.02 9.72
C PHE A 3 5.74 17.09 9.21
N THR A 4 6.03 16.03 9.99
CA THR A 4 6.97 14.97 9.57
C THR A 4 6.24 14.01 8.59
N PRO A 5 6.95 13.52 7.53
CA PRO A 5 6.43 12.45 6.65
C PRO A 5 6.48 11.07 7.35
N TRP A 6 6.16 10.02 6.59
CA TRP A 6 6.11 8.63 7.07
C TRP A 6 7.49 8.16 7.55
N THR A 7 7.64 8.03 8.89
CA THR A 7 8.83 7.44 9.51
C THR A 7 8.67 5.91 9.59
N THR A 8 9.71 5.19 10.06
CA THR A 8 9.77 3.72 10.01
C THR A 8 8.54 3.06 10.69
N GLU A 9 8.24 3.48 11.93
CA GLU A 9 7.10 2.96 12.72
C GLU A 9 5.76 3.34 12.05
N GLU A 10 5.61 4.62 11.66
CA GLU A 10 4.35 5.14 11.06
C GLU A 10 3.97 4.38 9.77
N GLN A 11 5.01 4.08 8.99
CA GLN A 11 4.89 3.45 7.68
C GLN A 11 4.47 1.98 7.82
N LYS A 12 5.11 1.26 8.77
CA LYS A 12 4.84 -0.16 9.00
C LYS A 12 3.50 -0.37 9.73
N LEU A 13 3.06 0.65 10.52
CA LEU A 13 1.74 0.65 11.21
C LEU A 13 0.62 0.84 10.18
N LEU A 14 0.90 1.69 9.16
CA LEU A 14 -0.03 1.97 8.07
C LEU A 14 -0.29 0.68 7.26
N GLU A 15 0.81 0.04 6.83
CA GLU A 15 0.76 -1.20 6.03
C GLU A 15 0.23 -2.39 6.85
N GLN A 16 0.46 -2.35 8.17
CA GLN A 16 -0.10 -3.32 9.12
C GLN A 16 -1.63 -3.21 9.13
N ALA A 17 -2.11 -1.96 9.19
CA ALA A 17 -3.55 -1.63 9.26
C ALA A 17 -4.27 -1.97 7.92
N LEU A 18 -3.51 -1.93 6.81
CA LEU A 18 -4.03 -2.30 5.47
C LEU A 18 -4.29 -3.80 5.37
N LYS A 19 -3.52 -4.60 6.14
CA LYS A 19 -3.62 -6.06 6.14
C LYS A 19 -4.64 -6.53 7.20
N THR A 20 -4.51 -5.98 8.43
CA THR A 20 -5.37 -6.32 9.59
C THR A 20 -6.84 -5.99 9.29
N TYR A 21 -7.07 -4.77 8.79
CA TYR A 21 -8.39 -4.31 8.35
C TYR A 21 -8.42 -4.43 6.83
N PRO A 22 -9.26 -5.33 6.24
CA PRO A 22 -9.37 -5.44 4.76
C PRO A 22 -10.07 -4.20 4.14
N VAL A 23 -9.81 -3.96 2.85
CA VAL A 23 -10.40 -2.83 2.09
C VAL A 23 -11.96 -2.98 1.99
N ASN A 24 -12.45 -4.22 2.22
CA ASN A 24 -13.88 -4.59 2.16
C ASN A 24 -14.68 -3.95 3.33
N THR A 25 -13.99 -3.65 4.45
CA THR A 25 -14.60 -3.07 5.66
C THR A 25 -15.11 -1.62 5.42
N PRO A 26 -16.36 -1.24 5.89
CA PRO A 26 -16.86 0.16 5.82
C PRO A 26 -16.12 1.09 6.81
N GLU A 27 -15.62 0.49 7.91
CA GLU A 27 -14.88 1.19 8.98
C GLU A 27 -13.36 1.07 8.75
N ARG A 28 -12.97 0.84 7.47
CA ARG A 28 -11.60 0.51 7.06
C ARG A 28 -10.60 1.57 7.55
N TRP A 29 -10.80 2.81 7.10
CA TRP A 29 -9.92 3.95 7.41
C TRP A 29 -10.13 4.46 8.86
N LYS A 30 -11.33 4.19 9.41
CA LYS A 30 -11.67 4.61 10.79
C LYS A 30 -10.84 3.83 11.82
N LYS A 31 -10.62 2.54 11.52
CA LYS A 31 -9.80 1.65 12.35
C LYS A 31 -8.31 1.86 12.07
N ILE A 32 -7.96 2.34 10.86
CA ILE A 32 -6.58 2.74 10.50
C ILE A 32 -6.19 4.02 11.26
N ALA A 33 -7.18 4.87 11.58
CA ALA A 33 -7.01 6.02 12.51
C ALA A 33 -6.54 5.56 13.89
N GLU A 34 -7.11 4.45 14.35
CA GLU A 34 -6.80 3.86 15.68
C GLU A 34 -5.41 3.17 15.64
N ALA A 35 -5.09 2.56 14.50
CA ALA A 35 -3.82 1.81 14.30
C ALA A 35 -2.64 2.76 13.95
N VAL A 36 -2.95 3.92 13.35
CA VAL A 36 -1.95 4.92 12.91
C VAL A 36 -2.35 6.30 13.49
N PRO A 37 -1.97 6.61 14.77
CA PRO A 37 -2.23 7.92 15.40
C PRO A 37 -1.26 9.01 14.88
N GLY A 38 -1.74 10.26 14.88
CA GLY A 38 -0.95 11.42 14.47
C GLY A 38 -0.99 11.69 12.96
N ARG A 39 -0.96 10.62 12.15
CA ARG A 39 -1.07 10.70 10.68
C ARG A 39 -2.55 10.65 10.30
N THR A 40 -2.99 11.53 9.39
CA THR A 40 -4.39 11.62 8.97
C THR A 40 -4.68 10.65 7.81
N LYS A 41 -5.96 10.32 7.65
CA LYS A 41 -6.42 9.28 6.71
C LYS A 41 -6.28 9.70 5.25
N LYS A 42 -6.26 11.02 4.98
CA LYS A 42 -5.98 11.55 3.64
C LYS A 42 -4.55 11.12 3.20
N ASP A 43 -3.57 11.24 4.14
CA ASP A 43 -2.15 10.88 3.90
C ASP A 43 -2.00 9.35 3.78
N CYS A 44 -2.81 8.64 4.59
CA CYS A 44 -2.85 7.17 4.60
C CYS A 44 -3.39 6.62 3.25
N MET A 45 -4.32 7.38 2.65
CA MET A 45 -4.88 7.07 1.31
C MET A 45 -3.85 7.32 0.21
N LYS A 46 -3.03 8.38 0.39
CA LYS A 46 -1.92 8.71 -0.54
C LYS A 46 -0.94 7.54 -0.63
N ARG A 47 -0.49 7.07 0.55
CA ARG A 47 0.52 5.99 0.64
C ARG A 47 -0.07 4.66 0.11
N TYR A 48 -1.30 4.33 0.53
CA TYR A 48 -1.99 3.11 0.08
C TYR A 48 -2.22 3.10 -1.45
N LYS A 49 -2.50 4.29 -2.02
CA LYS A 49 -2.66 4.46 -3.48
C LYS A 49 -1.33 4.12 -4.18
N GLU A 50 -0.22 4.66 -3.63
CA GLU A 50 1.16 4.39 -4.11
C GLU A 50 1.44 2.88 -4.10
N LEU A 51 1.07 2.22 -2.98
CA LEU A 51 1.34 0.78 -2.75
C LEU A 51 0.62 -0.11 -3.77
N VAL A 52 -0.69 0.16 -3.99
CA VAL A 52 -1.52 -0.61 -4.94
C VAL A 52 -0.90 -0.56 -6.35
N GLU A 53 -0.61 0.67 -6.82
CA GLU A 53 -0.12 0.92 -8.18
C GLU A 53 1.29 0.32 -8.39
N MET A 54 2.19 0.54 -7.42
CA MET A 54 3.61 0.15 -7.57
C MET A 54 3.78 -1.39 -7.57
N VAL A 55 2.97 -2.10 -6.76
CA VAL A 55 3.05 -3.58 -6.64
C VAL A 55 2.51 -4.26 -7.92
N LYS A 56 1.36 -3.75 -8.42
CA LYS A 56 0.74 -4.27 -9.66
C LYS A 56 1.67 -4.06 -10.87
N ALA A 57 2.25 -2.86 -10.96
CA ALA A 57 3.17 -2.47 -12.05
C ALA A 57 4.51 -3.21 -11.96
N LYS A 58 4.97 -3.47 -10.71
CA LYS A 58 6.25 -4.16 -10.44
C LYS A 58 6.20 -5.60 -10.99
N LYS A 59 5.13 -6.34 -10.62
CA LYS A 59 4.91 -7.74 -11.04
C LYS A 59 4.53 -7.84 -12.53
N ALA A 60 3.94 -6.75 -13.07
CA ALA A 60 3.58 -6.65 -14.51
C ALA A 60 4.86 -6.61 -15.35
N ALA A 61 5.77 -5.69 -14.97
CA ALA A 61 7.05 -5.48 -15.67
C ALA A 61 7.94 -6.72 -15.54
N GLN A 62 7.95 -7.30 -14.31
CA GLN A 62 8.74 -8.50 -13.96
C GLN A 62 8.27 -9.72 -14.77
N GLU A 63 6.94 -9.81 -14.99
CA GLU A 63 6.32 -10.89 -15.78
C GLU A 63 6.75 -10.76 -17.25
N GLN A 64 6.87 -9.53 -17.76
CA GLN A 64 7.27 -9.25 -19.15
C GLN A 64 8.77 -9.52 -19.39
N VAL A 65 9.60 -9.33 -18.34
CA VAL A 65 11.05 -9.69 -18.37
C VAL A 65 11.19 -11.23 -18.45
N LEU A 66 10.39 -11.91 -17.60
CA LEU A 66 10.30 -13.38 -17.55
C LEU A 66 9.77 -13.92 -18.89
N ASN A 67 8.77 -13.24 -19.44
CA ASN A 67 8.08 -13.65 -20.68
C ASN A 67 9.03 -13.53 -21.88
N ALA A 68 9.89 -12.48 -21.84
CA ALA A 68 10.93 -12.26 -22.85
C ALA A 68 12.03 -13.36 -22.77
N SER A 69 12.30 -13.82 -21.54
CA SER A 69 13.28 -14.91 -21.27
C SER A 69 12.73 -16.25 -21.79
N ARG A 70 11.42 -16.47 -21.59
CA ARG A 70 10.73 -17.74 -21.95
C ARG A 70 10.27 -17.73 -23.41
N ALA A 71 10.25 -16.54 -24.05
CA ALA A 71 9.91 -16.37 -25.47
C ALA A 71 10.99 -15.51 -26.15
N LYS A 72 12.21 -16.07 -26.15
CA LYS A 72 13.40 -15.43 -26.75
C LYS A 72 13.28 -15.51 -28.29
N LYS A 73 12.84 -14.39 -28.91
CA LYS A 73 12.53 -14.32 -30.35
C LYS A 73 13.68 -13.62 -31.11
N PHE A 3 -0.72 17.54 5.07
CA PHE A 3 0.23 16.43 4.89
C PHE A 3 0.89 16.05 6.24
N THR A 4 0.66 14.80 6.66
CA THR A 4 1.40 14.17 7.76
C THR A 4 2.53 13.29 7.15
N PRO A 5 3.82 13.51 7.56
CA PRO A 5 4.98 12.76 7.01
C PRO A 5 4.96 11.27 7.44
N TRP A 6 5.01 10.37 6.45
CA TRP A 6 5.03 8.92 6.68
C TRP A 6 6.41 8.47 7.18
N THR A 7 6.54 8.50 8.51
CA THR A 7 7.68 7.98 9.25
C THR A 7 7.63 6.43 9.23
N THR A 8 8.81 5.80 9.31
CA THR A 8 8.97 4.35 9.10
C THR A 8 8.17 3.50 10.13
N GLU A 9 8.10 4.01 11.37
CA GLU A 9 7.34 3.35 12.46
C GLU A 9 5.82 3.44 12.21
N GLU A 10 5.34 4.58 11.69
CA GLU A 10 3.91 4.76 11.33
C GLU A 10 3.58 4.02 10.01
N GLN A 11 4.58 3.82 9.13
CA GLN A 11 4.41 3.13 7.85
C GLN A 11 4.13 1.64 8.08
N LYS A 12 4.91 0.99 8.97
CA LYS A 12 4.73 -0.45 9.28
C LYS A 12 3.38 -0.70 9.98
N LEU A 13 2.86 0.32 10.69
CA LEU A 13 1.54 0.26 11.34
C LEU A 13 0.42 0.49 10.30
N LEU A 14 0.69 1.35 9.30
CA LEU A 14 -0.24 1.63 8.18
C LEU A 14 -0.49 0.36 7.38
N GLU A 15 0.63 -0.27 6.98
CA GLU A 15 0.64 -1.54 6.24
C GLU A 15 0.03 -2.68 7.07
N GLN A 16 0.39 -2.74 8.37
CA GLN A 16 -0.18 -3.73 9.31
C GLN A 16 -1.71 -3.60 9.35
N ALA A 17 -2.20 -2.35 9.36
CA ALA A 17 -3.63 -2.02 9.44
C ALA A 17 -4.36 -2.28 8.09
N LEU A 18 -3.61 -2.19 6.97
CA LEU A 18 -4.12 -2.54 5.64
C LEU A 18 -4.27 -4.08 5.50
N LYS A 19 -3.40 -4.82 6.21
CA LYS A 19 -3.46 -6.31 6.22
C LYS A 19 -4.57 -6.76 7.19
N THR A 20 -4.69 -6.05 8.33
CA THR A 20 -5.66 -6.34 9.41
C THR A 20 -7.10 -6.08 8.93
N TYR A 21 -7.32 -4.89 8.38
CA TYR A 21 -8.64 -4.44 7.91
C TYR A 21 -8.68 -4.50 6.37
N PRO A 22 -9.54 -5.38 5.78
CA PRO A 22 -9.83 -5.38 4.31
C PRO A 22 -10.26 -4.01 3.78
N VAL A 23 -10.14 -3.80 2.45
CA VAL A 23 -10.60 -2.53 1.80
C VAL A 23 -12.13 -2.42 1.87
N ASN A 24 -12.80 -3.59 1.85
CA ASN A 24 -14.27 -3.69 1.91
C ASN A 24 -14.83 -3.36 3.31
N THR A 25 -13.94 -3.25 4.31
CA THR A 25 -14.29 -2.74 5.66
C THR A 25 -14.64 -1.23 5.55
N PRO A 26 -15.91 -0.81 5.86
CA PRO A 26 -16.31 0.62 5.80
C PRO A 26 -15.69 1.44 6.96
N GLU A 27 -15.27 0.74 8.02
CA GLU A 27 -14.63 1.34 9.21
C GLU A 27 -13.10 1.36 9.08
N ARG A 28 -12.57 0.96 7.89
CA ARG A 28 -11.13 0.65 7.70
C ARG A 28 -10.23 1.79 8.19
N TRP A 29 -10.39 2.96 7.57
CA TRP A 29 -9.49 4.12 7.74
C TRP A 29 -9.66 4.77 9.13
N LYS A 30 -10.87 4.62 9.72
CA LYS A 30 -11.15 5.07 11.11
C LYS A 30 -10.37 4.22 12.13
N LYS A 31 -10.29 2.91 11.84
CA LYS A 31 -9.55 1.95 12.67
C LYS A 31 -8.04 2.02 12.37
N ILE A 32 -7.69 2.55 11.19
CA ILE A 32 -6.29 2.88 10.80
C ILE A 32 -5.82 4.15 11.54
N ALA A 33 -6.76 5.04 11.90
CA ALA A 33 -6.46 6.19 12.79
C ALA A 33 -5.98 5.73 14.18
N GLU A 34 -6.59 4.63 14.65
CA GLU A 34 -6.28 4.03 15.96
C GLU A 34 -4.99 3.20 15.91
N ALA A 35 -4.78 2.53 14.76
CA ALA A 35 -3.57 1.72 14.51
C ALA A 35 -2.37 2.60 14.18
N VAL A 36 -2.63 3.77 13.56
CA VAL A 36 -1.60 4.71 13.09
C VAL A 36 -1.94 6.14 13.59
N PRO A 37 -1.54 6.49 14.85
CA PRO A 37 -1.77 7.85 15.41
C PRO A 37 -0.87 8.92 14.75
N GLY A 38 -1.33 10.18 14.78
CA GLY A 38 -0.56 11.31 14.24
C GLY A 38 -0.54 11.41 12.71
N ARG A 39 -1.35 10.57 12.03
CA ARG A 39 -1.40 10.50 10.55
C ARG A 39 -2.85 10.62 10.08
N THR A 40 -3.09 11.35 8.98
CA THR A 40 -4.45 11.59 8.45
C THR A 40 -4.87 10.47 7.49
N LYS A 41 -6.19 10.27 7.39
CA LYS A 41 -6.78 9.18 6.56
C LYS A 41 -6.56 9.44 5.07
N LYS A 42 -6.51 10.74 4.68
CA LYS A 42 -6.24 11.14 3.29
C LYS A 42 -4.81 10.74 2.89
N ASP A 43 -3.87 10.85 3.85
CA ASP A 43 -2.47 10.41 3.69
C ASP A 43 -2.39 8.88 3.66
N CYS A 44 -3.27 8.22 4.44
CA CYS A 44 -3.34 6.73 4.51
C CYS A 44 -3.81 6.14 3.15
N MET A 45 -4.76 6.84 2.52
CA MET A 45 -5.32 6.45 1.20
C MET A 45 -4.29 6.74 0.08
N LYS A 46 -3.61 7.89 0.23
CA LYS A 46 -2.53 8.33 -0.68
C LYS A 46 -1.33 7.37 -0.60
N ARG A 47 -1.01 6.89 0.61
CA ARG A 47 0.12 5.94 0.82
C ARG A 47 -0.26 4.58 0.23
N TYR A 48 -1.51 4.17 0.47
CA TYR A 48 -2.11 2.93 -0.09
C TYR A 48 -2.09 2.96 -1.63
N LYS A 49 -2.29 4.17 -2.20
CA LYS A 49 -2.16 4.43 -3.65
C LYS A 49 -0.71 4.13 -4.10
N GLU A 50 0.27 4.77 -3.41
CA GLU A 50 1.71 4.59 -3.68
C GLU A 50 2.10 3.08 -3.70
N LEU A 51 1.52 2.31 -2.75
CA LEU A 51 1.81 0.87 -2.59
C LEU A 51 1.33 0.07 -3.81
N VAL A 52 0.04 0.24 -4.15
CA VAL A 52 -0.60 -0.47 -5.28
C VAL A 52 0.11 -0.12 -6.60
N GLU A 53 0.37 1.19 -6.79
CA GLU A 53 1.06 1.76 -7.97
C GLU A 53 2.48 1.19 -8.16
N MET A 54 3.22 0.95 -7.05
CA MET A 54 4.58 0.37 -7.11
C MET A 54 4.54 -1.14 -7.43
N VAL A 55 3.55 -1.85 -6.85
CA VAL A 55 3.37 -3.31 -7.06
C VAL A 55 3.10 -3.60 -8.56
N LYS A 56 2.10 -2.90 -9.11
CA LYS A 56 1.67 -3.07 -10.52
C LYS A 56 2.76 -2.59 -11.51
N ALA A 57 3.57 -1.59 -11.09
CA ALA A 57 4.67 -1.05 -11.91
C ALA A 57 5.81 -2.07 -12.08
N LYS A 58 6.22 -2.67 -10.95
CA LYS A 58 7.33 -3.65 -10.92
C LYS A 58 6.92 -4.96 -11.60
N LYS A 59 5.66 -5.39 -11.37
CA LYS A 59 5.15 -6.65 -11.94
C LYS A 59 5.01 -6.50 -13.47
N ALA A 60 4.65 -5.28 -13.93
CA ALA A 60 4.54 -4.97 -15.36
C ALA A 60 5.94 -4.87 -16.01
N ALA A 61 6.92 -4.43 -15.20
CA ALA A 61 8.33 -4.35 -15.64
C ALA A 61 8.90 -5.77 -15.86
N GLN A 62 8.37 -6.75 -15.09
CA GLN A 62 8.65 -8.17 -15.31
C GLN A 62 7.85 -8.69 -16.52
N GLU A 63 6.54 -8.46 -16.47
CA GLU A 63 5.54 -9.13 -17.34
C GLU A 63 5.74 -8.76 -18.82
N GLN A 64 5.66 -7.45 -19.11
CA GLN A 64 5.72 -6.91 -20.47
C GLN A 64 7.08 -7.23 -21.15
N VAL A 65 8.16 -7.19 -20.35
CA VAL A 65 9.53 -7.49 -20.83
C VAL A 65 9.75 -9.02 -21.01
N LEU A 66 9.07 -9.83 -20.17
CA LEU A 66 9.20 -11.31 -20.17
C LEU A 66 8.52 -11.88 -21.41
N ASN A 67 7.29 -11.41 -21.68
CA ASN A 67 6.50 -11.82 -22.87
C ASN A 67 7.23 -11.38 -24.16
N ALA A 68 7.85 -10.19 -24.12
CA ALA A 68 8.69 -9.67 -25.22
C ALA A 68 9.93 -10.55 -25.43
N SER A 69 10.48 -11.07 -24.32
CA SER A 69 11.66 -11.97 -24.31
C SER A 69 11.30 -13.37 -24.83
N ARG A 70 10.00 -13.74 -24.72
CA ARG A 70 9.46 -14.99 -25.30
C ARG A 70 9.46 -14.90 -26.84
N ALA A 71 9.10 -13.68 -27.34
CA ALA A 71 9.04 -13.35 -28.79
C ALA A 71 8.05 -14.28 -29.54
N LYS A 72 7.06 -14.79 -28.78
CA LYS A 72 6.12 -15.82 -29.20
C LYS A 72 5.05 -16.00 -28.10
N LYS A 73 3.84 -16.43 -28.50
CA LYS A 73 2.80 -16.84 -27.54
C LYS A 73 2.94 -18.36 -27.32
#